data_4RXZ
# 
_entry.id   4RXZ 
# 
_audit_conform.dict_name       mmcif_pdbx.dic 
_audit_conform.dict_version    5.397 
_audit_conform.dict_location   http://mmcif.pdb.org/dictionaries/ascii/mmcif_pdbx.dic 
# 
loop_
_database_2.database_id 
_database_2.database_code 
_database_2.pdbx_database_accession 
_database_2.pdbx_DOI 
PDB   4RXZ         pdb_00004rxz 10.2210/pdb4rxz/pdb 
RCSB  RCSB087934   ?            ?                   
WWPDB D_1000087934 ?            ?                   
# 
loop_
_pdbx_audit_revision_history.ordinal 
_pdbx_audit_revision_history.data_content_type 
_pdbx_audit_revision_history.major_revision 
_pdbx_audit_revision_history.minor_revision 
_pdbx_audit_revision_history.revision_date 
1 'Structure model' 1 0 2015-07-22 
2 'Structure model' 1 1 2022-08-24 
3 'Structure model' 1 2 2023-09-20 
4 'Structure model' 1 3 2023-12-06 
5 'Structure model' 1 4 2024-10-16 
# 
_pdbx_audit_revision_details.ordinal             1 
_pdbx_audit_revision_details.revision_ordinal    1 
_pdbx_audit_revision_details.data_content_type   'Structure model' 
_pdbx_audit_revision_details.provider            repository 
_pdbx_audit_revision_details.type                'Initial release' 
_pdbx_audit_revision_details.description         ? 
_pdbx_audit_revision_details.details             ? 
# 
loop_
_pdbx_audit_revision_group.ordinal 
_pdbx_audit_revision_group.revision_ordinal 
_pdbx_audit_revision_group.data_content_type 
_pdbx_audit_revision_group.group 
1 2 'Structure model' 'Database references'    
2 2 'Structure model' 'Derived calculations'   
3 3 'Structure model' 'Data collection'        
4 3 'Structure model' 'Refinement description' 
5 4 'Structure model' 'Data collection'        
6 5 'Structure model' 'Structure summary'      
# 
loop_
_pdbx_audit_revision_category.ordinal 
_pdbx_audit_revision_category.revision_ordinal 
_pdbx_audit_revision_category.data_content_type 
_pdbx_audit_revision_category.category 
1  2 'Structure model' citation                      
2  2 'Structure model' database_2                    
3  2 'Structure model' struct_conn                   
4  3 'Structure model' chem_comp_atom                
5  3 'Structure model' chem_comp_bond                
6  3 'Structure model' pdbx_initial_refinement_model 
7  4 'Structure model' chem_comp_atom                
8  4 'Structure model' chem_comp_bond                
9  5 'Structure model' pdbx_entry_details            
10 5 'Structure model' pdbx_modification_feature     
# 
loop_
_pdbx_audit_revision_item.ordinal 
_pdbx_audit_revision_item.revision_ordinal 
_pdbx_audit_revision_item.data_content_type 
_pdbx_audit_revision_item.item 
1 2 'Structure model' '_citation.journal_volume'            
2 2 'Structure model' '_citation.page_first'                
3 2 'Structure model' '_citation.page_last'                 
4 2 'Structure model' '_citation.year'                      
5 2 'Structure model' '_database_2.pdbx_DOI'                
6 2 'Structure model' '_database_2.pdbx_database_accession' 
7 2 'Structure model' '_struct_conn.pdbx_leaving_atom_flag' 
8 4 'Structure model' '_chem_comp_atom.atom_id'             
9 4 'Structure model' '_chem_comp_bond.atom_id_2'           
# 
_pdbx_database_status.status_code                     REL 
_pdbx_database_status.entry_id                        4RXZ 
_pdbx_database_status.recvd_initial_deposition_date   2014-12-12 
_pdbx_database_status.deposit_site                    RCSB 
_pdbx_database_status.process_site                    RCSB 
_pdbx_database_status.status_code_sf                  REL 
_pdbx_database_status.status_code_mr                  ? 
_pdbx_database_status.SG_entry                        ? 
_pdbx_database_status.status_code_cs                  ? 
_pdbx_database_status.methods_development_category    ? 
_pdbx_database_status.pdb_format_compatible           Y 
_pdbx_database_status.status_code_nmr_data            ? 
# 
loop_
_pdbx_database_related.db_name 
_pdbx_database_related.db_id 
_pdbx_database_related.details 
_pdbx_database_related.content_type 
PDB 3EQY 'CRYSTAL STRUCTURE OF HUMAN MDMX IN COMPLEX WITH A 12-MER PEPTIDE INHIBITOR'                       unspecified 
PDB 3DAC 'STRUCTURE OF ZEBRAFISH MDMX (MUTATED TO MIMIC HUMAN MDMX)IN COMPLEX WITH A WILD-TYPE P53 PEPTIDE' unspecified 
PDB 2Z5T 'STRUCTURE OF ZEBRAFISH MDMX (MUTATED TO MIMIC HUMAN MDMX)IN COMPLEX WITH A WILD-TYPE P53 PEPTIDE' unspecified 
# 
loop_
_audit_author.name 
_audit_author.pdbx_ordinal 
'Pazgier, M.'   1 
'Gohain, N.'    2 
'Tolbert, W.D.' 3 
# 
_citation.id                        primary 
_citation.title                     'Structural basis of how stress-induced MDMX phosphorylation activates p53.' 
_citation.journal_abbrev            Oncogene 
_citation.journal_volume            35 
_citation.page_first                1919 
_citation.page_last                 1925 
_citation.year                      2016 
_citation.journal_id_ASTM           ? 
_citation.country                   UK 
_citation.journal_id_ISSN           1476-5594 
_citation.journal_id_CSD            ? 
_citation.book_publisher            ? 
_citation.pdbx_database_id_PubMed   26148237 
_citation.pdbx_database_id_DOI      10.1038/onc.2015.255 
# 
loop_
_citation_author.citation_id 
_citation_author.name 
_citation_author.ordinal 
_citation_author.identifier_ORCID 
primary 'Chen, X.'    1 ? 
primary 'Gohain, N.'  2 ? 
primary 'Zhan, C.'    3 ? 
primary 'Lu, W.Y.'    4 ? 
primary 'Pazgier, M.' 5 ? 
primary 'Lu, W.'      6 ? 
# 
loop_
_entity.id 
_entity.type 
_entity.src_method 
_entity.pdbx_description 
_entity.formula_weight 
_entity.pdbx_number_of_molecules 
_entity.pdbx_ec 
_entity.pdbx_mutation 
_entity.pdbx_fragment 
_entity.details 
1 polymer syn 'Protein Mdm4'             9827.411 2   ? ? ? ? 
2 polymer syn '12-MER PEPTIDE INHIBITOR' 1427.557 2   ? ? ? ? 
3 water   nat water                      18.015   141 ? ? ? ? 
# 
_entity_name_com.entity_id   1 
_entity_name_com.name        'Double minute 4 protein, Mdm2-like p53-binding protein, Protein Mdmx, p53-binding protein Mdm4' 
# 
loop_
_entity_poly.entity_id 
_entity_poly.type 
_entity_poly.nstd_linkage 
_entity_poly.nstd_monomer 
_entity_poly.pdbx_seq_one_letter_code 
_entity_poly.pdbx_seq_one_letter_code_can 
_entity_poly.pdbx_strand_id 
_entity_poly.pdbx_target_identifier 
1 'polypeptide(L)' no yes 
;INQVRPKLPLLKILHAAGAQGEMFTVKEVMHYLGQYIMVKQLYDQQEQHMVYCGGDLLGELLGRQSFSVKDPSPL(PTR)
DMLRKNLVT
;
;INQVRPKLPLLKILHAAGAQGEMFTVKEVMHYLGQYIMVKQLYDQQEQHMVYCGGDLLGELLGRQSFSVKDPSPLYDMLR
KNLVT
;
A,B ? 
2 'polypeptide(L)' no no  TSFAEYWNLLSP                                                                                 
TSFAEYWNLLSP                                                                             C,D ? 
# 
_pdbx_entity_nonpoly.entity_id   3 
_pdbx_entity_nonpoly.name        water 
_pdbx_entity_nonpoly.comp_id     HOH 
# 
loop_
_entity_poly_seq.entity_id 
_entity_poly_seq.num 
_entity_poly_seq.mon_id 
_entity_poly_seq.hetero 
1 1  ILE n 
1 2  ASN n 
1 3  GLN n 
1 4  VAL n 
1 5  ARG n 
1 6  PRO n 
1 7  LYS n 
1 8  LEU n 
1 9  PRO n 
1 10 LEU n 
1 11 LEU n 
1 12 LYS n 
1 13 ILE n 
1 14 LEU n 
1 15 HIS n 
1 16 ALA n 
1 17 ALA n 
1 18 GLY n 
1 19 ALA n 
1 20 GLN n 
1 21 GLY n 
1 22 GLU n 
1 23 MET n 
1 24 PHE n 
1 25 THR n 
1 26 VAL n 
1 27 LYS n 
1 28 GLU n 
1 29 VAL n 
1 30 MET n 
1 31 HIS n 
1 32 TYR n 
1 33 LEU n 
1 34 GLY n 
1 35 GLN n 
1 36 TYR n 
1 37 ILE n 
1 38 MET n 
1 39 VAL n 
1 40 LYS n 
1 41 GLN n 
1 42 LEU n 
1 43 TYR n 
1 44 ASP n 
1 45 GLN n 
1 46 GLN n 
1 47 GLU n 
1 48 GLN n 
1 49 HIS n 
1 50 MET n 
1 51 VAL n 
1 52 TYR n 
1 53 CYS n 
1 54 GLY n 
1 55 GLY n 
1 56 ASP n 
1 57 LEU n 
1 58 LEU n 
1 59 GLY n 
1 60 GLU n 
1 61 LEU n 
1 62 LEU n 
1 63 GLY n 
1 64 ARG n 
1 65 GLN n 
1 66 SER n 
1 67 PHE n 
1 68 SER n 
1 69 VAL n 
1 70 LYS n 
1 71 ASP n 
1 72 PRO n 
1 73 SER n 
1 74 PRO n 
1 75 LEU n 
1 76 PTR n 
1 77 ASP n 
1 78 MET n 
1 79 LEU n 
1 80 ARG n 
1 81 LYS n 
1 82 ASN n 
1 83 LEU n 
1 84 VAL n 
1 85 THR n 
2 1  THR n 
2 2  SER n 
2 3  PHE n 
2 4  ALA n 
2 5  GLU n 
2 6  TYR n 
2 7  TRP n 
2 8  ASN n 
2 9  LEU n 
2 10 LEU n 
2 11 SER n 
2 12 PRO n 
# 
loop_
_pdbx_entity_src_syn.entity_id 
_pdbx_entity_src_syn.pdbx_src_id 
_pdbx_entity_src_syn.pdbx_alt_source_flag 
_pdbx_entity_src_syn.pdbx_beg_seq_num 
_pdbx_entity_src_syn.pdbx_end_seq_num 
_pdbx_entity_src_syn.organism_scientific 
_pdbx_entity_src_syn.organism_common_name 
_pdbx_entity_src_syn.ncbi_taxonomy_id 
_pdbx_entity_src_syn.details 
1 1 sample ? ? 'Homo sapiens' human 9606 
'Synthesized based on the human MDMX sequence residues 24-108 and Tyrosine at position 99 is phosphorylated' 
2 1 sample ? ? ?              ?     ?    '12-mer peptide inhibitor based on human p53' 
# 
loop_
_chem_comp.id 
_chem_comp.type 
_chem_comp.mon_nstd_flag 
_chem_comp.name 
_chem_comp.pdbx_synonyms 
_chem_comp.formula 
_chem_comp.formula_weight 
ALA 'L-peptide linking' y ALANINE           ?                 'C3 H7 N O2'     89.093  
ARG 'L-peptide linking' y ARGININE          ?                 'C6 H15 N4 O2 1' 175.209 
ASN 'L-peptide linking' y ASPARAGINE        ?                 'C4 H8 N2 O3'    132.118 
ASP 'L-peptide linking' y 'ASPARTIC ACID'   ?                 'C4 H7 N O4'     133.103 
CYS 'L-peptide linking' y CYSTEINE          ?                 'C3 H7 N O2 S'   121.158 
GLN 'L-peptide linking' y GLUTAMINE         ?                 'C5 H10 N2 O3'   146.144 
GLU 'L-peptide linking' y 'GLUTAMIC ACID'   ?                 'C5 H9 N O4'     147.129 
GLY 'peptide linking'   y GLYCINE           ?                 'C2 H5 N O2'     75.067  
HIS 'L-peptide linking' y HISTIDINE         ?                 'C6 H10 N3 O2 1' 156.162 
HOH non-polymer         . WATER             ?                 'H2 O'           18.015  
ILE 'L-peptide linking' y ISOLEUCINE        ?                 'C6 H13 N O2'    131.173 
LEU 'L-peptide linking' y LEUCINE           ?                 'C6 H13 N O2'    131.173 
LYS 'L-peptide linking' y LYSINE            ?                 'C6 H15 N2 O2 1' 147.195 
MET 'L-peptide linking' y METHIONINE        ?                 'C5 H11 N O2 S'  149.211 
PHE 'L-peptide linking' y PHENYLALANINE     ?                 'C9 H11 N O2'    165.189 
PRO 'L-peptide linking' y PROLINE           ?                 'C5 H9 N O2'     115.130 
PTR 'L-peptide linking' n O-PHOSPHOTYROSINE PHOSPHONOTYROSINE 'C9 H12 N O6 P'  261.168 
SER 'L-peptide linking' y SERINE            ?                 'C3 H7 N O3'     105.093 
THR 'L-peptide linking' y THREONINE         ?                 'C4 H9 N O3'     119.119 
TRP 'L-peptide linking' y TRYPTOPHAN        ?                 'C11 H12 N2 O2'  204.225 
TYR 'L-peptide linking' y TYROSINE          ?                 'C9 H11 N O3'    181.189 
VAL 'L-peptide linking' y VALINE            ?                 'C5 H11 N O2'    117.146 
# 
loop_
_pdbx_poly_seq_scheme.asym_id 
_pdbx_poly_seq_scheme.entity_id 
_pdbx_poly_seq_scheme.seq_id 
_pdbx_poly_seq_scheme.mon_id 
_pdbx_poly_seq_scheme.ndb_seq_num 
_pdbx_poly_seq_scheme.pdb_seq_num 
_pdbx_poly_seq_scheme.auth_seq_num 
_pdbx_poly_seq_scheme.pdb_mon_id 
_pdbx_poly_seq_scheme.auth_mon_id 
_pdbx_poly_seq_scheme.pdb_strand_id 
_pdbx_poly_seq_scheme.pdb_ins_code 
_pdbx_poly_seq_scheme.hetero 
A 1 1  ILE 1  24  ?   ?   ?   A . n 
A 1 2  ASN 2  25  25  ASN ASN A . n 
A 1 3  GLN 3  26  26  GLN GLN A . n 
A 1 4  VAL 4  27  27  VAL VAL A . n 
A 1 5  ARG 5  28  28  ARG ARG A . n 
A 1 6  PRO 6  29  29  PRO PRO A . n 
A 1 7  LYS 7  30  30  LYS LYS A . n 
A 1 8  LEU 8  31  31  LEU LEU A . n 
A 1 9  PRO 9  32  32  PRO PRO A . n 
A 1 10 LEU 10 33  33  LEU LEU A . n 
A 1 11 LEU 11 34  34  LEU LEU A . n 
A 1 12 LYS 12 35  35  LYS LYS A . n 
A 1 13 ILE 13 36  36  ILE ILE A . n 
A 1 14 LEU 14 37  37  LEU LEU A . n 
A 1 15 HIS 15 38  38  HIS HIS A . n 
A 1 16 ALA 16 39  39  ALA ALA A . n 
A 1 17 ALA 17 40  40  ALA ALA A . n 
A 1 18 GLY 18 41  41  GLY GLY A . n 
A 1 19 ALA 19 42  42  ALA ALA A . n 
A 1 20 GLN 20 43  43  GLN GLN A . n 
A 1 21 GLY 21 44  44  GLY GLY A . n 
A 1 22 GLU 22 45  45  GLU GLU A . n 
A 1 23 MET 23 46  46  MET MET A . n 
A 1 24 PHE 24 47  47  PHE PHE A . n 
A 1 25 THR 25 48  48  THR THR A . n 
A 1 26 VAL 26 49  49  VAL VAL A . n 
A 1 27 LYS 27 50  50  LYS LYS A . n 
A 1 28 GLU 28 51  51  GLU GLU A . n 
A 1 29 VAL 29 52  52  VAL VAL A . n 
A 1 30 MET 30 53  53  MET MET A . n 
A 1 31 HIS 31 54  54  HIS HIS A . n 
A 1 32 TYR 32 55  55  TYR TYR A . n 
A 1 33 LEU 33 56  56  LEU LEU A . n 
A 1 34 GLY 34 57  57  GLY GLY A . n 
A 1 35 GLN 35 58  58  GLN GLN A . n 
A 1 36 TYR 36 59  59  TYR TYR A . n 
A 1 37 ILE 37 60  60  ILE ILE A . n 
A 1 38 MET 38 61  61  MET MET A . n 
A 1 39 VAL 39 62  62  VAL VAL A . n 
A 1 40 LYS 40 63  63  LYS LYS A . n 
A 1 41 GLN 41 64  64  GLN GLN A . n 
A 1 42 LEU 42 65  65  LEU LEU A . n 
A 1 43 TYR 43 66  66  TYR TYR A . n 
A 1 44 ASP 44 67  67  ASP ASP A . n 
A 1 45 GLN 45 68  68  GLN ALA A . n 
A 1 46 GLN 46 69  69  GLN ALA A . n 
A 1 47 GLU 47 70  70  GLU ALA A . n 
A 1 48 GLN 48 71  71  GLN GLN A . n 
A 1 49 HIS 49 72  72  HIS HIS A . n 
A 1 50 MET 50 73  73  MET MET A . n 
A 1 51 VAL 51 74  74  VAL VAL A . n 
A 1 52 TYR 52 75  75  TYR TYR A . n 
A 1 53 CYS 53 76  76  CYS CYS A . n 
A 1 54 GLY 54 77  77  GLY GLY A . n 
A 1 55 GLY 55 78  78  GLY GLY A . n 
A 1 56 ASP 56 79  79  ASP ASP A . n 
A 1 57 LEU 57 80  80  LEU LEU A . n 
A 1 58 LEU 58 81  81  LEU LEU A . n 
A 1 59 GLY 59 82  82  GLY GLY A . n 
A 1 60 GLU 60 83  83  GLU GLU A . n 
A 1 61 LEU 61 84  84  LEU LEU A . n 
A 1 62 LEU 62 85  85  LEU LEU A . n 
A 1 63 GLY 63 86  86  GLY GLY A . n 
A 1 64 ARG 64 87  87  ARG ARG A . n 
A 1 65 GLN 65 88  88  GLN GLN A . n 
A 1 66 SER 66 89  89  SER SER A . n 
A 1 67 PHE 67 90  90  PHE PHE A . n 
A 1 68 SER 68 91  91  SER SER A . n 
A 1 69 VAL 69 92  92  VAL VAL A . n 
A 1 70 LYS 70 93  93  LYS LYS A . n 
A 1 71 ASP 71 94  94  ASP ASP A . n 
A 1 72 PRO 72 95  95  PRO PRO A . n 
A 1 73 SER 73 96  96  SER SER A . n 
A 1 74 PRO 74 97  97  PRO PRO A . n 
A 1 75 LEU 75 98  98  LEU LEU A . n 
A 1 76 PTR 76 99  99  PTR PTR A . n 
A 1 77 ASP 77 100 100 ASP ASP A . n 
A 1 78 MET 78 101 101 MET MET A . n 
A 1 79 LEU 79 102 102 LEU LEU A . n 
A 1 80 ARG 80 103 103 ARG ARG A . n 
A 1 81 LYS 81 104 104 LYS LYS A . n 
A 1 82 ASN 82 105 105 ASN ASN A . n 
A 1 83 LEU 83 106 106 LEU LEU A . n 
A 1 84 VAL 84 107 107 VAL VAL A . n 
A 1 85 THR 85 108 108 THR THR A . n 
B 2 1  THR 1  1   1   THR THR C . n 
B 2 2  SER 2  2   2   SER SER C . n 
B 2 3  PHE 3  3   3   PHE PHE C . n 
B 2 4  ALA 4  4   4   ALA ALA C . n 
B 2 5  GLU 5  5   5   GLU GLU C . n 
B 2 6  TYR 6  6   6   TYR TYR C . n 
B 2 7  TRP 7  7   7   TRP TRP C . n 
B 2 8  ASN 8  8   8   ASN ASN C . n 
B 2 9  LEU 9  9   9   LEU LEU C . n 
B 2 10 LEU 10 10  10  LEU LEU C . n 
B 2 11 SER 11 11  11  SER SER C . n 
B 2 12 PRO 12 12  ?   ?   ?   C . n 
C 1 1  ILE 1  24  ?   ?   ?   B . n 
C 1 2  ASN 2  25  25  ASN ASN B . n 
C 1 3  GLN 3  26  26  GLN GLN B . n 
C 1 4  VAL 4  27  27  VAL VAL B . n 
C 1 5  ARG 5  28  28  ARG ARG B . n 
C 1 6  PRO 6  29  29  PRO PRO B . n 
C 1 7  LYS 7  30  30  LYS LYS B . n 
C 1 8  LEU 8  31  31  LEU LEU B . n 
C 1 9  PRO 9  32  32  PRO PRO B . n 
C 1 10 LEU 10 33  33  LEU LEU B . n 
C 1 11 LEU 11 34  34  LEU LEU B . n 
C 1 12 LYS 12 35  35  LYS LYS B . n 
C 1 13 ILE 13 36  36  ILE ILE B . n 
C 1 14 LEU 14 37  37  LEU LEU B . n 
C 1 15 HIS 15 38  38  HIS HIS B . n 
C 1 16 ALA 16 39  39  ALA ALA B . n 
C 1 17 ALA 17 40  40  ALA ALA B . n 
C 1 18 GLY 18 41  41  GLY GLY B . n 
C 1 19 ALA 19 42  42  ALA ALA B . n 
C 1 20 GLN 20 43  43  GLN GLN B . n 
C 1 21 GLY 21 44  44  GLY GLY B . n 
C 1 22 GLU 22 45  45  GLU GLU B . n 
C 1 23 MET 23 46  46  MET MET B . n 
C 1 24 PHE 24 47  47  PHE PHE B . n 
C 1 25 THR 25 48  48  THR THR B . n 
C 1 26 VAL 26 49  49  VAL VAL B . n 
C 1 27 LYS 27 50  50  LYS LYS B . n 
C 1 28 GLU 28 51  51  GLU GLU B . n 
C 1 29 VAL 29 52  52  VAL VAL B . n 
C 1 30 MET 30 53  53  MET MET B . n 
C 1 31 HIS 31 54  54  HIS HIS B . n 
C 1 32 TYR 32 55  55  TYR TYR B . n 
C 1 33 LEU 33 56  56  LEU LEU B . n 
C 1 34 GLY 34 57  57  GLY GLY B . n 
C 1 35 GLN 35 58  58  GLN GLN B . n 
C 1 36 TYR 36 59  59  TYR TYR B . n 
C 1 37 ILE 37 60  60  ILE ILE B . n 
C 1 38 MET 38 61  61  MET MET B . n 
C 1 39 VAL 39 62  62  VAL VAL B . n 
C 1 40 LYS 40 63  63  LYS LYS B . n 
C 1 41 GLN 41 64  64  GLN GLN B . n 
C 1 42 LEU 42 65  65  LEU LEU B . n 
C 1 43 TYR 43 66  66  TYR TYR B . n 
C 1 44 ASP 44 67  67  ASP ASP B . n 
C 1 45 GLN 45 68  68  GLN ALA B . n 
C 1 46 GLN 46 69  69  GLN ALA B . n 
C 1 47 GLU 47 70  70  GLU ALA B . n 
C 1 48 GLN 48 71  71  GLN GLN B . n 
C 1 49 HIS 49 72  72  HIS HIS B . n 
C 1 50 MET 50 73  73  MET MET B . n 
C 1 51 VAL 51 74  74  VAL VAL B . n 
C 1 52 TYR 52 75  75  TYR TYR B . n 
C 1 53 CYS 53 76  76  CYS CYS B . n 
C 1 54 GLY 54 77  77  GLY GLY B . n 
C 1 55 GLY 55 78  78  GLY GLY B . n 
C 1 56 ASP 56 79  79  ASP ASP B . n 
C 1 57 LEU 57 80  80  LEU LEU B . n 
C 1 58 LEU 58 81  81  LEU LEU B . n 
C 1 59 GLY 59 82  82  GLY GLY B . n 
C 1 60 GLU 60 83  83  GLU GLU B . n 
C 1 61 LEU 61 84  84  LEU LEU B . n 
C 1 62 LEU 62 85  85  LEU LEU B . n 
C 1 63 GLY 63 86  86  GLY GLY B . n 
C 1 64 ARG 64 87  87  ARG ARG B . n 
C 1 65 GLN 65 88  88  GLN GLN B . n 
C 1 66 SER 66 89  89  SER SER B . n 
C 1 67 PHE 67 90  90  PHE PHE B . n 
C 1 68 SER 68 91  91  SER SER B . n 
C 1 69 VAL 69 92  92  VAL VAL B . n 
C 1 70 LYS 70 93  93  LYS LYS B . n 
C 1 71 ASP 71 94  94  ASP ASP B . n 
C 1 72 PRO 72 95  95  PRO PRO B . n 
C 1 73 SER 73 96  96  SER SER B . n 
C 1 74 PRO 74 97  97  PRO PRO B . n 
C 1 75 LEU 75 98  98  LEU LEU B . n 
C 1 76 PTR 76 99  99  PTR PTR B . n 
C 1 77 ASP 77 100 100 ASP ASP B . n 
C 1 78 MET 78 101 101 MET MET B . n 
C 1 79 LEU 79 102 102 LEU LEU B . n 
C 1 80 ARG 80 103 103 ARG ARG B . n 
C 1 81 LYS 81 104 104 LYS LYS B . n 
C 1 82 ASN 82 105 105 ASN ASN B . n 
C 1 83 LEU 83 106 106 LEU LEU B . n 
C 1 84 VAL 84 107 107 VAL VAL B . n 
C 1 85 THR 85 108 108 THR THR B . n 
D 2 1  THR 1  1   1   THR THR D . n 
D 2 2  SER 2  2   2   SER SER D . n 
D 2 3  PHE 3  3   3   PHE PHE D . n 
D 2 4  ALA 4  4   4   ALA ALA D . n 
D 2 5  GLU 5  5   5   GLU GLU D . n 
D 2 6  TYR 6  6   6   TYR TYR D . n 
D 2 7  TRP 7  7   7   TRP TRP D . n 
D 2 8  ASN 8  8   8   ASN ASN D . n 
D 2 9  LEU 9  9   9   LEU LEU D . n 
D 2 10 LEU 10 10  10  LEU LEU D . n 
D 2 11 SER 11 11  ?   ?   ?   D . n 
D 2 12 PRO 12 12  ?   ?   ?   D . n 
# 
loop_
_pdbx_nonpoly_scheme.asym_id 
_pdbx_nonpoly_scheme.entity_id 
_pdbx_nonpoly_scheme.mon_id 
_pdbx_nonpoly_scheme.ndb_seq_num 
_pdbx_nonpoly_scheme.pdb_seq_num 
_pdbx_nonpoly_scheme.auth_seq_num 
_pdbx_nonpoly_scheme.pdb_mon_id 
_pdbx_nonpoly_scheme.auth_mon_id 
_pdbx_nonpoly_scheme.pdb_strand_id 
_pdbx_nonpoly_scheme.pdb_ins_code 
E 3 HOH 1  201 1   HOH HOH A . 
E 3 HOH 2  202 3   HOH HOH A . 
E 3 HOH 3  203 4   HOH HOH A . 
E 3 HOH 4  204 5   HOH HOH A . 
E 3 HOH 5  205 12  HOH HOH A . 
E 3 HOH 6  206 14  HOH HOH A . 
E 3 HOH 7  207 19  HOH HOH A . 
E 3 HOH 8  208 20  HOH HOH A . 
E 3 HOH 9  209 23  HOH HOH A . 
E 3 HOH 10 210 25  HOH HOH A . 
E 3 HOH 11 211 28  HOH HOH A . 
E 3 HOH 12 212 29  HOH HOH A . 
E 3 HOH 13 213 34  HOH HOH A . 
E 3 HOH 14 214 43  HOH HOH A . 
E 3 HOH 15 215 46  HOH HOH A . 
E 3 HOH 16 216 47  HOH HOH A . 
E 3 HOH 17 217 50  HOH HOH A . 
E 3 HOH 18 218 51  HOH HOH A . 
E 3 HOH 19 219 56  HOH HOH A . 
E 3 HOH 20 220 58  HOH HOH A . 
E 3 HOH 21 221 59  HOH HOH A . 
E 3 HOH 22 222 68  HOH HOH A . 
E 3 HOH 23 223 70  HOH HOH A . 
E 3 HOH 24 224 73  HOH HOH A . 
E 3 HOH 25 225 77  HOH HOH A . 
E 3 HOH 26 226 78  HOH HOH A . 
E 3 HOH 27 227 86  HOH HOH A . 
E 3 HOH 28 228 89  HOH HOH A . 
E 3 HOH 29 229 91  HOH HOH A . 
E 3 HOH 30 230 94  HOH HOH A . 
E 3 HOH 31 231 99  HOH HOH A . 
E 3 HOH 32 232 104 HOH HOH A . 
E 3 HOH 33 233 105 HOH HOH A . 
E 3 HOH 34 234 107 HOH HOH A . 
E 3 HOH 35 235 108 HOH HOH A . 
E 3 HOH 36 236 111 HOH HOH A . 
E 3 HOH 37 237 117 HOH HOH A . 
E 3 HOH 38 238 118 HOH HOH A . 
E 3 HOH 39 239 119 HOH HOH A . 
E 3 HOH 40 240 121 HOH HOH A . 
E 3 HOH 41 241 122 HOH HOH A . 
E 3 HOH 42 242 131 HOH HOH A . 
E 3 HOH 43 243 135 HOH HOH A . 
E 3 HOH 44 244 136 HOH HOH A . 
E 3 HOH 45 245 137 HOH HOH A . 
E 3 HOH 46 246 139 HOH HOH A . 
E 3 HOH 47 247 141 HOH HOH A . 
E 3 HOH 48 248 142 HOH HOH A . 
E 3 HOH 49 249 145 HOH HOH A . 
E 3 HOH 50 250 148 HOH HOH A . 
E 3 HOH 51 251 149 HOH HOH A . 
E 3 HOH 52 252 150 HOH HOH A . 
F 3 HOH 1  101 6   HOH HOH C . 
F 3 HOH 2  102 31  HOH HOH C . 
F 3 HOH 3  103 36  HOH HOH C . 
F 3 HOH 4  104 37  HOH HOH C . 
F 3 HOH 5  105 57  HOH HOH C . 
F 3 HOH 6  106 63  HOH HOH C . 
F 3 HOH 7  107 71  HOH HOH C . 
F 3 HOH 8  108 83  HOH HOH C . 
F 3 HOH 9  109 100 HOH HOH C . 
F 3 HOH 10 110 102 HOH HOH C . 
F 3 HOH 11 111 109 HOH HOH C . 
F 3 HOH 12 112 112 HOH HOH C . 
F 3 HOH 13 113 114 HOH HOH C . 
G 3 HOH 1  201 2   HOH HOH B . 
G 3 HOH 2  202 7   HOH HOH B . 
G 3 HOH 3  203 10  HOH HOH B . 
G 3 HOH 4  204 11  HOH HOH B . 
G 3 HOH 5  205 13  HOH HOH B . 
G 3 HOH 6  206 15  HOH HOH B . 
G 3 HOH 7  207 17  HOH HOH B . 
G 3 HOH 8  208 18  HOH HOH B . 
G 3 HOH 9  209 24  HOH HOH B . 
G 3 HOH 10 210 26  HOH HOH B . 
G 3 HOH 11 211 27  HOH HOH B . 
G 3 HOH 12 212 30  HOH HOH B . 
G 3 HOH 13 213 32  HOH HOH B . 
G 3 HOH 14 214 33  HOH HOH B . 
G 3 HOH 15 215 35  HOH HOH B . 
G 3 HOH 16 216 38  HOH HOH B . 
G 3 HOH 17 217 40  HOH HOH B . 
G 3 HOH 18 218 41  HOH HOH B . 
G 3 HOH 19 219 42  HOH HOH B . 
G 3 HOH 20 220 44  HOH HOH B . 
G 3 HOH 21 221 45  HOH HOH B . 
G 3 HOH 22 222 52  HOH HOH B . 
G 3 HOH 23 223 54  HOH HOH B . 
G 3 HOH 24 224 60  HOH HOH B . 
G 3 HOH 25 225 61  HOH HOH B . 
G 3 HOH 26 226 62  HOH HOH B . 
G 3 HOH 27 227 64  HOH HOH B . 
G 3 HOH 28 228 65  HOH HOH B . 
G 3 HOH 29 229 66  HOH HOH B . 
G 3 HOH 30 230 67  HOH HOH B . 
G 3 HOH 31 231 69  HOH HOH B . 
G 3 HOH 32 232 74  HOH HOH B . 
G 3 HOH 33 233 75  HOH HOH B . 
G 3 HOH 34 234 79  HOH HOH B . 
G 3 HOH 35 235 80  HOH HOH B . 
G 3 HOH 36 236 81  HOH HOH B . 
G 3 HOH 37 237 82  HOH HOH B . 
G 3 HOH 38 238 85  HOH HOH B . 
G 3 HOH 39 239 87  HOH HOH B . 
G 3 HOH 40 240 88  HOH HOH B . 
G 3 HOH 41 241 90  HOH HOH B . 
G 3 HOH 42 242 95  HOH HOH B . 
G 3 HOH 43 243 96  HOH HOH B . 
G 3 HOH 44 244 97  HOH HOH B . 
G 3 HOH 45 245 106 HOH HOH B . 
G 3 HOH 46 246 110 HOH HOH B . 
G 3 HOH 47 247 116 HOH HOH B . 
G 3 HOH 48 248 120 HOH HOH B . 
G 3 HOH 49 249 124 HOH HOH B . 
G 3 HOH 50 250 126 HOH HOH B . 
G 3 HOH 51 251 127 HOH HOH B . 
G 3 HOH 52 252 129 HOH HOH B . 
G 3 HOH 53 253 132 HOH HOH B . 
G 3 HOH 54 254 133 HOH HOH B . 
G 3 HOH 55 255 134 HOH HOH B . 
G 3 HOH 56 256 138 HOH HOH B . 
G 3 HOH 57 257 140 HOH HOH B . 
G 3 HOH 58 258 144 HOH HOH B . 
G 3 HOH 59 259 146 HOH HOH B . 
G 3 HOH 60 260 147 HOH HOH B . 
H 3 HOH 1  101 8   HOH HOH D . 
H 3 HOH 2  102 9   HOH HOH D . 
H 3 HOH 3  103 16  HOH HOH D . 
H 3 HOH 4  104 21  HOH HOH D . 
H 3 HOH 5  105 22  HOH HOH D . 
H 3 HOH 6  106 39  HOH HOH D . 
H 3 HOH 7  107 48  HOH HOH D . 
H 3 HOH 8  108 53  HOH HOH D . 
H 3 HOH 9  109 55  HOH HOH D . 
H 3 HOH 10 110 76  HOH HOH D . 
H 3 HOH 11 111 84  HOH HOH D . 
H 3 HOH 12 112 98  HOH HOH D . 
H 3 HOH 13 113 101 HOH HOH D . 
H 3 HOH 14 114 115 HOH HOH D . 
H 3 HOH 15 115 123 HOH HOH D . 
H 3 HOH 16 116 128 HOH HOH D . 
# 
loop_
_pdbx_unobs_or_zero_occ_atoms.id 
_pdbx_unobs_or_zero_occ_atoms.PDB_model_num 
_pdbx_unobs_or_zero_occ_atoms.polymer_flag 
_pdbx_unobs_or_zero_occ_atoms.occupancy_flag 
_pdbx_unobs_or_zero_occ_atoms.auth_asym_id 
_pdbx_unobs_or_zero_occ_atoms.auth_comp_id 
_pdbx_unobs_or_zero_occ_atoms.auth_seq_id 
_pdbx_unobs_or_zero_occ_atoms.PDB_ins_code 
_pdbx_unobs_or_zero_occ_atoms.auth_atom_id 
_pdbx_unobs_or_zero_occ_atoms.label_alt_id 
_pdbx_unobs_or_zero_occ_atoms.label_asym_id 
_pdbx_unobs_or_zero_occ_atoms.label_comp_id 
_pdbx_unobs_or_zero_occ_atoms.label_seq_id 
_pdbx_unobs_or_zero_occ_atoms.label_atom_id 
1  1 Y 1 A GLN 68 ? CG  ? A GLN 45 CG  
2  1 Y 1 A GLN 68 ? CD  ? A GLN 45 CD  
3  1 Y 1 A GLN 68 ? OE1 ? A GLN 45 OE1 
4  1 Y 1 A GLN 68 ? NE2 ? A GLN 45 NE2 
5  1 Y 1 A GLN 69 ? CG  ? A GLN 46 CG  
6  1 Y 1 A GLN 69 ? CD  ? A GLN 46 CD  
7  1 Y 1 A GLN 69 ? OE1 ? A GLN 46 OE1 
8  1 Y 1 A GLN 69 ? NE2 ? A GLN 46 NE2 
9  1 Y 1 A GLU 70 ? CG  ? A GLU 47 CG  
10 1 Y 1 A GLU 70 ? CD  ? A GLU 47 CD  
11 1 Y 1 A GLU 70 ? OE1 ? A GLU 47 OE1 
12 1 Y 1 A GLU 70 ? OE2 ? A GLU 47 OE2 
13 1 Y 1 B GLN 68 ? CG  ? C GLN 45 CG  
14 1 Y 1 B GLN 68 ? CD  ? C GLN 45 CD  
15 1 Y 1 B GLN 68 ? OE1 ? C GLN 45 OE1 
16 1 Y 1 B GLN 68 ? NE2 ? C GLN 45 NE2 
17 1 Y 1 B GLN 69 ? CG  ? C GLN 46 CG  
18 1 Y 1 B GLN 69 ? CD  ? C GLN 46 CD  
19 1 Y 1 B GLN 69 ? OE1 ? C GLN 46 OE1 
20 1 Y 1 B GLN 69 ? NE2 ? C GLN 46 NE2 
21 1 Y 1 B GLU 70 ? CG  ? C GLU 47 CG  
22 1 Y 1 B GLU 70 ? CD  ? C GLU 47 CD  
23 1 Y 1 B GLU 70 ? OE1 ? C GLU 47 OE1 
24 1 Y 1 B GLU 70 ? OE2 ? C GLU 47 OE2 
# 
loop_
_software.name 
_software.classification 
_software.version 
_software.citation_id 
_software.pdbx_ordinal 
HKL-2000 'data collection' .        ? 1 
PHASER   phasing           .        ? 2 
REFMAC   refinement        5.8.0073 ? 3 
HKL-2000 'data reduction'  .        ? 4 
HKL-2000 'data scaling'    .        ? 5 
# 
_cell.entry_id           4RXZ 
_cell.length_a           28.613 
_cell.length_b           41.430 
_cell.length_c           45.618 
_cell.angle_alpha        103.32 
_cell.angle_beta         103.67 
_cell.angle_gamma        102.44 
_cell.Z_PDB              2 
_cell.pdbx_unique_axis   ? 
_cell.length_a_esd       ? 
_cell.length_b_esd       ? 
_cell.length_c_esd       ? 
_cell.angle_alpha_esd    ? 
_cell.angle_beta_esd     ? 
_cell.angle_gamma_esd    ? 
# 
_symmetry.entry_id                         4RXZ 
_symmetry.space_group_name_H-M             'P 1' 
_symmetry.pdbx_full_space_group_name_H-M   ? 
_symmetry.cell_setting                     ? 
_symmetry.Int_Tables_number                1 
_symmetry.space_group_name_Hall            ? 
# 
_exptl.entry_id          4RXZ 
_exptl.method            'X-RAY DIFFRACTION' 
_exptl.crystals_number   1 
# 
_exptl_crystal.id                    1 
_exptl_crystal.density_meas          ? 
_exptl_crystal.density_Matthews      2.18 
_exptl_crystal.density_percent_sol   43.50 
_exptl_crystal.description           ? 
_exptl_crystal.F_000                 ? 
_exptl_crystal.preparation           ? 
# 
_exptl_crystal_grow.crystal_id      1 
_exptl_crystal_grow.method          'VAPOR DIFFUSION, HANGING DROP' 
_exptl_crystal_grow.temp            298 
_exptl_crystal_grow.temp_details    ? 
_exptl_crystal_grow.pH              6.5 
_exptl_crystal_grow.pdbx_details    
'12% isopropanol, 0.1M MES pH 6.5 and 10% PEG5000 MME, VAPOR DIFFUSION, HANGING DROP, temperature 298K' 
_exptl_crystal_grow.pdbx_pH_range   ? 
# 
_diffrn.id                     1 
_diffrn.ambient_temp           100 
_diffrn.ambient_temp_details   ? 
_diffrn.crystal_id             1 
# 
_diffrn_detector.diffrn_id              1 
_diffrn_detector.detector               CCD 
_diffrn_detector.type                   'ADSC QUANTUM 315' 
_diffrn_detector.pdbx_collection_date   2013-05-04 
_diffrn_detector.details                ? 
# 
_diffrn_radiation.diffrn_id                        1 
_diffrn_radiation.wavelength_id                    1 
_diffrn_radiation.pdbx_monochromatic_or_laue_m_l   M 
_diffrn_radiation.monochromator                    'Si (111)' 
_diffrn_radiation.pdbx_diffrn_protocol             'SINGLE WAVELENGTH' 
_diffrn_radiation.pdbx_scattering_type             x-ray 
# 
_diffrn_radiation_wavelength.id           1 
_diffrn_radiation_wavelength.wavelength   0.9753 
_diffrn_radiation_wavelength.wt           1.0 
# 
_diffrn_source.diffrn_id                   1 
_diffrn_source.source                      SYNCHROTRON 
_diffrn_source.type                        'SSRL BEAMLINE BL7-1' 
_diffrn_source.pdbx_synchrotron_site       SSRL 
_diffrn_source.pdbx_synchrotron_beamline   BL7-1 
_diffrn_source.pdbx_wavelength             ? 
_diffrn_source.pdbx_wavelength_list        0.9753 
# 
_reflns.entry_id                     4RXZ 
_reflns.observed_criterion_sigma_I   0 
_reflns.observed_criterion_sigma_F   0 
_reflns.d_resolution_low             42.33 
_reflns.d_resolution_high            1.55 
_reflns.number_obs                   25745 
_reflns.number_all                   27683 
_reflns.percent_possible_obs         93 
_reflns.pdbx_Rmerge_I_obs            0.059 
_reflns.pdbx_Rsym_value              ? 
_reflns.pdbx_netI_over_sigmaI        16.14 
_reflns.B_iso_Wilson_estimate        ? 
_reflns.pdbx_redundancy              1.9 
_reflns.R_free_details               ? 
_reflns.limit_h_max                  ? 
_reflns.limit_h_min                  ? 
_reflns.limit_k_max                  ? 
_reflns.limit_k_min                  ? 
_reflns.limit_l_max                  ? 
_reflns.limit_l_min                  ? 
_reflns.observed_criterion_F_max     ? 
_reflns.observed_criterion_F_min     ? 
_reflns.pdbx_chi_squared             ? 
_reflns.pdbx_scaling_rejects         ? 
_reflns.pdbx_ordinal                 1 
_reflns.pdbx_diffrn_id               1 
# 
_reflns_shell.d_res_high             1.55 
_reflns_shell.d_res_low              1.58 
_reflns_shell.percent_possible_all   87.4 
_reflns_shell.Rmerge_I_obs           0.485 
_reflns_shell.pdbx_Rsym_value        ? 
_reflns_shell.meanI_over_sigI_obs    1.1 
_reflns_shell.pdbx_redundancy        1.7 
_reflns_shell.percent_possible_obs   ? 
_reflns_shell.number_unique_all      1545 
_reflns_shell.number_measured_all    ? 
_reflns_shell.number_measured_obs    ? 
_reflns_shell.number_unique_obs      ? 
_reflns_shell.pdbx_chi_squared       ? 
_reflns_shell.pdbx_ordinal           1 
_reflns_shell.pdbx_diffrn_id         1 
# 
_refine.entry_id                                 4RXZ 
_refine.ls_number_reflns_obs                     24762 
_refine.ls_number_reflns_all                     26342 
_refine.pdbx_ls_sigma_I                          ? 
_refine.pdbx_ls_sigma_F                          0 
_refine.pdbx_data_cutoff_high_absF               ? 
_refine.pdbx_data_cutoff_low_absF                ? 
_refine.pdbx_data_cutoff_high_rms_absF           ? 
_refine.ls_d_res_low                             42.33 
_refine.ls_d_res_high                            1.55 
_refine.ls_percent_reflns_obs                    94.66 
_refine.ls_R_factor_obs                          0.18249 
_refine.ls_R_factor_all                          0.18249 
_refine.ls_R_factor_R_work                       0.18044 
_refine.ls_R_factor_R_free                       0.22034 
_refine.ls_R_factor_R_free_error                 ? 
_refine.ls_R_factor_R_free_error_details         ? 
_refine.ls_percent_reflns_R_free                 5.1 
_refine.ls_number_reflns_R_free                  1341 
_refine.ls_number_parameters                     ? 
_refine.ls_number_restraints                     ? 
_refine.occupancy_min                            ? 
_refine.occupancy_max                            ? 
_refine.correlation_coeff_Fo_to_Fc               0.966 
_refine.correlation_coeff_Fo_to_Fc_free          0.950 
_refine.B_iso_mean                               30.003 
_refine.aniso_B[1][1]                            -0.63 
_refine.aniso_B[2][2]                            -0.16 
_refine.aniso_B[3][3]                            0.42 
_refine.aniso_B[1][2]                            -0.54 
_refine.aniso_B[1][3]                            0.46 
_refine.aniso_B[2][3]                            0.22 
_refine.solvent_model_details                    MASK 
_refine.solvent_model_param_ksol                 ? 
_refine.solvent_model_param_bsol                 ? 
_refine.pdbx_solvent_vdw_probe_radii             1.20 
_refine.pdbx_solvent_ion_probe_radii             0.80 
_refine.pdbx_solvent_shrinkage_radii             0.80 
_refine.pdbx_ls_cross_valid_method               THROUGHOUT 
_refine.details                                  'HYDROGENS HAVE BEEN ADDED IN THE RIDING POSITIONS' 
_refine.pdbx_starting_model                      3EQY 
_refine.pdbx_method_to_determine_struct          'MOLECULAR REPLACEMENT' 
_refine.pdbx_isotropic_thermal_model             ? 
_refine.pdbx_stereochemistry_target_values       'MAXIMUM LIKELIHOOD' 
_refine.pdbx_stereochem_target_val_spec_case     ? 
_refine.pdbx_R_Free_selection_details            RANDOM 
_refine.pdbx_overall_ESU_R                       0.088 
_refine.pdbx_overall_ESU_R_Free                  0.092 
_refine.overall_SU_ML                            0.076 
_refine.pdbx_overall_phase_error                 ? 
_refine.overall_SU_B                             2.206 
_refine.overall_SU_R_Cruickshank_DPI             ? 
_refine.ls_redundancy_reflns_obs                 ? 
_refine.B_iso_min                                ? 
_refine.B_iso_max                                ? 
_refine.overall_SU_R_free                        ? 
_refine.ls_wR_factor_R_free                      ? 
_refine.ls_wR_factor_R_work                      ? 
_refine.overall_FOM_free_R_set                   ? 
_refine.overall_FOM_work_R_set                   ? 
_refine.pdbx_diffrn_id                           1 
_refine.pdbx_refine_id                           'X-RAY DIFFRACTION' 
_refine.pdbx_TLS_residual_ADP_flag               ? 
_refine.pdbx_overall_SU_R_free_Cruickshank_DPI   ? 
_refine.pdbx_overall_SU_R_Blow_DPI               ? 
_refine.pdbx_overall_SU_R_free_Blow_DPI          ? 
# 
_refine_hist.pdbx_refine_id                   'X-RAY DIFFRACTION' 
_refine_hist.cycle_id                         LAST 
_refine_hist.pdbx_number_atoms_protein        1514 
_refine_hist.pdbx_number_atoms_nucleic_acid   0 
_refine_hist.pdbx_number_atoms_ligand         0 
_refine_hist.number_atoms_solvent             141 
_refine_hist.number_atoms_total               1655 
_refine_hist.d_res_high                       1.55 
_refine_hist.d_res_low                        42.33 
# 
loop_
_refine_ls_restr.type 
_refine_ls_restr.dev_ideal 
_refine_ls_restr.dev_ideal_target 
_refine_ls_restr.weight 
_refine_ls_restr.number 
_refine_ls_restr.pdbx_restraint_function 
_refine_ls_restr.pdbx_refine_id 
r_bond_refined_d       0.020  0.019  ? 1546 ? 'X-RAY DIFFRACTION' 
r_bond_other_d         0.001  0.020  ? 1510 ? 'X-RAY DIFFRACTION' 
r_angle_refined_deg    1.964  2.003  ? 2090 ? 'X-RAY DIFFRACTION' 
r_angle_other_deg      0.990  3.000  ? 3468 ? 'X-RAY DIFFRACTION' 
r_dihedral_angle_1_deg 6.458  5.000  ? 185  ? 'X-RAY DIFFRACTION' 
r_dihedral_angle_2_deg 34.971 24.375 ? 64   ? 'X-RAY DIFFRACTION' 
r_dihedral_angle_3_deg 15.560 15.000 ? 273  ? 'X-RAY DIFFRACTION' 
r_dihedral_angle_4_deg 24.265 15.000 ? 6    ? 'X-RAY DIFFRACTION' 
r_chiral_restr         0.139  0.200  ? 229  ? 'X-RAY DIFFRACTION' 
r_gen_planes_refined   0.010  0.021  ? 1707 ? 'X-RAY DIFFRACTION' 
r_gen_planes_other     0.001  0.020  ? 351  ? 'X-RAY DIFFRACTION' 
r_mcbond_it            2.828  2.627  ? 752  ? 'X-RAY DIFFRACTION' 
r_mcbond_other         2.813  2.625  ? 751  ? 'X-RAY DIFFRACTION' 
r_mcangle_it           3.988  3.901  ? 933  ? 'X-RAY DIFFRACTION' 
r_mcangle_other        3.995  3.902  ? 934  ? 'X-RAY DIFFRACTION' 
r_scbond_it            3.854  3.119  ? 794  ? 'X-RAY DIFFRACTION' 
r_scbond_other         3.851  3.119  ? 795  ? 'X-RAY DIFFRACTION' 
r_scangle_other        5.767  4.538  ? 1158 ? 'X-RAY DIFFRACTION' 
r_long_range_B_refined 7.611  22.297 ? 1846 ? 'X-RAY DIFFRACTION' 
r_long_range_B_other   7.523  21.714 ? 1785 ? 'X-RAY DIFFRACTION' 
# 
_refine_ls_shell.pdbx_total_number_of_bins_used   20 
_refine_ls_shell.d_res_high                       1.550 
_refine_ls_shell.d_res_low                        1.590 
_refine_ls_shell.number_reflns_R_work             1722 
_refine_ls_shell.R_factor_R_work                  0.313 
_refine_ls_shell.percent_reflns_obs               87.02 
_refine_ls_shell.R_factor_R_free                  0.317 
_refine_ls_shell.R_factor_R_free_error            ? 
_refine_ls_shell.percent_reflns_R_free            ? 
_refine_ls_shell.number_reflns_R_free             95 
_refine_ls_shell.number_reflns_all                ? 
_refine_ls_shell.R_factor_all                     ? 
_refine_ls_shell.number_reflns_obs                ? 
_refine_ls_shell.redundancy_reflns_obs            ? 
_refine_ls_shell.pdbx_refine_id                   'X-RAY DIFFRACTION' 
# 
_struct.entry_id                  4RXZ 
_struct.title                     'Crystal Structure of MDMX phosporylated Tyr99 in complex with a 12-mer peptide' 
_struct.pdbx_model_details        ? 
_struct.pdbx_CASP_flag            ? 
_struct.pdbx_model_type_details   ? 
# 
_struct_keywords.entry_id        4RXZ 
_struct_keywords.pdbx_keywords   INHIBITOR 
_struct_keywords.text            'MDM4, MDMX-PEPTIDE INHIBITOR COMPLEX, ONCOPROTEIN, METAL-BINDING, PMI, INHIBITOR' 
# 
loop_
_struct_asym.id 
_struct_asym.pdbx_blank_PDB_chainid_flag 
_struct_asym.pdbx_modified 
_struct_asym.entity_id 
_struct_asym.details 
A N N 1 ? 
B N N 2 ? 
C N N 1 ? 
D N N 2 ? 
E N N 3 ? 
F N N 3 ? 
G N N 3 ? 
H N N 3 ? 
# 
loop_
_struct_ref.id 
_struct_ref.db_name 
_struct_ref.db_code 
_struct_ref.pdbx_db_accession 
_struct_ref.entity_id 
_struct_ref.pdbx_seq_one_letter_code 
_struct_ref.pdbx_align_begin 
_struct_ref.pdbx_db_isoform 
1 UNP MDM4_HUMAN O15151 1 
;INQVRPKLPLLKILHAAGAQGEMFTVKEVMHYLGQYIMVKQLYDQQEQHMVYCGGDLLGELLGRQSFSVKDPSPLYDMLR
KNLVT
;
24 ? 
2 PDB 4RXZ       4RXZ   2 ?                                                                                        ?  ? 
# 
loop_
_struct_ref_seq.align_id 
_struct_ref_seq.ref_id 
_struct_ref_seq.pdbx_PDB_id_code 
_struct_ref_seq.pdbx_strand_id 
_struct_ref_seq.seq_align_beg 
_struct_ref_seq.pdbx_seq_align_beg_ins_code 
_struct_ref_seq.seq_align_end 
_struct_ref_seq.pdbx_seq_align_end_ins_code 
_struct_ref_seq.pdbx_db_accession 
_struct_ref_seq.db_align_beg 
_struct_ref_seq.pdbx_db_align_beg_ins_code 
_struct_ref_seq.db_align_end 
_struct_ref_seq.pdbx_db_align_end_ins_code 
_struct_ref_seq.pdbx_auth_seq_align_beg 
_struct_ref_seq.pdbx_auth_seq_align_end 
1 1 4RXZ A 1 ? 85 ? O15151 24 ? 108 ? 24 108 
2 1 4RXZ B 1 ? 85 ? O15151 24 ? 108 ? 24 108 
3 2 4RXZ C 1 ? 12 ? 4RXZ   1  ? 12  ? 1  12  
4 2 4RXZ D 1 ? 12 ? 4RXZ   1  ? 12  ? 1  12  
# 
loop_
_pdbx_struct_assembly.id 
_pdbx_struct_assembly.details 
_pdbx_struct_assembly.method_details 
_pdbx_struct_assembly.oligomeric_details 
_pdbx_struct_assembly.oligomeric_count 
1 author_and_software_defined_assembly PISA dimeric 2 
2 author_and_software_defined_assembly PISA dimeric 2 
# 
loop_
_pdbx_struct_assembly_prop.biol_id 
_pdbx_struct_assembly_prop.type 
_pdbx_struct_assembly_prop.value 
_pdbx_struct_assembly_prop.details 
1 'ABSA (A^2)' 950  ? 
1 MORE         -12  ? 
1 'SSA (A^2)'  5670 ? 
2 'ABSA (A^2)' 930  ? 
2 MORE         -13  ? 
2 'SSA (A^2)'  5520 ? 
# 
loop_
_pdbx_struct_assembly_gen.assembly_id 
_pdbx_struct_assembly_gen.oper_expression 
_pdbx_struct_assembly_gen.asym_id_list 
1 1 A,B,E,F 
2 1 C,D,G,H 
# 
_pdbx_struct_oper_list.id                   1 
_pdbx_struct_oper_list.type                 'identity operation' 
_pdbx_struct_oper_list.name                 1_555 
_pdbx_struct_oper_list.symmetry_operation   x,y,z 
_pdbx_struct_oper_list.matrix[1][1]         1.0000000000 
_pdbx_struct_oper_list.matrix[1][2]         0.0000000000 
_pdbx_struct_oper_list.matrix[1][3]         0.0000000000 
_pdbx_struct_oper_list.vector[1]            0.0000000000 
_pdbx_struct_oper_list.matrix[2][1]         0.0000000000 
_pdbx_struct_oper_list.matrix[2][2]         1.0000000000 
_pdbx_struct_oper_list.matrix[2][3]         0.0000000000 
_pdbx_struct_oper_list.vector[2]            0.0000000000 
_pdbx_struct_oper_list.matrix[3][1]         0.0000000000 
_pdbx_struct_oper_list.matrix[3][2]         0.0000000000 
_pdbx_struct_oper_list.matrix[3][3]         1.0000000000 
_pdbx_struct_oper_list.vector[3]            0.0000000000 
# 
_struct_biol.id        1 
_struct_biol.details   ? 
# 
loop_
_struct_conf.conf_type_id 
_struct_conf.id 
_struct_conf.pdbx_PDB_helix_id 
_struct_conf.beg_label_comp_id 
_struct_conf.beg_label_asym_id 
_struct_conf.beg_label_seq_id 
_struct_conf.pdbx_beg_PDB_ins_code 
_struct_conf.end_label_comp_id 
_struct_conf.end_label_asym_id 
_struct_conf.end_label_seq_id 
_struct_conf.pdbx_end_PDB_ins_code 
_struct_conf.beg_auth_comp_id 
_struct_conf.beg_auth_asym_id 
_struct_conf.beg_auth_seq_id 
_struct_conf.end_auth_comp_id 
_struct_conf.end_auth_asym_id 
_struct_conf.end_auth_seq_id 
_struct_conf.pdbx_PDB_helix_class 
_struct_conf.details 
_struct_conf.pdbx_PDB_helix_length 
HELX_P HELX_P1  1  LYS A 7  ? ALA A 17 ? LYS A 30 ALA A 40  1 ? 11 
HELX_P HELX_P2  2  THR A 25 ? LYS A 40 ? THR A 48 LYS A 63  1 ? 16 
HELX_P HELX_P3  3  ASP A 56 ? GLY A 63 ? ASP A 79 GLY A 86  1 ? 8  
HELX_P HELX_P4  4  PRO A 72 ? ASN A 82 ? PRO A 95 ASN A 105 1 ? 11 
HELX_P HELX_P5  5  SER B 2  ? ASN B 8  ? SER C 2  ASN C 8   1 ? 7  
HELX_P HELX_P6  6  LYS C 7  ? ALA C 17 ? LYS B 30 ALA B 40  1 ? 11 
HELX_P HELX_P7  7  THR C 25 ? LYS C 40 ? THR B 48 LYS B 63  1 ? 16 
HELX_P HELX_P8  8  ASP C 56 ? GLY C 63 ? ASP B 79 GLY B 86  1 ? 8  
HELX_P HELX_P9  9  PRO C 72 ? ASN C 82 ? PRO B 95 ASN B 105 1 ? 11 
HELX_P HELX_P10 10 SER D 2  ? ASN D 8  ? SER D 2  ASN D 8   1 ? 7  
# 
_struct_conf_type.id          HELX_P 
_struct_conf_type.criteria    ? 
_struct_conf_type.reference   ? 
# 
loop_
_struct_conn.id 
_struct_conn.conn_type_id 
_struct_conn.pdbx_leaving_atom_flag 
_struct_conn.pdbx_PDB_id 
_struct_conn.ptnr1_label_asym_id 
_struct_conn.ptnr1_label_comp_id 
_struct_conn.ptnr1_label_seq_id 
_struct_conn.ptnr1_label_atom_id 
_struct_conn.pdbx_ptnr1_label_alt_id 
_struct_conn.pdbx_ptnr1_PDB_ins_code 
_struct_conn.pdbx_ptnr1_standard_comp_id 
_struct_conn.ptnr1_symmetry 
_struct_conn.ptnr2_label_asym_id 
_struct_conn.ptnr2_label_comp_id 
_struct_conn.ptnr2_label_seq_id 
_struct_conn.ptnr2_label_atom_id 
_struct_conn.pdbx_ptnr2_label_alt_id 
_struct_conn.pdbx_ptnr2_PDB_ins_code 
_struct_conn.ptnr1_auth_asym_id 
_struct_conn.ptnr1_auth_comp_id 
_struct_conn.ptnr1_auth_seq_id 
_struct_conn.ptnr2_auth_asym_id 
_struct_conn.ptnr2_auth_comp_id 
_struct_conn.ptnr2_auth_seq_id 
_struct_conn.ptnr2_symmetry 
_struct_conn.pdbx_ptnr3_label_atom_id 
_struct_conn.pdbx_ptnr3_label_seq_id 
_struct_conn.pdbx_ptnr3_label_comp_id 
_struct_conn.pdbx_ptnr3_label_asym_id 
_struct_conn.pdbx_ptnr3_label_alt_id 
_struct_conn.pdbx_ptnr3_PDB_ins_code 
_struct_conn.details 
_struct_conn.pdbx_dist_value 
_struct_conn.pdbx_value_order 
_struct_conn.pdbx_role 
covale1 covale both ? A LEU 75 C ? ? ? 1_555 A PTR 76 N ? ? A LEU 98 A PTR 99  1_555 ? ? ? ? ? ? ? 1.342 ? ? 
covale2 covale both ? A PTR 76 C ? ? ? 1_555 A ASP 77 N ? ? A PTR 99 A ASP 100 1_555 ? ? ? ? ? ? ? 1.344 ? ? 
covale3 covale both ? C LEU 75 C ? ? ? 1_555 C PTR 76 N ? ? B LEU 98 B PTR 99  1_555 ? ? ? ? ? ? ? 1.338 ? ? 
covale4 covale both ? C PTR 76 C ? ? ? 1_555 C ASP 77 N ? ? B PTR 99 B ASP 100 1_555 ? ? ? ? ? ? ? 1.325 ? ? 
# 
_struct_conn_type.id          covale 
_struct_conn_type.criteria    ? 
_struct_conn_type.reference   ? 
# 
loop_
_pdbx_modification_feature.ordinal 
_pdbx_modification_feature.label_comp_id 
_pdbx_modification_feature.label_asym_id 
_pdbx_modification_feature.label_seq_id 
_pdbx_modification_feature.label_alt_id 
_pdbx_modification_feature.modified_residue_label_comp_id 
_pdbx_modification_feature.modified_residue_label_asym_id 
_pdbx_modification_feature.modified_residue_label_seq_id 
_pdbx_modification_feature.modified_residue_label_alt_id 
_pdbx_modification_feature.auth_comp_id 
_pdbx_modification_feature.auth_asym_id 
_pdbx_modification_feature.auth_seq_id 
_pdbx_modification_feature.PDB_ins_code 
_pdbx_modification_feature.symmetry 
_pdbx_modification_feature.modified_residue_auth_comp_id 
_pdbx_modification_feature.modified_residue_auth_asym_id 
_pdbx_modification_feature.modified_residue_auth_seq_id 
_pdbx_modification_feature.modified_residue_PDB_ins_code 
_pdbx_modification_feature.modified_residue_symmetry 
_pdbx_modification_feature.comp_id_linking_atom 
_pdbx_modification_feature.modified_residue_id_linking_atom 
_pdbx_modification_feature.modified_residue_id 
_pdbx_modification_feature.ref_pcm_id 
_pdbx_modification_feature.ref_comp_id 
_pdbx_modification_feature.type 
_pdbx_modification_feature.category 
1 PTR A 76 ? . . . . PTR A 99 ? 1_555 . . . . . . . TYR 1 PTR Phosphorylation 'Named protein modification' 
2 PTR C 76 ? . . . . PTR B 99 ? 1_555 . . . . . . . TYR 1 PTR Phosphorylation 'Named protein modification' 
# 
loop_
_struct_sheet.id 
_struct_sheet.type 
_struct_sheet.number_strands 
_struct_sheet.details 
A ? 2 ? 
B ? 2 ? 
C ? 2 ? 
D ? 2 ? 
# 
loop_
_struct_sheet_order.sheet_id 
_struct_sheet_order.range_id_1 
_struct_sheet_order.range_id_2 
_struct_sheet_order.offset 
_struct_sheet_order.sense 
A 1 2 ? anti-parallel 
B 1 2 ? anti-parallel 
C 1 2 ? anti-parallel 
D 1 2 ? anti-parallel 
# 
loop_
_struct_sheet_range.sheet_id 
_struct_sheet_range.id 
_struct_sheet_range.beg_label_comp_id 
_struct_sheet_range.beg_label_asym_id 
_struct_sheet_range.beg_label_seq_id 
_struct_sheet_range.pdbx_beg_PDB_ins_code 
_struct_sheet_range.end_label_comp_id 
_struct_sheet_range.end_label_asym_id 
_struct_sheet_range.end_label_seq_id 
_struct_sheet_range.pdbx_end_PDB_ins_code 
_struct_sheet_range.beg_auth_comp_id 
_struct_sheet_range.beg_auth_asym_id 
_struct_sheet_range.beg_auth_seq_id 
_struct_sheet_range.end_auth_comp_id 
_struct_sheet_range.end_auth_asym_id 
_struct_sheet_range.end_auth_seq_id 
A 1 ARG A 5  ? PRO A 6  ? ARG A 28  PRO A 29  
A 2 LEU A 83 ? VAL A 84 ? LEU A 106 VAL A 107 
B 1 MET A 50 ? TYR A 52 ? MET A 73  TYR A 75  
B 2 SER A 66 ? SER A 68 ? SER A 89  SER A 91  
C 1 ARG C 5  ? PRO C 6  ? ARG B 28  PRO B 29  
C 2 LEU C 83 ? VAL C 84 ? LEU B 106 VAL B 107 
D 1 MET C 50 ? TYR C 52 ? MET B 73  TYR B 75  
D 2 SER C 66 ? SER C 68 ? SER B 89  SER B 91  
# 
loop_
_pdbx_struct_sheet_hbond.sheet_id 
_pdbx_struct_sheet_hbond.range_id_1 
_pdbx_struct_sheet_hbond.range_id_2 
_pdbx_struct_sheet_hbond.range_1_label_atom_id 
_pdbx_struct_sheet_hbond.range_1_label_comp_id 
_pdbx_struct_sheet_hbond.range_1_label_asym_id 
_pdbx_struct_sheet_hbond.range_1_label_seq_id 
_pdbx_struct_sheet_hbond.range_1_PDB_ins_code 
_pdbx_struct_sheet_hbond.range_1_auth_atom_id 
_pdbx_struct_sheet_hbond.range_1_auth_comp_id 
_pdbx_struct_sheet_hbond.range_1_auth_asym_id 
_pdbx_struct_sheet_hbond.range_1_auth_seq_id 
_pdbx_struct_sheet_hbond.range_2_label_atom_id 
_pdbx_struct_sheet_hbond.range_2_label_comp_id 
_pdbx_struct_sheet_hbond.range_2_label_asym_id 
_pdbx_struct_sheet_hbond.range_2_label_seq_id 
_pdbx_struct_sheet_hbond.range_2_PDB_ins_code 
_pdbx_struct_sheet_hbond.range_2_auth_atom_id 
_pdbx_struct_sheet_hbond.range_2_auth_comp_id 
_pdbx_struct_sheet_hbond.range_2_auth_asym_id 
_pdbx_struct_sheet_hbond.range_2_auth_seq_id 
A 1 2 N ARG A 5  ? N ARG A 28 O VAL A 84 ? O VAL A 107 
B 1 2 N VAL A 51 ? N VAL A 74 O PHE A 67 ? O PHE A 90  
C 1 2 N ARG C 5  ? N ARG B 28 O VAL C 84 ? O VAL B 107 
D 1 2 N VAL C 51 ? N VAL B 74 O PHE C 67 ? O PHE B 90  
# 
_pdbx_entry_details.entry_id                   4RXZ 
_pdbx_entry_details.compound_details           ? 
_pdbx_entry_details.source_details             ? 
_pdbx_entry_details.nonpolymer_details         ? 
_pdbx_entry_details.sequence_details           ? 
_pdbx_entry_details.has_ligand_of_interest     ? 
_pdbx_entry_details.has_protein_modification   Y 
# 
_pdbx_validate_close_contact.id               1 
_pdbx_validate_close_contact.PDB_model_num    1 
_pdbx_validate_close_contact.auth_atom_id_1   O 
_pdbx_validate_close_contact.auth_asym_id_1   A 
_pdbx_validate_close_contact.auth_comp_id_1   HOH 
_pdbx_validate_close_contact.auth_seq_id_1    238 
_pdbx_validate_close_contact.PDB_ins_code_1   ? 
_pdbx_validate_close_contact.label_alt_id_1   ? 
_pdbx_validate_close_contact.auth_atom_id_2   O 
_pdbx_validate_close_contact.auth_asym_id_2   D 
_pdbx_validate_close_contact.auth_comp_id_2   HOH 
_pdbx_validate_close_contact.auth_seq_id_2    116 
_pdbx_validate_close_contact.PDB_ins_code_2   ? 
_pdbx_validate_close_contact.label_alt_id_2   ? 
_pdbx_validate_close_contact.dist             2.06 
# 
_pdbx_validate_rmsd_bond.id                        1 
_pdbx_validate_rmsd_bond.PDB_model_num             1 
_pdbx_validate_rmsd_bond.auth_atom_id_1            CD 
_pdbx_validate_rmsd_bond.auth_asym_id_1            A 
_pdbx_validate_rmsd_bond.auth_comp_id_1            GLU 
_pdbx_validate_rmsd_bond.auth_seq_id_1             51 
_pdbx_validate_rmsd_bond.PDB_ins_code_1            ? 
_pdbx_validate_rmsd_bond.label_alt_id_1            ? 
_pdbx_validate_rmsd_bond.auth_atom_id_2            OE2 
_pdbx_validate_rmsd_bond.auth_asym_id_2            A 
_pdbx_validate_rmsd_bond.auth_comp_id_2            GLU 
_pdbx_validate_rmsd_bond.auth_seq_id_2             51 
_pdbx_validate_rmsd_bond.PDB_ins_code_2            ? 
_pdbx_validate_rmsd_bond.label_alt_id_2            ? 
_pdbx_validate_rmsd_bond.bond_value                1.183 
_pdbx_validate_rmsd_bond.bond_target_value         1.252 
_pdbx_validate_rmsd_bond.bond_deviation            -0.069 
_pdbx_validate_rmsd_bond.bond_standard_deviation   0.011 
_pdbx_validate_rmsd_bond.linker_flag               N 
# 
loop_
_pdbx_validate_rmsd_angle.id 
_pdbx_validate_rmsd_angle.PDB_model_num 
_pdbx_validate_rmsd_angle.auth_atom_id_1 
_pdbx_validate_rmsd_angle.auth_asym_id_1 
_pdbx_validate_rmsd_angle.auth_comp_id_1 
_pdbx_validate_rmsd_angle.auth_seq_id_1 
_pdbx_validate_rmsd_angle.PDB_ins_code_1 
_pdbx_validate_rmsd_angle.label_alt_id_1 
_pdbx_validate_rmsd_angle.auth_atom_id_2 
_pdbx_validate_rmsd_angle.auth_asym_id_2 
_pdbx_validate_rmsd_angle.auth_comp_id_2 
_pdbx_validate_rmsd_angle.auth_seq_id_2 
_pdbx_validate_rmsd_angle.PDB_ins_code_2 
_pdbx_validate_rmsd_angle.label_alt_id_2 
_pdbx_validate_rmsd_angle.auth_atom_id_3 
_pdbx_validate_rmsd_angle.auth_asym_id_3 
_pdbx_validate_rmsd_angle.auth_comp_id_3 
_pdbx_validate_rmsd_angle.auth_seq_id_3 
_pdbx_validate_rmsd_angle.PDB_ins_code_3 
_pdbx_validate_rmsd_angle.label_alt_id_3 
_pdbx_validate_rmsd_angle.angle_value 
_pdbx_validate_rmsd_angle.angle_target_value 
_pdbx_validate_rmsd_angle.angle_deviation 
_pdbx_validate_rmsd_angle.angle_standard_deviation 
_pdbx_validate_rmsd_angle.linker_flag 
1 1 NE A ARG 28 ? ? CZ A ARG 28 ? ? NH2 A ARG 28 ? ? 116.73 120.30 -3.57 0.50 N 
2 1 NE B ARG 28 ? ? CZ B ARG 28 ? ? NH1 B ARG 28 ? ? 123.32 120.30 3.02  0.50 N 
3 1 NE B ARG 28 ? ? CZ B ARG 28 ? ? NH2 B ARG 28 ? ? 116.82 120.30 -3.48 0.50 N 
# 
loop_
_pdbx_struct_mod_residue.id 
_pdbx_struct_mod_residue.label_asym_id 
_pdbx_struct_mod_residue.label_comp_id 
_pdbx_struct_mod_residue.label_seq_id 
_pdbx_struct_mod_residue.auth_asym_id 
_pdbx_struct_mod_residue.auth_comp_id 
_pdbx_struct_mod_residue.auth_seq_id 
_pdbx_struct_mod_residue.PDB_ins_code 
_pdbx_struct_mod_residue.parent_comp_id 
_pdbx_struct_mod_residue.details 
1 A PTR 76 A PTR 99 ? TYR O-PHOSPHOTYROSINE 
2 C PTR 76 B PTR 99 ? TYR O-PHOSPHOTYROSINE 
# 
loop_
_pdbx_unobs_or_zero_occ_residues.id 
_pdbx_unobs_or_zero_occ_residues.PDB_model_num 
_pdbx_unobs_or_zero_occ_residues.polymer_flag 
_pdbx_unobs_or_zero_occ_residues.occupancy_flag 
_pdbx_unobs_or_zero_occ_residues.auth_asym_id 
_pdbx_unobs_or_zero_occ_residues.auth_comp_id 
_pdbx_unobs_or_zero_occ_residues.auth_seq_id 
_pdbx_unobs_or_zero_occ_residues.PDB_ins_code 
_pdbx_unobs_or_zero_occ_residues.label_asym_id 
_pdbx_unobs_or_zero_occ_residues.label_comp_id 
_pdbx_unobs_or_zero_occ_residues.label_seq_id 
1 1 Y 1 A ILE 24 ? A ILE 1  
2 1 Y 1 C PRO 12 ? B PRO 12 
3 1 Y 1 B ILE 24 ? C ILE 1  
4 1 Y 1 D SER 11 ? D SER 11 
5 1 Y 1 D PRO 12 ? D PRO 12 
# 
loop_
_chem_comp_atom.comp_id 
_chem_comp_atom.atom_id 
_chem_comp_atom.type_symbol 
_chem_comp_atom.pdbx_aromatic_flag 
_chem_comp_atom.pdbx_stereo_config 
_chem_comp_atom.pdbx_ordinal 
ALA N    N N N 1   
ALA CA   C N S 2   
ALA C    C N N 3   
ALA O    O N N 4   
ALA CB   C N N 5   
ALA OXT  O N N 6   
ALA H    H N N 7   
ALA H2   H N N 8   
ALA HA   H N N 9   
ALA HB1  H N N 10  
ALA HB2  H N N 11  
ALA HB3  H N N 12  
ALA HXT  H N N 13  
ARG N    N N N 14  
ARG CA   C N S 15  
ARG C    C N N 16  
ARG O    O N N 17  
ARG CB   C N N 18  
ARG CG   C N N 19  
ARG CD   C N N 20  
ARG NE   N N N 21  
ARG CZ   C N N 22  
ARG NH1  N N N 23  
ARG NH2  N N N 24  
ARG OXT  O N N 25  
ARG H    H N N 26  
ARG H2   H N N 27  
ARG HA   H N N 28  
ARG HB2  H N N 29  
ARG HB3  H N N 30  
ARG HG2  H N N 31  
ARG HG3  H N N 32  
ARG HD2  H N N 33  
ARG HD3  H N N 34  
ARG HE   H N N 35  
ARG HH11 H N N 36  
ARG HH12 H N N 37  
ARG HH21 H N N 38  
ARG HH22 H N N 39  
ARG HXT  H N N 40  
ASN N    N N N 41  
ASN CA   C N S 42  
ASN C    C N N 43  
ASN O    O N N 44  
ASN CB   C N N 45  
ASN CG   C N N 46  
ASN OD1  O N N 47  
ASN ND2  N N N 48  
ASN OXT  O N N 49  
ASN H    H N N 50  
ASN H2   H N N 51  
ASN HA   H N N 52  
ASN HB2  H N N 53  
ASN HB3  H N N 54  
ASN HD21 H N N 55  
ASN HD22 H N N 56  
ASN HXT  H N N 57  
ASP N    N N N 58  
ASP CA   C N S 59  
ASP C    C N N 60  
ASP O    O N N 61  
ASP CB   C N N 62  
ASP CG   C N N 63  
ASP OD1  O N N 64  
ASP OD2  O N N 65  
ASP OXT  O N N 66  
ASP H    H N N 67  
ASP H2   H N N 68  
ASP HA   H N N 69  
ASP HB2  H N N 70  
ASP HB3  H N N 71  
ASP HD2  H N N 72  
ASP HXT  H N N 73  
CYS N    N N N 74  
CYS CA   C N R 75  
CYS C    C N N 76  
CYS O    O N N 77  
CYS CB   C N N 78  
CYS SG   S N N 79  
CYS OXT  O N N 80  
CYS H    H N N 81  
CYS H2   H N N 82  
CYS HA   H N N 83  
CYS HB2  H N N 84  
CYS HB3  H N N 85  
CYS HG   H N N 86  
CYS HXT  H N N 87  
GLN N    N N N 88  
GLN CA   C N S 89  
GLN C    C N N 90  
GLN O    O N N 91  
GLN CB   C N N 92  
GLN CG   C N N 93  
GLN CD   C N N 94  
GLN OE1  O N N 95  
GLN NE2  N N N 96  
GLN OXT  O N N 97  
GLN H    H N N 98  
GLN H2   H N N 99  
GLN HA   H N N 100 
GLN HB2  H N N 101 
GLN HB3  H N N 102 
GLN HG2  H N N 103 
GLN HG3  H N N 104 
GLN HE21 H N N 105 
GLN HE22 H N N 106 
GLN HXT  H N N 107 
GLU N    N N N 108 
GLU CA   C N S 109 
GLU C    C N N 110 
GLU O    O N N 111 
GLU CB   C N N 112 
GLU CG   C N N 113 
GLU CD   C N N 114 
GLU OE1  O N N 115 
GLU OE2  O N N 116 
GLU OXT  O N N 117 
GLU H    H N N 118 
GLU H2   H N N 119 
GLU HA   H N N 120 
GLU HB2  H N N 121 
GLU HB3  H N N 122 
GLU HG2  H N N 123 
GLU HG3  H N N 124 
GLU HE2  H N N 125 
GLU HXT  H N N 126 
GLY N    N N N 127 
GLY CA   C N N 128 
GLY C    C N N 129 
GLY O    O N N 130 
GLY OXT  O N N 131 
GLY H    H N N 132 
GLY H2   H N N 133 
GLY HA2  H N N 134 
GLY HA3  H N N 135 
GLY HXT  H N N 136 
HIS N    N N N 137 
HIS CA   C N S 138 
HIS C    C N N 139 
HIS O    O N N 140 
HIS CB   C N N 141 
HIS CG   C Y N 142 
HIS ND1  N Y N 143 
HIS CD2  C Y N 144 
HIS CE1  C Y N 145 
HIS NE2  N Y N 146 
HIS OXT  O N N 147 
HIS H    H N N 148 
HIS H2   H N N 149 
HIS HA   H N N 150 
HIS HB2  H N N 151 
HIS HB3  H N N 152 
HIS HD1  H N N 153 
HIS HD2  H N N 154 
HIS HE1  H N N 155 
HIS HE2  H N N 156 
HIS HXT  H N N 157 
HOH O    O N N 158 
HOH H1   H N N 159 
HOH H2   H N N 160 
ILE N    N N N 161 
ILE CA   C N S 162 
ILE C    C N N 163 
ILE O    O N N 164 
ILE CB   C N S 165 
ILE CG1  C N N 166 
ILE CG2  C N N 167 
ILE CD1  C N N 168 
ILE OXT  O N N 169 
ILE H    H N N 170 
ILE H2   H N N 171 
ILE HA   H N N 172 
ILE HB   H N N 173 
ILE HG12 H N N 174 
ILE HG13 H N N 175 
ILE HG21 H N N 176 
ILE HG22 H N N 177 
ILE HG23 H N N 178 
ILE HD11 H N N 179 
ILE HD12 H N N 180 
ILE HD13 H N N 181 
ILE HXT  H N N 182 
LEU N    N N N 183 
LEU CA   C N S 184 
LEU C    C N N 185 
LEU O    O N N 186 
LEU CB   C N N 187 
LEU CG   C N N 188 
LEU CD1  C N N 189 
LEU CD2  C N N 190 
LEU OXT  O N N 191 
LEU H    H N N 192 
LEU H2   H N N 193 
LEU HA   H N N 194 
LEU HB2  H N N 195 
LEU HB3  H N N 196 
LEU HG   H N N 197 
LEU HD11 H N N 198 
LEU HD12 H N N 199 
LEU HD13 H N N 200 
LEU HD21 H N N 201 
LEU HD22 H N N 202 
LEU HD23 H N N 203 
LEU HXT  H N N 204 
LYS N    N N N 205 
LYS CA   C N S 206 
LYS C    C N N 207 
LYS O    O N N 208 
LYS CB   C N N 209 
LYS CG   C N N 210 
LYS CD   C N N 211 
LYS CE   C N N 212 
LYS NZ   N N N 213 
LYS OXT  O N N 214 
LYS H    H N N 215 
LYS H2   H N N 216 
LYS HA   H N N 217 
LYS HB2  H N N 218 
LYS HB3  H N N 219 
LYS HG2  H N N 220 
LYS HG3  H N N 221 
LYS HD2  H N N 222 
LYS HD3  H N N 223 
LYS HE2  H N N 224 
LYS HE3  H N N 225 
LYS HZ1  H N N 226 
LYS HZ2  H N N 227 
LYS HZ3  H N N 228 
LYS HXT  H N N 229 
MET N    N N N 230 
MET CA   C N S 231 
MET C    C N N 232 
MET O    O N N 233 
MET CB   C N N 234 
MET CG   C N N 235 
MET SD   S N N 236 
MET CE   C N N 237 
MET OXT  O N N 238 
MET H    H N N 239 
MET H2   H N N 240 
MET HA   H N N 241 
MET HB2  H N N 242 
MET HB3  H N N 243 
MET HG2  H N N 244 
MET HG3  H N N 245 
MET HE1  H N N 246 
MET HE2  H N N 247 
MET HE3  H N N 248 
MET HXT  H N N 249 
PHE N    N N N 250 
PHE CA   C N S 251 
PHE C    C N N 252 
PHE O    O N N 253 
PHE CB   C N N 254 
PHE CG   C Y N 255 
PHE CD1  C Y N 256 
PHE CD2  C Y N 257 
PHE CE1  C Y N 258 
PHE CE2  C Y N 259 
PHE CZ   C Y N 260 
PHE OXT  O N N 261 
PHE H    H N N 262 
PHE H2   H N N 263 
PHE HA   H N N 264 
PHE HB2  H N N 265 
PHE HB3  H N N 266 
PHE HD1  H N N 267 
PHE HD2  H N N 268 
PHE HE1  H N N 269 
PHE HE2  H N N 270 
PHE HZ   H N N 271 
PHE HXT  H N N 272 
PRO N    N N N 273 
PRO CA   C N S 274 
PRO C    C N N 275 
PRO O    O N N 276 
PRO CB   C N N 277 
PRO CG   C N N 278 
PRO CD   C N N 279 
PRO OXT  O N N 280 
PRO H    H N N 281 
PRO HA   H N N 282 
PRO HB2  H N N 283 
PRO HB3  H N N 284 
PRO HG2  H N N 285 
PRO HG3  H N N 286 
PRO HD2  H N N 287 
PRO HD3  H N N 288 
PRO HXT  H N N 289 
PTR N    N N N 290 
PTR CA   C N S 291 
PTR C    C N N 292 
PTR O    O N N 293 
PTR OXT  O N N 294 
PTR CB   C N N 295 
PTR CG   C Y N 296 
PTR CD1  C Y N 297 
PTR CD2  C Y N 298 
PTR CE1  C Y N 299 
PTR CE2  C Y N 300 
PTR CZ   C Y N 301 
PTR OH   O N N 302 
PTR P    P N N 303 
PTR O1P  O N N 304 
PTR O2P  O N N 305 
PTR O3P  O N N 306 
PTR H    H N N 307 
PTR H2   H N N 308 
PTR HA   H N N 309 
PTR HXT  H N N 310 
PTR HB2  H N N 311 
PTR HB3  H N N 312 
PTR HD1  H N N 313 
PTR HD2  H N N 314 
PTR HE1  H N N 315 
PTR HE2  H N N 316 
PTR HO2P H N N 317 
PTR HO3P H N N 318 
SER N    N N N 319 
SER CA   C N S 320 
SER C    C N N 321 
SER O    O N N 322 
SER CB   C N N 323 
SER OG   O N N 324 
SER OXT  O N N 325 
SER H    H N N 326 
SER H2   H N N 327 
SER HA   H N N 328 
SER HB2  H N N 329 
SER HB3  H N N 330 
SER HG   H N N 331 
SER HXT  H N N 332 
THR N    N N N 333 
THR CA   C N S 334 
THR C    C N N 335 
THR O    O N N 336 
THR CB   C N R 337 
THR OG1  O N N 338 
THR CG2  C N N 339 
THR OXT  O N N 340 
THR H    H N N 341 
THR H2   H N N 342 
THR HA   H N N 343 
THR HB   H N N 344 
THR HG1  H N N 345 
THR HG21 H N N 346 
THR HG22 H N N 347 
THR HG23 H N N 348 
THR HXT  H N N 349 
TRP N    N N N 350 
TRP CA   C N S 351 
TRP C    C N N 352 
TRP O    O N N 353 
TRP CB   C N N 354 
TRP CG   C Y N 355 
TRP CD1  C Y N 356 
TRP CD2  C Y N 357 
TRP NE1  N Y N 358 
TRP CE2  C Y N 359 
TRP CE3  C Y N 360 
TRP CZ2  C Y N 361 
TRP CZ3  C Y N 362 
TRP CH2  C Y N 363 
TRP OXT  O N N 364 
TRP H    H N N 365 
TRP H2   H N N 366 
TRP HA   H N N 367 
TRP HB2  H N N 368 
TRP HB3  H N N 369 
TRP HD1  H N N 370 
TRP HE1  H N N 371 
TRP HE3  H N N 372 
TRP HZ2  H N N 373 
TRP HZ3  H N N 374 
TRP HH2  H N N 375 
TRP HXT  H N N 376 
TYR N    N N N 377 
TYR CA   C N S 378 
TYR C    C N N 379 
TYR O    O N N 380 
TYR CB   C N N 381 
TYR CG   C Y N 382 
TYR CD1  C Y N 383 
TYR CD2  C Y N 384 
TYR CE1  C Y N 385 
TYR CE2  C Y N 386 
TYR CZ   C Y N 387 
TYR OH   O N N 388 
TYR OXT  O N N 389 
TYR H    H N N 390 
TYR H2   H N N 391 
TYR HA   H N N 392 
TYR HB2  H N N 393 
TYR HB3  H N N 394 
TYR HD1  H N N 395 
TYR HD2  H N N 396 
TYR HE1  H N N 397 
TYR HE2  H N N 398 
TYR HH   H N N 399 
TYR HXT  H N N 400 
VAL N    N N N 401 
VAL CA   C N S 402 
VAL C    C N N 403 
VAL O    O N N 404 
VAL CB   C N N 405 
VAL CG1  C N N 406 
VAL CG2  C N N 407 
VAL OXT  O N N 408 
VAL H    H N N 409 
VAL H2   H N N 410 
VAL HA   H N N 411 
VAL HB   H N N 412 
VAL HG11 H N N 413 
VAL HG12 H N N 414 
VAL HG13 H N N 415 
VAL HG21 H N N 416 
VAL HG22 H N N 417 
VAL HG23 H N N 418 
VAL HXT  H N N 419 
# 
loop_
_chem_comp_bond.comp_id 
_chem_comp_bond.atom_id_1 
_chem_comp_bond.atom_id_2 
_chem_comp_bond.value_order 
_chem_comp_bond.pdbx_aromatic_flag 
_chem_comp_bond.pdbx_stereo_config 
_chem_comp_bond.pdbx_ordinal 
ALA N   CA   sing N N 1   
ALA N   H    sing N N 2   
ALA N   H2   sing N N 3   
ALA CA  C    sing N N 4   
ALA CA  CB   sing N N 5   
ALA CA  HA   sing N N 6   
ALA C   O    doub N N 7   
ALA C   OXT  sing N N 8   
ALA CB  HB1  sing N N 9   
ALA CB  HB2  sing N N 10  
ALA CB  HB3  sing N N 11  
ALA OXT HXT  sing N N 12  
ARG N   CA   sing N N 13  
ARG N   H    sing N N 14  
ARG N   H2   sing N N 15  
ARG CA  C    sing N N 16  
ARG CA  CB   sing N N 17  
ARG CA  HA   sing N N 18  
ARG C   O    doub N N 19  
ARG C   OXT  sing N N 20  
ARG CB  CG   sing N N 21  
ARG CB  HB2  sing N N 22  
ARG CB  HB3  sing N N 23  
ARG CG  CD   sing N N 24  
ARG CG  HG2  sing N N 25  
ARG CG  HG3  sing N N 26  
ARG CD  NE   sing N N 27  
ARG CD  HD2  sing N N 28  
ARG CD  HD3  sing N N 29  
ARG NE  CZ   sing N N 30  
ARG NE  HE   sing N N 31  
ARG CZ  NH1  sing N N 32  
ARG CZ  NH2  doub N N 33  
ARG NH1 HH11 sing N N 34  
ARG NH1 HH12 sing N N 35  
ARG NH2 HH21 sing N N 36  
ARG NH2 HH22 sing N N 37  
ARG OXT HXT  sing N N 38  
ASN N   CA   sing N N 39  
ASN N   H    sing N N 40  
ASN N   H2   sing N N 41  
ASN CA  C    sing N N 42  
ASN CA  CB   sing N N 43  
ASN CA  HA   sing N N 44  
ASN C   O    doub N N 45  
ASN C   OXT  sing N N 46  
ASN CB  CG   sing N N 47  
ASN CB  HB2  sing N N 48  
ASN CB  HB3  sing N N 49  
ASN CG  OD1  doub N N 50  
ASN CG  ND2  sing N N 51  
ASN ND2 HD21 sing N N 52  
ASN ND2 HD22 sing N N 53  
ASN OXT HXT  sing N N 54  
ASP N   CA   sing N N 55  
ASP N   H    sing N N 56  
ASP N   H2   sing N N 57  
ASP CA  C    sing N N 58  
ASP CA  CB   sing N N 59  
ASP CA  HA   sing N N 60  
ASP C   O    doub N N 61  
ASP C   OXT  sing N N 62  
ASP CB  CG   sing N N 63  
ASP CB  HB2  sing N N 64  
ASP CB  HB3  sing N N 65  
ASP CG  OD1  doub N N 66  
ASP CG  OD2  sing N N 67  
ASP OD2 HD2  sing N N 68  
ASP OXT HXT  sing N N 69  
CYS N   CA   sing N N 70  
CYS N   H    sing N N 71  
CYS N   H2   sing N N 72  
CYS CA  C    sing N N 73  
CYS CA  CB   sing N N 74  
CYS CA  HA   sing N N 75  
CYS C   O    doub N N 76  
CYS C   OXT  sing N N 77  
CYS CB  SG   sing N N 78  
CYS CB  HB2  sing N N 79  
CYS CB  HB3  sing N N 80  
CYS SG  HG   sing N N 81  
CYS OXT HXT  sing N N 82  
GLN N   CA   sing N N 83  
GLN N   H    sing N N 84  
GLN N   H2   sing N N 85  
GLN CA  C    sing N N 86  
GLN CA  CB   sing N N 87  
GLN CA  HA   sing N N 88  
GLN C   O    doub N N 89  
GLN C   OXT  sing N N 90  
GLN CB  CG   sing N N 91  
GLN CB  HB2  sing N N 92  
GLN CB  HB3  sing N N 93  
GLN CG  CD   sing N N 94  
GLN CG  HG2  sing N N 95  
GLN CG  HG3  sing N N 96  
GLN CD  OE1  doub N N 97  
GLN CD  NE2  sing N N 98  
GLN NE2 HE21 sing N N 99  
GLN NE2 HE22 sing N N 100 
GLN OXT HXT  sing N N 101 
GLU N   CA   sing N N 102 
GLU N   H    sing N N 103 
GLU N   H2   sing N N 104 
GLU CA  C    sing N N 105 
GLU CA  CB   sing N N 106 
GLU CA  HA   sing N N 107 
GLU C   O    doub N N 108 
GLU C   OXT  sing N N 109 
GLU CB  CG   sing N N 110 
GLU CB  HB2  sing N N 111 
GLU CB  HB3  sing N N 112 
GLU CG  CD   sing N N 113 
GLU CG  HG2  sing N N 114 
GLU CG  HG3  sing N N 115 
GLU CD  OE1  doub N N 116 
GLU CD  OE2  sing N N 117 
GLU OE2 HE2  sing N N 118 
GLU OXT HXT  sing N N 119 
GLY N   CA   sing N N 120 
GLY N   H    sing N N 121 
GLY N   H2   sing N N 122 
GLY CA  C    sing N N 123 
GLY CA  HA2  sing N N 124 
GLY CA  HA3  sing N N 125 
GLY C   O    doub N N 126 
GLY C   OXT  sing N N 127 
GLY OXT HXT  sing N N 128 
HIS N   CA   sing N N 129 
HIS N   H    sing N N 130 
HIS N   H2   sing N N 131 
HIS CA  C    sing N N 132 
HIS CA  CB   sing N N 133 
HIS CA  HA   sing N N 134 
HIS C   O    doub N N 135 
HIS C   OXT  sing N N 136 
HIS CB  CG   sing N N 137 
HIS CB  HB2  sing N N 138 
HIS CB  HB3  sing N N 139 
HIS CG  ND1  sing Y N 140 
HIS CG  CD2  doub Y N 141 
HIS ND1 CE1  doub Y N 142 
HIS ND1 HD1  sing N N 143 
HIS CD2 NE2  sing Y N 144 
HIS CD2 HD2  sing N N 145 
HIS CE1 NE2  sing Y N 146 
HIS CE1 HE1  sing N N 147 
HIS NE2 HE2  sing N N 148 
HIS OXT HXT  sing N N 149 
HOH O   H1   sing N N 150 
HOH O   H2   sing N N 151 
ILE N   CA   sing N N 152 
ILE N   H    sing N N 153 
ILE N   H2   sing N N 154 
ILE CA  C    sing N N 155 
ILE CA  CB   sing N N 156 
ILE CA  HA   sing N N 157 
ILE C   O    doub N N 158 
ILE C   OXT  sing N N 159 
ILE CB  CG1  sing N N 160 
ILE CB  CG2  sing N N 161 
ILE CB  HB   sing N N 162 
ILE CG1 CD1  sing N N 163 
ILE CG1 HG12 sing N N 164 
ILE CG1 HG13 sing N N 165 
ILE CG2 HG21 sing N N 166 
ILE CG2 HG22 sing N N 167 
ILE CG2 HG23 sing N N 168 
ILE CD1 HD11 sing N N 169 
ILE CD1 HD12 sing N N 170 
ILE CD1 HD13 sing N N 171 
ILE OXT HXT  sing N N 172 
LEU N   CA   sing N N 173 
LEU N   H    sing N N 174 
LEU N   H2   sing N N 175 
LEU CA  C    sing N N 176 
LEU CA  CB   sing N N 177 
LEU CA  HA   sing N N 178 
LEU C   O    doub N N 179 
LEU C   OXT  sing N N 180 
LEU CB  CG   sing N N 181 
LEU CB  HB2  sing N N 182 
LEU CB  HB3  sing N N 183 
LEU CG  CD1  sing N N 184 
LEU CG  CD2  sing N N 185 
LEU CG  HG   sing N N 186 
LEU CD1 HD11 sing N N 187 
LEU CD1 HD12 sing N N 188 
LEU CD1 HD13 sing N N 189 
LEU CD2 HD21 sing N N 190 
LEU CD2 HD22 sing N N 191 
LEU CD2 HD23 sing N N 192 
LEU OXT HXT  sing N N 193 
LYS N   CA   sing N N 194 
LYS N   H    sing N N 195 
LYS N   H2   sing N N 196 
LYS CA  C    sing N N 197 
LYS CA  CB   sing N N 198 
LYS CA  HA   sing N N 199 
LYS C   O    doub N N 200 
LYS C   OXT  sing N N 201 
LYS CB  CG   sing N N 202 
LYS CB  HB2  sing N N 203 
LYS CB  HB3  sing N N 204 
LYS CG  CD   sing N N 205 
LYS CG  HG2  sing N N 206 
LYS CG  HG3  sing N N 207 
LYS CD  CE   sing N N 208 
LYS CD  HD2  sing N N 209 
LYS CD  HD3  sing N N 210 
LYS CE  NZ   sing N N 211 
LYS CE  HE2  sing N N 212 
LYS CE  HE3  sing N N 213 
LYS NZ  HZ1  sing N N 214 
LYS NZ  HZ2  sing N N 215 
LYS NZ  HZ3  sing N N 216 
LYS OXT HXT  sing N N 217 
MET N   CA   sing N N 218 
MET N   H    sing N N 219 
MET N   H2   sing N N 220 
MET CA  C    sing N N 221 
MET CA  CB   sing N N 222 
MET CA  HA   sing N N 223 
MET C   O    doub N N 224 
MET C   OXT  sing N N 225 
MET CB  CG   sing N N 226 
MET CB  HB2  sing N N 227 
MET CB  HB3  sing N N 228 
MET CG  SD   sing N N 229 
MET CG  HG2  sing N N 230 
MET CG  HG3  sing N N 231 
MET SD  CE   sing N N 232 
MET CE  HE1  sing N N 233 
MET CE  HE2  sing N N 234 
MET CE  HE3  sing N N 235 
MET OXT HXT  sing N N 236 
PHE N   CA   sing N N 237 
PHE N   H    sing N N 238 
PHE N   H2   sing N N 239 
PHE CA  C    sing N N 240 
PHE CA  CB   sing N N 241 
PHE CA  HA   sing N N 242 
PHE C   O    doub N N 243 
PHE C   OXT  sing N N 244 
PHE CB  CG   sing N N 245 
PHE CB  HB2  sing N N 246 
PHE CB  HB3  sing N N 247 
PHE CG  CD1  doub Y N 248 
PHE CG  CD2  sing Y N 249 
PHE CD1 CE1  sing Y N 250 
PHE CD1 HD1  sing N N 251 
PHE CD2 CE2  doub Y N 252 
PHE CD2 HD2  sing N N 253 
PHE CE1 CZ   doub Y N 254 
PHE CE1 HE1  sing N N 255 
PHE CE2 CZ   sing Y N 256 
PHE CE2 HE2  sing N N 257 
PHE CZ  HZ   sing N N 258 
PHE OXT HXT  sing N N 259 
PRO N   CA   sing N N 260 
PRO N   CD   sing N N 261 
PRO N   H    sing N N 262 
PRO CA  C    sing N N 263 
PRO CA  CB   sing N N 264 
PRO CA  HA   sing N N 265 
PRO C   O    doub N N 266 
PRO C   OXT  sing N N 267 
PRO CB  CG   sing N N 268 
PRO CB  HB2  sing N N 269 
PRO CB  HB3  sing N N 270 
PRO CG  CD   sing N N 271 
PRO CG  HG2  sing N N 272 
PRO CG  HG3  sing N N 273 
PRO CD  HD2  sing N N 274 
PRO CD  HD3  sing N N 275 
PRO OXT HXT  sing N N 276 
PTR N   CA   sing N N 277 
PTR N   H    sing N N 278 
PTR N   H2   sing N N 279 
PTR CA  C    sing N N 280 
PTR CA  CB   sing N N 281 
PTR CA  HA   sing N N 282 
PTR C   O    doub N N 283 
PTR C   OXT  sing N N 284 
PTR OXT HXT  sing N N 285 
PTR CB  CG   sing N N 286 
PTR CB  HB2  sing N N 287 
PTR CB  HB3  sing N N 288 
PTR CG  CD1  doub Y N 289 
PTR CG  CD2  sing Y N 290 
PTR CD1 CE1  sing Y N 291 
PTR CD1 HD1  sing N N 292 
PTR CD2 CE2  doub Y N 293 
PTR CD2 HD2  sing N N 294 
PTR CE1 CZ   doub Y N 295 
PTR CE1 HE1  sing N N 296 
PTR CE2 CZ   sing Y N 297 
PTR CE2 HE2  sing N N 298 
PTR CZ  OH   sing N N 299 
PTR OH  P    sing N N 300 
PTR P   O1P  doub N N 301 
PTR P   O2P  sing N N 302 
PTR P   O3P  sing N N 303 
PTR O2P HO2P sing N N 304 
PTR O3P HO3P sing N N 305 
SER N   CA   sing N N 306 
SER N   H    sing N N 307 
SER N   H2   sing N N 308 
SER CA  C    sing N N 309 
SER CA  CB   sing N N 310 
SER CA  HA   sing N N 311 
SER C   O    doub N N 312 
SER C   OXT  sing N N 313 
SER CB  OG   sing N N 314 
SER CB  HB2  sing N N 315 
SER CB  HB3  sing N N 316 
SER OG  HG   sing N N 317 
SER OXT HXT  sing N N 318 
THR N   CA   sing N N 319 
THR N   H    sing N N 320 
THR N   H2   sing N N 321 
THR CA  C    sing N N 322 
THR CA  CB   sing N N 323 
THR CA  HA   sing N N 324 
THR C   O    doub N N 325 
THR C   OXT  sing N N 326 
THR CB  OG1  sing N N 327 
THR CB  CG2  sing N N 328 
THR CB  HB   sing N N 329 
THR OG1 HG1  sing N N 330 
THR CG2 HG21 sing N N 331 
THR CG2 HG22 sing N N 332 
THR CG2 HG23 sing N N 333 
THR OXT HXT  sing N N 334 
TRP N   CA   sing N N 335 
TRP N   H    sing N N 336 
TRP N   H2   sing N N 337 
TRP CA  C    sing N N 338 
TRP CA  CB   sing N N 339 
TRP CA  HA   sing N N 340 
TRP C   O    doub N N 341 
TRP C   OXT  sing N N 342 
TRP CB  CG   sing N N 343 
TRP CB  HB2  sing N N 344 
TRP CB  HB3  sing N N 345 
TRP CG  CD1  doub Y N 346 
TRP CG  CD2  sing Y N 347 
TRP CD1 NE1  sing Y N 348 
TRP CD1 HD1  sing N N 349 
TRP CD2 CE2  doub Y N 350 
TRP CD2 CE3  sing Y N 351 
TRP NE1 CE2  sing Y N 352 
TRP NE1 HE1  sing N N 353 
TRP CE2 CZ2  sing Y N 354 
TRP CE3 CZ3  doub Y N 355 
TRP CE3 HE3  sing N N 356 
TRP CZ2 CH2  doub Y N 357 
TRP CZ2 HZ2  sing N N 358 
TRP CZ3 CH2  sing Y N 359 
TRP CZ3 HZ3  sing N N 360 
TRP CH2 HH2  sing N N 361 
TRP OXT HXT  sing N N 362 
TYR N   CA   sing N N 363 
TYR N   H    sing N N 364 
TYR N   H2   sing N N 365 
TYR CA  C    sing N N 366 
TYR CA  CB   sing N N 367 
TYR CA  HA   sing N N 368 
TYR C   O    doub N N 369 
TYR C   OXT  sing N N 370 
TYR CB  CG   sing N N 371 
TYR CB  HB2  sing N N 372 
TYR CB  HB3  sing N N 373 
TYR CG  CD1  doub Y N 374 
TYR CG  CD2  sing Y N 375 
TYR CD1 CE1  sing Y N 376 
TYR CD1 HD1  sing N N 377 
TYR CD2 CE2  doub Y N 378 
TYR CD2 HD2  sing N N 379 
TYR CE1 CZ   doub Y N 380 
TYR CE1 HE1  sing N N 381 
TYR CE2 CZ   sing Y N 382 
TYR CE2 HE2  sing N N 383 
TYR CZ  OH   sing N N 384 
TYR OH  HH   sing N N 385 
TYR OXT HXT  sing N N 386 
VAL N   CA   sing N N 387 
VAL N   H    sing N N 388 
VAL N   H2   sing N N 389 
VAL CA  C    sing N N 390 
VAL CA  CB   sing N N 391 
VAL CA  HA   sing N N 392 
VAL C   O    doub N N 393 
VAL C   OXT  sing N N 394 
VAL CB  CG1  sing N N 395 
VAL CB  CG2  sing N N 396 
VAL CB  HB   sing N N 397 
VAL CG1 HG11 sing N N 398 
VAL CG1 HG12 sing N N 399 
VAL CG1 HG13 sing N N 400 
VAL CG2 HG21 sing N N 401 
VAL CG2 HG22 sing N N 402 
VAL CG2 HG23 sing N N 403 
VAL OXT HXT  sing N N 404 
# 
_pdbx_initial_refinement_model.id               1 
_pdbx_initial_refinement_model.entity_id_list   ? 
_pdbx_initial_refinement_model.type             'experimental model' 
_pdbx_initial_refinement_model.source_name      PDB 
_pdbx_initial_refinement_model.accession_code   3EQY 
_pdbx_initial_refinement_model.details          ? 
# 
_atom_sites.entry_id                    4RXZ 
_atom_sites.fract_transf_matrix[1][1]   0.02702121 
_atom_sites.fract_transf_matrix[1][2]   0.02528747 
_atom_sites.fract_transf_matrix[1][3]   0.00622223 
_atom_sites.fract_transf_matrix[2][1]   0.02250295 
_atom_sites.fract_transf_matrix[2][2]   -0.01266950 
_atom_sites.fract_transf_matrix[2][3]   -0.00169114 
_atom_sites.fract_transf_matrix[3][1]   0.00956067 
_atom_sites.fract_transf_matrix[3][2]   0.00547041 
_atom_sites.fract_transf_matrix[3][3]   -0.02089545 
_atom_sites.fract_transf_vector[1]      0.981281 
_atom_sites.fract_transf_vector[2]      0.661227 
_atom_sites.fract_transf_vector[3]      0.316751 
# 
loop_
_atom_type.symbol 
C 
N 
O 
P 
S 
# 
loop_
_atom_site.group_PDB 
_atom_site.id 
_atom_site.type_symbol 
_atom_site.label_atom_id 
_atom_site.label_alt_id 
_atom_site.label_comp_id 
_atom_site.label_asym_id 
_atom_site.label_entity_id 
_atom_site.label_seq_id 
_atom_site.pdbx_PDB_ins_code 
_atom_site.Cartn_x 
_atom_site.Cartn_y 
_atom_site.Cartn_z 
_atom_site.occupancy 
_atom_site.B_iso_or_equiv 
_atom_site.pdbx_formal_charge 
_atom_site.auth_seq_id 
_atom_site.auth_comp_id 
_atom_site.auth_asym_id 
_atom_site.auth_atom_id 
_atom_site.pdbx_PDB_model_num 
ATOM   1    N N   . ASN A 1 2  ? -5.089  -9.856  21.374  1.00 59.14  ? 25  ASN A N   1 
ATOM   2    C CA  . ASN A 1 2  ? -5.927  -11.035 20.897  1.00 56.73  ? 25  ASN A CA  1 
ATOM   3    C C   . ASN A 1 2  ? -5.984  -11.089 19.362  1.00 51.13  ? 25  ASN A C   1 
ATOM   4    O O   . ASN A 1 2  ? -5.702  -10.066 18.690  1.00 42.50  ? 25  ASN A O   1 
ATOM   5    C CB  . ASN A 1 2  ? -7.364  -11.004 21.492  1.00 56.85  ? 25  ASN A CB  1 
ATOM   6    C CG  . ASN A 1 2  ? -7.469  -11.693 22.870  1.00 61.63  ? 25  ASN A CG  1 
ATOM   7    O OD1 . ASN A 1 2  ? -8.519  -12.252 23.211  1.00 59.96  ? 25  ASN A OD1 1 
ATOM   8    N ND2 . ASN A 1 2  ? -6.391  -11.654 23.660  1.00 58.47  ? 25  ASN A ND2 1 
ATOM   9    N N   . GLN A 1 3  ? -6.341  -12.257 18.824  1.00 38.19  ? 26  GLN A N   1 
ATOM   10   C CA  . GLN A 1 3  ? -6.428  -12.451 17.357  1.00 41.95  ? 26  GLN A CA  1 
ATOM   11   C C   . GLN A 1 3  ? -7.795  -12.944 16.911  1.00 42.74  ? 26  GLN A C   1 
ATOM   12   O O   . GLN A 1 3  ? -8.443  -13.686 17.630  1.00 40.52  ? 26  GLN A O   1 
ATOM   13   C CB  . GLN A 1 3  ? -5.362  -13.427 16.879  1.00 34.22  ? 26  GLN A CB  1 
ATOM   14   C CG  . GLN A 1 3  ? -3.957  -12.824 16.886  1.00 33.28  ? 26  GLN A CG  1 
ATOM   15   C CD  . GLN A 1 3  ? -2.937  -13.584 16.057  1.00 33.46  ? 26  GLN A CD  1 
ATOM   16   O OE1 . GLN A 1 3  ? -3.259  -14.379 15.162  1.00 38.95  ? 26  GLN A OE1 1 
ATOM   17   N NE2 . GLN A 1 3  ? -1.674  -13.346 16.354  1.00 38.78  ? 26  GLN A NE2 1 
ATOM   18   N N   . VAL A 1 4  ? -8.225  -12.543 15.704  1.00 35.65  ? 27  VAL A N   1 
ATOM   19   C CA  . VAL A 1 4  ? -9.546  -12.886 15.178  1.00 32.52  ? 27  VAL A CA  1 
ATOM   20   C C   . VAL A 1 4  ? -9.439  -13.672 13.867  1.00 29.92  ? 27  VAL A C   1 
ATOM   21   O O   . VAL A 1 4  ? -8.358  -13.732 13.251  1.00 27.32  ? 27  VAL A O   1 
ATOM   22   C CB  . VAL A 1 4  ? -10.353 -11.609 14.919  1.00 34.42  ? 27  VAL A CB  1 
ATOM   23   C CG1 . VAL A 1 4  ? -10.561 -10.820 16.193  1.00 40.27  ? 27  VAL A CG1 1 
ATOM   24   C CG2 . VAL A 1 4  ? -9.656  -10.738 13.891  1.00 32.89  ? 27  VAL A CG2 1 
ATOM   25   N N   . ARG A 1 5  ? -10.552 -14.282 13.453  1.00 29.11  ? 28  ARG A N   1 
ATOM   26   C CA  . ARG A 1 5  ? -10.669 -15.124 12.293  1.00 27.86  ? 28  ARG A CA  1 
ATOM   27   C C   . ARG A 1 5  ? -11.679 -14.536 11.330  1.00 29.91  ? 28  ARG A C   1 
ATOM   28   O O   . ARG A 1 5  ? -12.893 -14.594 11.547  1.00 29.38  ? 28  ARG A O   1 
ATOM   29   C CB  . ARG A 1 5  ? -11.108 -16.544 12.668  1.00 36.71  ? 28  ARG A CB  1 
ATOM   30   C CG  . ARG A 1 5  ? -9.974  -17.345 13.286  1.00 42.26  ? 28  ARG A CG  1 
ATOM   31   C CD  . ARG A 1 5  ? -10.482 -18.045 14.550  1.00 51.48  ? 28  ARG A CD  1 
ATOM   32   N NE  . ARG A 1 5  ? -11.410 -19.086 14.141  1.00 46.74  ? 28  ARG A NE  1 
ATOM   33   C CZ  . ARG A 1 5  ? -12.416 -19.579 14.866  1.00 48.64  ? 28  ARG A CZ  1 
ATOM   34   N NH1 . ARG A 1 5  ? -12.703 -19.144 16.101  1.00 51.09  ? 28  ARG A NH1 1 
ATOM   35   N NH2 . ARG A 1 5  ? -13.145 -20.529 14.303  1.00 44.23  ? 28  ARG A NH2 1 
ATOM   36   N N   . PRO A 1 6  ? -11.174 -13.943 10.245  1.00 25.93  ? 29  PRO A N   1 
ATOM   37   C CA  . PRO A 1 6  ? -12.097 -13.432 9.276   1.00 25.95  ? 29  PRO A CA  1 
ATOM   38   C C   . PRO A 1 6  ? -12.867 -14.494 8.557   1.00 26.55  ? 29  PRO A C   1 
ATOM   39   O O   . PRO A 1 6  ? -12.293 -15.481 8.117   1.00 29.66  ? 29  PRO A O   1 
ATOM   40   C CB  . PRO A 1 6  ? -11.177 -12.727 8.279   1.00 24.48  ? 29  PRO A CB  1 
ATOM   41   C CG  . PRO A 1 6  ? -10.032 -12.285 9.075   1.00 27.41  ? 29  PRO A CG  1 
ATOM   42   C CD  . PRO A 1 6  ? -9.814  -13.441 10.042  1.00 27.42  ? 29  PRO A CD  1 
ATOM   43   N N   . LYS A 1 7  ? -14.166 -14.242 8.353   1.00 26.21  ? 30  LYS A N   1 
ATOM   44   C CA  . LYS A 1 7  ? -14.964 -15.031 7.460   1.00 26.95  ? 30  LYS A CA  1 
ATOM   45   C C   . LYS A 1 7  ? -14.485 -14.996 6.006   1.00 27.76  ? 30  LYS A C   1 
ATOM   46   O O   . LYS A 1 7  ? -13.829 -14.036 5.546   1.00 27.35  ? 30  LYS A O   1 
ATOM   47   C CB  . LYS A 1 7  ? -16.421 -14.596 7.564   1.00 29.11  ? 30  LYS A CB  1 
ATOM   48   C CG  . LYS A 1 7  ? -16.968 -15.006 8.939   1.00 31.58  ? 30  LYS A CG  1 
ATOM   49   C CD  . LYS A 1 7  ? -18.489 -14.849 9.025   1.00 33.64  ? 30  LYS A CD  1 
ATOM   50   C CE  . LYS A 1 7  ? -18.946 -14.726 10.463  1.00 38.65  ? 30  LYS A CE  1 
ATOM   51   N NZ  . LYS A 1 7  ? -20.436 -14.592 10.464  1.00 38.87  ? 30  LYS A NZ  1 
ATOM   52   N N   . LEU A 1 8  ? -14.849 -16.019 5.236   1.00 28.07  ? 31  LEU A N   1 
ATOM   53   C CA  . LEU A 1 8  ? -14.320 -16.172 3.834   1.00 28.61  ? 31  LEU A CA  1 
ATOM   54   C C   . LEU A 1 8  ? -14.239 -14.907 2.928   1.00 27.05  ? 31  LEU A C   1 
ATOM   55   O O   . LEU A 1 8  ? -13.152 -14.609 2.414   1.00 26.61  ? 31  LEU A O   1 
ATOM   56   C CB  . LEU A 1 8  ? -15.157 -17.228 3.076   1.00 32.17  ? 31  LEU A CB  1 
ATOM   57   C CG  . LEU A 1 8  ? -14.789 -17.431 1.593   1.00 35.90  ? 31  LEU A CG  1 
ATOM   58   C CD1 . LEU A 1 8  ? -13.552 -18.310 1.594   1.00 38.28  ? 31  LEU A CD1 1 
ATOM   59   C CD2 . LEU A 1 8  ? -15.947 -17.971 0.748   1.00 40.75  ? 31  LEU A CD2 1 
ATOM   60   N N   . PRO A 1 9  ? -15.361 -14.215 2.677   1.00 25.23  ? 32  PRO A N   1 
ATOM   61   C CA  . PRO A 1 9  ? -15.236 -13.111 1.743   1.00 24.71  ? 32  PRO A CA  1 
ATOM   62   C C   . PRO A 1 9  ? -14.306 -12.025 2.285   1.00 22.32  ? 32  PRO A C   1 
ATOM   63   O O   . PRO A 1 9  ? -13.562 -11.433 1.440   1.00 23.14  ? 32  PRO A O   1 
ATOM   64   C CB  . PRO A 1 9  ? -16.683 -12.615 1.580   1.00 25.54  ? 32  PRO A CB  1 
ATOM   65   C CG  . PRO A 1 9  ? -17.317 -13.030 2.832   1.00 25.50  ? 32  PRO A CG  1 
ATOM   66   C CD  . PRO A 1 9  ? -16.774 -14.380 3.069   1.00 27.02  ? 32  PRO A CD  1 
ATOM   67   N N   . LEU A 1 10 ? -14.302 -11.793 3.601   1.00 22.71  ? 33  LEU A N   1 
ATOM   68   C CA  . LEU A 1 10 ? -13.325 -10.855 4.214   1.00 23.45  ? 33  LEU A CA  1 
ATOM   69   C C   . LEU A 1 10 ? -11.909 -11.413 4.093   1.00 21.67  ? 33  LEU A C   1 
ATOM   70   O O   . LEU A 1 10 ? -10.969 -10.717 3.716   1.00 20.71  ? 33  LEU A O   1 
ATOM   71   C CB  . LEU A 1 10 ? -13.606 -10.507 5.662   1.00 22.79  ? 33  LEU A CB  1 
ATOM   72   C CG  . LEU A 1 10 ? -12.655 -9.479  6.313   1.00 23.02  ? 33  LEU A CG  1 
ATOM   73   C CD1 . LEU A 1 10 ? -12.609 -8.181  5.489   1.00 22.14  ? 33  LEU A CD1 1 
ATOM   74   C CD2 . LEU A 1 10 ? -13.137 -9.119  7.705   1.00 22.65  ? 33  LEU A CD2 1 
ATOM   75   N N   . LEU A 1 11 ? -11.721 -12.695 4.333   1.00 22.07  ? 34  LEU A N   1 
ATOM   76   C CA  . LEU A 1 11 ? -10.404 -13.246 4.202   1.00 22.69  ? 34  LEU A CA  1 
ATOM   77   C C   . LEU A 1 11 ? -9.888  -13.116 2.737   1.00 21.32  ? 34  LEU A C   1 
ATOM   78   O O   . LEU A 1 11 ? -8.688  -12.831 2.518   1.00 23.33  ? 34  LEU A O   1 
ATOM   79   C CB  . LEU A 1 11 ? -10.388 -14.734 4.606   1.00 26.03  ? 34  LEU A CB  1 
ATOM   80   C CG  . LEU A 1 11 ? -9.021  -15.332 4.866   1.00 30.60  ? 34  LEU A CG  1 
ATOM   81   C CD1 . LEU A 1 11 ? -8.354  -14.656 6.026   1.00 30.60  ? 34  LEU A CD1 1 
ATOM   82   C CD2 . LEU A 1 11 ? -9.174  -16.826 5.137   1.00 35.91  ? 34  LEU A CD2 1 
ATOM   83   N N   . LYS A 1 12 ? -10.767 -13.297 1.750   1.00 21.60  ? 35  LYS A N   1 
ATOM   84   C CA  . LYS A 1 12 ? -10.392 -13.148 0.346   1.00 22.44  ? 35  LYS A CA  1 
ATOM   85   C C   . LYS A 1 12 ? -9.893  -11.719 0.049   1.00 24.25  ? 35  LYS A C   1 
ATOM   86   O O   . LYS A 1 12 ? -8.924  -11.570 -0.688  1.00 23.91  ? 35  LYS A O   1 
ATOM   87   C CB  . LYS A 1 12 ? -11.538 -13.477 -0.557  1.00 27.02  ? 35  LYS A CB  1 
ATOM   88   C CG  . LYS A 1 12 ? -11.910 -14.954 -0.546  1.00 28.98  ? 35  LYS A CG  1 
ATOM   89   C CD  . LYS A 1 12 ? -10.922 -15.819 -1.315  1.00 35.21  ? 35  LYS A CD  1 
ATOM   90   C CE  . LYS A 1 12 ? -11.349 -17.312 -1.436  1.00 35.18  ? 35  LYS A CE  1 
ATOM   91   N NZ  . LYS A 1 12 ? -10.112 -18.075 -1.750  1.00 38.97  ? 35  LYS A NZ  1 
ATOM   92   N N   . ILE A 1 13 ? -10.583 -10.737 0.601   1.00 20.66  ? 36  ILE A N   1 
ATOM   93   C CA  . ILE A 1 13 ? -10.164 -9.277  0.526   1.00 19.77  ? 36  ILE A CA  1 
ATOM   94   C C   . ILE A 1 13 ? -8.757  -9.066  1.132   1.00 20.63  ? 36  ILE A C   1 
ATOM   95   O O   . ILE A 1 13 ? -7.818  -8.477  0.484   1.00 21.62  ? 36  ILE A O   1 
ATOM   96   C CB  . ILE A 1 13 ? -11.255 -8.385  1.121   1.00 20.87  ? 36  ILE A CB  1 
ATOM   97   C CG1 . ILE A 1 13 ? -12.409 -8.306  0.097   1.00 22.63  ? 36  ILE A CG1 1 
ATOM   98   C CG2 . ILE A 1 13 ? -10.689 -6.994  1.487   1.00 21.22  ? 36  ILE A CG2 1 
ATOM   99   C CD1 . ILE A 1 13 ? -13.637 -7.662  0.665   1.00 27.79  ? 36  ILE A CD1 1 
ATOM   100  N N   . LEU A 1 14 ? -8.540  -9.588  2.330   1.00 19.17  ? 37  LEU A N   1 
ATOM   101  C CA  . LEU A 1 14 ? -7.261  -9.391  3.018   1.00 19.51  ? 37  LEU A CA  1 
ATOM   102  C C   . LEU A 1 14 ? -6.105  -10.080 2.269   1.00 20.34  ? 37  LEU A C   1 
ATOM   103  O O   . LEU A 1 14 ? -5.059  -9.522  2.075   1.00 21.38  ? 37  LEU A O   1 
ATOM   104  C CB  . LEU A 1 14 ? -7.317  -9.919  4.434   1.00 21.29  ? 37  LEU A CB  1 
ATOM   105  C CG  . LEU A 1 14 ? -8.436  -9.379  5.313   1.00 20.90  ? 37  LEU A CG  1 
ATOM   106  C CD1 . LEU A 1 14 ? -8.318  -9.994  6.727   1.00 24.04  ? 37  LEU A CD1 1 
ATOM   107  C CD2 . LEU A 1 14 ? -8.392  -7.824  5.337   1.00 21.81  ? 37  LEU A CD2 1 
ATOM   108  N N   . HIS A 1 15 ? -6.359  -11.293 1.752   1.00 20.29  ? 38  HIS A N   1 
ATOM   109  C CA  . HIS A 1 15 ? -5.369  -11.989 1.001   1.00 22.82  ? 38  HIS A CA  1 
ATOM   110  C C   . HIS A 1 15 ? -5.045  -11.262 -0.319  1.00 20.41  ? 38  HIS A C   1 
ATOM   111  O O   . HIS A 1 15 ? -3.868  -11.249 -0.719  1.00 23.76  ? 38  HIS A O   1 
ATOM   112  C CB  . HIS A 1 15 ? -5.863  -13.365 0.654   1.00 23.32  ? 38  HIS A CB  1 
ATOM   113  C CG  . HIS A 1 15 ? -5.839  -14.320 1.798   1.00 26.14  ? 38  HIS A CG  1 
ATOM   114  N ND1 . HIS A 1 15 ? -6.380  -15.598 1.682   1.00 30.68  ? 38  HIS A ND1 1 
ATOM   115  C CD2 . HIS A 1 15 ? -5.360  -14.228 3.054   1.00 27.94  ? 38  HIS A CD2 1 
ATOM   116  C CE1 . HIS A 1 15 ? -6.200  -16.252 2.821   1.00 31.13  ? 38  HIS A CE1 1 
ATOM   117  N NE2 . HIS A 1 15 ? -5.630  -15.430 3.689   1.00 31.05  ? 38  HIS A NE2 1 
ATOM   118  N N   . ALA A 1 16 ? -6.062  -10.682 -0.949  1.00 22.23  ? 39  ALA A N   1 
ATOM   119  C CA  . ALA A 1 16 ? -5.854  -9.868  -2.137  1.00 23.38  ? 39  ALA A CA  1 
ATOM   120  C C   . ALA A 1 16 ? -4.936  -8.673  -1.869  1.00 23.91  ? 39  ALA A C   1 
ATOM   121  O O   . ALA A 1 16 ? -4.209  -8.223  -2.783  1.00 27.04  ? 39  ALA A O   1 
ATOM   122  C CB  . ALA A 1 16 ? -7.163  -9.374  -2.726  1.00 24.53  ? 39  ALA A CB  1 
ATOM   123  N N   . ALA A 1 17 ? -4.914  -8.203  -0.651  1.00 23.54  ? 40  ALA A N   1 
ATOM   124  C CA  . ALA A 1 17 ? -4.011  -7.138  -0.245  1.00 22.43  ? 40  ALA A CA  1 
ATOM   125  C C   . ALA A 1 17 ? -2.675  -7.599  0.334   1.00 23.88  ? 40  ALA A C   1 
ATOM   126  O O   . ALA A 1 17 ? -1.883  -6.765  0.812   1.00 25.59  ? 40  ALA A O   1 
ATOM   127  C CB  . ALA A 1 17 ? -4.728  -6.280  0.756   1.00 26.05  ? 40  ALA A CB  1 
ATOM   128  N N   . GLY A 1 18 ? -2.419  -8.897  0.265   1.00 23.98  ? 41  GLY A N   1 
ATOM   129  C CA  . GLY A 1 18 ? -1.106  -9.457  0.646   1.00 23.07  ? 41  GLY A CA  1 
ATOM   130  C C   . GLY A 1 18 ? -1.031  -10.156 1.973   1.00 25.82  ? 41  GLY A C   1 
ATOM   131  O O   . GLY A 1 18 ? 0.053   -10.613 2.384   1.00 25.87  ? 41  GLY A O   1 
ATOM   132  N N   . ALA A 1 19 ? -2.140  -10.265 2.685   1.00 24.12  ? 42  ALA A N   1 
ATOM   133  C CA  . ALA A 1 19 ? -2.143  -10.924 3.949   1.00 25.21  ? 42  ALA A CA  1 
ATOM   134  C C   . ALA A 1 19 ? -1.965  -12.445 3.707   1.00 27.50  ? 42  ALA A C   1 
ATOM   135  O O   . ALA A 1 19 ? -2.332  -12.965 2.670   1.00 27.89  ? 42  ALA A O   1 
ATOM   136  C CB  . ALA A 1 19 ? -3.478  -10.667 4.669   1.00 26.60  ? 42  ALA A CB  1 
ATOM   137  N N   . GLN A 1 20 ? -1.375  -13.102 4.705   1.00 31.31  ? 43  GLN A N   1 
ATOM   138  C CA  . GLN A 1 20 ? -1.203  -14.578 4.715   1.00 35.40  ? 43  GLN A CA  1 
ATOM   139  C C   . GLN A 1 20 ? -1.881  -15.176 5.928   1.00 28.00  ? 43  GLN A C   1 
ATOM   140  O O   . GLN A 1 20 ? -1.748  -14.641 7.022   1.00 29.02  ? 43  GLN A O   1 
ATOM   141  C CB  . GLN A 1 20 ? 0.293   -14.933 4.855   1.00 37.70  ? 43  GLN A CB  1 
ATOM   142  C CG  . GLN A 1 20 ? 0.951   -14.550 6.205   1.00 50.82  ? 43  GLN A CG  1 
ATOM   143  C CD  . GLN A 1 20 ? 1.310   -15.726 7.166   1.00 63.70  ? 43  GLN A CD  1 
ATOM   144  O OE1 . GLN A 1 20 ? 0.647   -16.780 7.207   1.00 71.22  ? 43  GLN A OE1 1 
ATOM   145  N NE2 . GLN A 1 20 ? 2.373   -15.526 7.957   1.00 67.43  ? 43  GLN A NE2 1 
ATOM   146  N N   . GLY A 1 21 ? -2.522  -16.318 5.769   1.00 33.68  ? 44  GLY A N   1 
ATOM   147  C CA  . GLY A 1 21 ? -2.964  -17.049 6.933   1.00 33.81  ? 44  GLY A CA  1 
ATOM   148  C C   . GLY A 1 21 ? -4.425  -16.726 7.218   1.00 34.19  ? 44  GLY A C   1 
ATOM   149  O O   . GLY A 1 21 ? -5.102  -16.049 6.426   1.00 31.31  ? 44  GLY A O   1 
ATOM   150  N N   . GLU A 1 22 ? -4.911  -17.270 8.322   1.00 34.13  ? 45  GLU A N   1 
ATOM   151  C CA  . GLU A 1 22 ? -6.341  -17.244 8.653   1.00 35.32  ? 45  GLU A CA  1 
ATOM   152  C C   . GLU A 1 22 ? -6.634  -16.432 9.914   1.00 28.51  ? 45  GLU A C   1 
ATOM   153  O O   . GLU A 1 22 ? -7.807  -16.084 10.161  1.00 30.52  ? 45  GLU A O   1 
ATOM   154  C CB  . GLU A 1 22 ? -6.881  -18.684 8.771   1.00 43.44  ? 45  GLU A CB  1 
ATOM   155  C CG  . GLU A 1 22 ? -6.448  -19.605 7.614   1.00 53.84  ? 45  GLU A CG  1 
ATOM   156  C CD  . GLU A 1 22 ? -5.108  -20.362 7.862   1.00 65.17  ? 45  GLU A CD  1 
ATOM   157  O OE1 . GLU A 1 22 ? -4.831  -20.754 9.019   1.00 74.18  ? 45  GLU A OE1 1 
ATOM   158  O OE2 . GLU A 1 22 ? -4.324  -20.606 6.899   1.00 68.96  ? 45  GLU A OE2 1 
ATOM   159  N N   . MET A 1 23 ? -5.609  -16.091 10.724  1.00 27.61  ? 46  MET A N   1 
ATOM   160  C CA  . MET A 1 23 ? -5.804  -15.286 11.946  1.00 27.20  ? 46  MET A CA  1 
ATOM   161  C C   . MET A 1 23 ? -4.958  -14.040 11.999  1.00 25.97  ? 46  MET A C   1 
ATOM   162  O O   . MET A 1 23 ? -3.802  -14.051 11.641  1.00 28.68  ? 46  MET A O   1 
ATOM   163  C CB  . MET A 1 23 ? -5.513  -16.152 13.220  1.00 32.24  ? 46  MET A CB  1 
ATOM   164  C CG  . MET A 1 23 ? -6.427  -17.345 13.315  1.00 35.63  ? 46  MET A CG  1 
ATOM   165  S SD  . MET A 1 23 ? -6.392  -18.185 14.931  1.00 43.77  ? 46  MET A SD  1 
ATOM   166  C CE  . MET A 1 23 ? -7.060  -16.917 15.998  1.00 38.00  ? 46  MET A CE  1 
ATOM   167  N N   . PHE A 1 24 ? -5.525  -12.991 12.532  1.00 25.39  ? 47  PHE A N   1 
ATOM   168  C CA  . PHE A 1 24 ? -4.927  -11.682 12.537  1.00 25.77  ? 47  PHE A CA  1 
ATOM   169  C C   . PHE A 1 24 ? -5.307  -10.884 13.781  1.00 26.20  ? 47  PHE A C   1 
ATOM   170  O O   . PHE A 1 24 ? -6.416  -11.023 14.298  1.00 29.35  ? 47  PHE A O   1 
ATOM   171  C CB  . PHE A 1 24 ? -5.518  -10.972 11.304  1.00 23.22  ? 47  PHE A CB  1 
ATOM   172  C CG  . PHE A 1 24 ? -5.209  -11.635 10.001  1.00 25.09  ? 47  PHE A CG  1 
ATOM   173  C CD1 . PHE A 1 24 ? -3.985  -11.470 9.377   1.00 26.95  ? 47  PHE A CD1 1 
ATOM   174  C CD2 . PHE A 1 24 ? -6.127  -12.435 9.407   1.00 24.05  ? 47  PHE A CD2 1 
ATOM   175  C CE1 . PHE A 1 24 ? -3.695  -12.113 8.177   1.00 27.28  ? 47  PHE A CE1 1 
ATOM   176  C CE2 . PHE A 1 24 ? -5.851  -13.108 8.240   1.00 26.85  ? 47  PHE A CE2 1 
ATOM   177  C CZ  . PHE A 1 24 ? -4.634  -12.972 7.624   1.00 27.52  ? 47  PHE A CZ  1 
ATOM   178  N N   . THR A 1 25 ? -4.450  -9.972  14.220  1.00 28.68  ? 48  THR A N   1 
ATOM   179  C CA  . THR A 1 25 ? -4.892  -8.947  15.143  1.00 32.36  ? 48  THR A CA  1 
ATOM   180  C C   . THR A 1 25 ? -5.884  -7.979  14.406  1.00 32.40  ? 48  THR A C   1 
ATOM   181  O O   . THR A 1 25 ? -5.862  -7.899  13.159  1.00 30.12  ? 48  THR A O   1 
ATOM   182  C CB  . THR A 1 25 ? -3.760  -8.124  15.701  1.00 33.75  ? 48  THR A CB  1 
ATOM   183  O OG1 . THR A 1 25 ? -3.047  -7.456  14.621  1.00 35.75  ? 48  THR A OG1 1 
ATOM   184  C CG2 . THR A 1 25 ? -2.816  -9.058  16.479  1.00 35.78  ? 48  THR A CG2 1 
ATOM   185  N N   . VAL A 1 26 ? -6.745  -7.314  15.146  1.00 28.14  ? 49  VAL A N   1 
ATOM   186  C CA  . VAL A 1 26 ? -7.663  -6.334  14.513  1.00 30.98  ? 49  VAL A CA  1 
ATOM   187  C C   . VAL A 1 26 ? -6.832  -5.254  13.839  1.00 33.64  ? 49  VAL A C   1 
ATOM   188  O O   . VAL A 1 26 ? -7.134  -4.834  12.727  1.00 29.81  ? 49  VAL A O   1 
ATOM   189  C CB  . VAL A 1 26 ? -8.648  -5.718  15.514  1.00 38.27  ? 49  VAL A CB  1 
ATOM   190  C CG1 . VAL A 1 26 ? -9.480  -4.632  14.846  1.00 40.88  ? 49  VAL A CG1 1 
ATOM   191  C CG2 . VAL A 1 26 ? -9.581  -6.791  16.067  1.00 37.83  ? 49  VAL A CG2 1 
ATOM   192  N N   . LYS A 1 27 ? -5.751  -4.838  14.485  1.00 32.75  ? 50  LYS A N   1 
ATOM   193  C CA  . LYS A 1 27 ? -4.791  -3.921  13.854  1.00 34.48  ? 50  LYS A CA  1 
ATOM   194  C C   . LYS A 1 27 ? -4.305  -4.411  12.470  1.00 29.16  ? 50  LYS A C   1 
ATOM   195  O O   . LYS A 1 27 ? -4.245  -3.648  11.504  1.00 27.50  ? 50  LYS A O   1 
ATOM   196  C CB  . LYS A 1 27 ? -3.603  -3.753  14.803  1.00 38.04  ? 50  LYS A CB  1 
ATOM   197  C CG  . LYS A 1 27 ? -2.382  -3.082  14.232  1.00 44.86  ? 50  LYS A CG  1 
ATOM   198  C CD  . LYS A 1 27 ? -1.606  -2.410  15.386  1.00 50.66  ? 50  LYS A CD  1 
ATOM   199  C CE  . LYS A 1 27 ? -0.100  -2.407  15.154  1.00 53.10  ? 50  LYS A CE  1 
ATOM   200  N NZ  . LYS A 1 27 ? 0.297   -2.353  13.728  1.00 56.26  ? 50  LYS A NZ  1 
ATOM   201  N N   . GLU A 1 28 ? -3.990  -5.671  12.314  1.00 27.62  ? 51  GLU A N   1 
ATOM   202  C CA  . GLU A 1 28 ? -3.631  -6.071  11.000  1.00 32.41  ? 51  GLU A CA  1 
ATOM   203  C C   . GLU A 1 28 ? -4.779  -6.229  10.044  1.00 26.74  ? 51  GLU A C   1 
ATOM   204  O O   . GLU A 1 28 ? -4.586  -5.978  8.865   1.00 24.93  ? 51  GLU A O   1 
ATOM   205  C CB  . GLU A 1 28 ? -2.677  -7.186  10.961  1.00 43.12  ? 51  GLU A CB  1 
ATOM   206  C CG  . GLU A 1 28 ? -3.118  -8.454  11.488  1.00 45.32  ? 51  GLU A CG  1 
ATOM   207  C CD  . GLU A 1 28 ? -1.911  -9.183  12.088  1.00 48.58  ? 51  GLU A CD  1 
ATOM   208  O OE1 . GLU A 1 28 ? -0.796  -8.654  12.250  1.00 54.75  ? 51  GLU A OE1 1 
ATOM   209  O OE2 . GLU A 1 28 ? -2.105  -10.310 12.391  1.00 32.68  ? 51  GLU A OE2 1 
ATOM   210  N N   . VAL A 1 29 ? -5.961  -6.604  10.509  1.00 23.90  ? 52  VAL A N   1 
ATOM   211  C CA  . VAL A 1 29 ? -7.111  -6.578  9.632   1.00 24.38  ? 52  VAL A CA  1 
ATOM   212  C C   . VAL A 1 29 ? -7.286  -5.147  9.074   1.00 25.09  ? 52  VAL A C   1 
ATOM   213  O O   . VAL A 1 29 ? -7.543  -4.967  7.876   1.00 23.32  ? 52  VAL A O   1 
ATOM   214  C CB  . VAL A 1 29 ? -8.407  -7.000  10.362  1.00 24.32  ? 52  VAL A CB  1 
ATOM   215  C CG1 . VAL A 1 29 ? -9.596  -6.761  9.464   1.00 23.76  ? 52  VAL A CG1 1 
ATOM   216  C CG2 . VAL A 1 29 ? -8.349  -8.511  10.712  1.00 24.21  ? 52  VAL A CG2 1 
ATOM   217  N N   . MET A 1 30 ? -7.234  -4.153  9.964   1.00 22.13  ? 53  MET A N   1 
ATOM   218  C CA  . MET A 1 30 ? -7.344  -2.754  9.525   1.00 22.84  ? 53  MET A CA  1 
ATOM   219  C C   . MET A 1 30 ? -6.246  -2.388  8.546   1.00 21.68  ? 53  MET A C   1 
ATOM   220  O O   . MET A 1 30 ? -6.549  -1.686  7.570   1.00 21.45  ? 53  MET A O   1 
ATOM   221  C CB  . MET A 1 30 ? -7.388  -1.775  10.723  1.00 25.83  ? 53  MET A CB  1 
ATOM   222  C CG  . MET A 1 30 ? -8.689  -1.917  11.518  1.00 29.37  ? 53  MET A CG  1 
ATOM   223  S SD  . MET A 1 30 ? -10.251 -1.616  10.636  1.00 34.06  ? 53  MET A SD  1 
ATOM   224  C CE  . MET A 1 30 ? -10.151 0.117   10.237  1.00 34.65  ? 53  MET A CE  1 
ATOM   225  N N   . HIS A 1 31 ? -5.012  -2.826  8.782   1.00 18.94  ? 54  HIS A N   1 
ATOM   226  C CA  . HIS A 1 31 ? -3.920  -2.547  7.879   1.00 20.95  ? 54  HIS A CA  1 
ATOM   227  C C   . HIS A 1 31 ? -4.217  -3.092  6.493   1.00 22.33  ? 54  HIS A C   1 
ATOM   228  O O   . HIS A 1 31 ? -4.082  -2.390  5.498   1.00 21.28  ? 54  HIS A O   1 
ATOM   229  C CB  . HIS A 1 31 ? -2.584  -3.092  8.421   1.00 22.35  ? 54  HIS A CB  1 
ATOM   230  C CG  . HIS A 1 31 ? -1.480  -3.112  7.417   1.00 24.72  ? 54  HIS A CG  1 
ATOM   231  N ND1 . HIS A 1 31 ? -0.740  -1.987  7.130   1.00 30.45  ? 54  HIS A ND1 1 
ATOM   232  C CD2 . HIS A 1 31 ? -1.045  -4.069  6.577   1.00 28.78  ? 54  HIS A CD2 1 
ATOM   233  C CE1 . HIS A 1 31 ? 0.131   -2.264  6.169   1.00 32.72  ? 54  HIS A CE1 1 
ATOM   234  N NE2 . HIS A 1 31 ? -0.031  -3.525  5.817   1.00 31.54  ? 54  HIS A NE2 1 
ATOM   235  N N   . TYR A 1 32 ? -4.656  -4.345  6.450   1.00 19.18  ? 55  TYR A N   1 
ATOM   236  C CA  . TYR A 1 32 ? -4.852  -4.966  5.141   1.00 21.30  ? 55  TYR A CA  1 
ATOM   237  C C   . TYR A 1 32 ? -6.086  -4.412  4.439   1.00 19.26  ? 55  TYR A C   1 
ATOM   238  O O   . TYR A 1 32 ? -6.092  -4.349  3.231   1.00 18.73  ? 55  TYR A O   1 
ATOM   239  C CB  . TYR A 1 32 ? -4.850  -6.487  5.231   1.00 20.88  ? 55  TYR A CB  1 
ATOM   240  C CG  . TYR A 1 32 ? -3.435  -6.987  5.387   1.00 23.13  ? 55  TYR A CG  1 
ATOM   241  C CD1 . TYR A 1 32 ? -2.496  -6.879  4.352   1.00 25.25  ? 55  TYR A CD1 1 
ATOM   242  C CD2 . TYR A 1 32 ? -3.029  -7.560  6.590   1.00 27.89  ? 55  TYR A CD2 1 
ATOM   243  C CE1 . TYR A 1 32 ? -1.194  -7.333  4.513   1.00 30.57  ? 55  TYR A CE1 1 
ATOM   244  C CE2 . TYR A 1 32 ? -1.757  -8.029  6.740   1.00 29.53  ? 55  TYR A CE2 1 
ATOM   245  C CZ  . TYR A 1 32 ? -0.859  -7.911  5.709   1.00 29.90  ? 55  TYR A CZ  1 
ATOM   246  O OH  . TYR A 1 32 ? 0.411   -8.410  5.937   1.00 36.69  ? 55  TYR A OH  1 
ATOM   247  N N   . LEU A 1 33 ? -7.112  -3.992  5.159   1.00 17.74  ? 56  LEU A N   1 
ATOM   248  C CA  . LEU A 1 33 ? -8.256  -3.362  4.511   1.00 19.45  ? 56  LEU A CA  1 
ATOM   249  C C   . LEU A 1 33 ? -7.809  -2.026  3.878   1.00 19.71  ? 56  LEU A C   1 
ATOM   250  O O   . LEU A 1 33 ? -8.205  -1.707  2.760   1.00 18.28  ? 56  LEU A O   1 
ATOM   251  C CB  . LEU A 1 33 ? -9.326  -3.055  5.556   1.00 24.63  ? 56  LEU A CB  1 
ATOM   252  C CG  . LEU A 1 33 ? -10.715 -3.638  5.599   1.00 32.79  ? 56  LEU A CG  1 
ATOM   253  C CD1 . LEU A 1 33 ? -10.965 -4.714  4.540   1.00 30.45  ? 56  LEU A CD1 1 
ATOM   254  C CD2 . LEU A 1 33 ? -11.233 -3.927  7.024   1.00 31.74  ? 56  LEU A CD2 1 
ATOM   255  N N   . GLY A 1 34 ? -6.980  -1.263  4.588   1.00 19.50  ? 57  GLY A N   1 
ATOM   256  C CA  . GLY A 1 34 ? -6.414  -0.045  3.959   1.00 18.75  ? 57  GLY A CA  1 
ATOM   257  C C   . GLY A 1 34 ? -5.552  -0.328  2.737   1.00 18.51  ? 57  GLY A C   1 
ATOM   258  O O   . GLY A 1 34 ? -5.637  0.362   1.699   1.00 18.24  ? 57  GLY A O   1 
ATOM   259  N N   . GLN A 1 35 ? -4.671  -1.326  2.833   1.00 17.89  ? 58  GLN A N   1 
ATOM   260  C CA  . GLN A 1 35 ? -3.883  -1.814  1.720   1.00 19.44  ? 58  GLN A CA  1 
ATOM   261  C C   . GLN A 1 35 ? -4.795  -2.148  0.532   1.00 19.99  ? 58  GLN A C   1 
ATOM   262  O O   . GLN A 1 35 ? -4.487  -1.764  -0.587  1.00 17.87  ? 58  GLN A O   1 
ATOM   263  C CB  . GLN A 1 35 ? -2.993  -3.005  2.034   1.00 21.83  ? 58  GLN A CB  1 
ATOM   264  C CG  . GLN A 1 35 ? -1.854  -2.580  2.865   1.00 28.13  ? 58  GLN A CG  1 
ATOM   265  C CD  . GLN A 1 35 ? -0.852  -1.735  2.042   1.00 22.77  ? 58  GLN A CD  1 
ATOM   266  O OE1 . GLN A 1 35 ? -0.629  -0.587  2.384   1.00 42.09  ? 58  GLN A OE1 1 
ATOM   267  N NE2 . GLN A 1 35 ? -0.293  -2.293  1.007   1.00 25.66  ? 58  GLN A NE2 1 
ATOM   268  N N   . TYR A 1 36 ? -5.884  -2.887  0.791   1.00 17.95  ? 59  TYR A N   1 
ATOM   269  C CA  . TYR A 1 36 ? -6.827  -3.280  -0.266  1.00 16.42  ? 59  TYR A CA  1 
ATOM   270  C C   . TYR A 1 36 ? -7.394  -2.092  -1.008  1.00 17.26  ? 59  TYR A C   1 
ATOM   271  O O   . TYR A 1 36 ? -7.352  -2.036  -2.255  1.00 17.09  ? 59  TYR A O   1 
ATOM   272  C CB  . TYR A 1 36 ? -7.952  -4.151  0.293   1.00 16.52  ? 59  TYR A CB  1 
ATOM   273  C CG  . TYR A 1 36 ? -8.934  -4.666  -0.720  1.00 16.97  ? 59  TYR A CG  1 
ATOM   274  C CD1 . TYR A 1 36 ? -8.705  -5.843  -1.426  1.00 19.36  ? 59  TYR A CD1 1 
ATOM   275  C CD2 . TYR A 1 36 ? -10.086 -3.953  -0.982  1.00 18.59  ? 59  TYR A CD2 1 
ATOM   276  C CE1 . TYR A 1 36 ? -9.611  -6.348  -2.306  1.00 18.54  ? 59  TYR A CE1 1 
ATOM   277  C CE2 . TYR A 1 36 ? -11.039 -4.405  -1.865  1.00 18.36  ? 59  TYR A CE2 1 
ATOM   278  C CZ  . TYR A 1 36 ? -10.791 -5.630  -2.541  1.00 19.07  ? 59  TYR A CZ  1 
ATOM   279  O OH  . TYR A 1 36 ? -11.708 -6.111  -3.432  1.00 21.79  ? 59  TYR A OH  1 
ATOM   280  N N   . ILE A 1 37 ? -7.807  -1.099  -0.243  1.00 15.86  ? 60  ILE A N   1 
ATOM   281  C CA  . ILE A 1 37 ? -8.396  0.115   -0.839  1.00 16.06  ? 60  ILE A CA  1 
ATOM   282  C C   . ILE A 1 37 ? -7.368  0.824   -1.723  1.00 17.70  ? 60  ILE A C   1 
ATOM   283  O O   . ILE A 1 37 ? -7.705  1.342   -2.802  1.00 18.21  ? 60  ILE A O   1 
ATOM   284  C CB  . ILE A 1 37 ? -8.970  1.036   0.241   1.00 15.35  ? 60  ILE A CB  1 
ATOM   285  C CG1 . ILE A 1 37 ? -10.214 0.342   0.877   1.00 17.94  ? 60  ILE A CG1 1 
ATOM   286  C CG2 . ILE A 1 37 ? -9.335  2.391   -0.312  1.00 17.83  ? 60  ILE A CG2 1 
ATOM   287  C CD1 . ILE A 1 37 ? -10.673 0.839   2.256   1.00 17.60  ? 60  ILE A CD1 1 
ATOM   288  N N   . MET A 1 38 ? -6.114  0.910   -1.255  1.00 16.84  ? 61  MET A N   1 
ATOM   289  C CA  . MET A 1 38 ? -5.054  1.471   -2.101  1.00 18.23  ? 61  MET A CA  1 
ATOM   290  C C   . MET A 1 38 ? -4.725  0.694   -3.346  1.00 18.74  ? 61  MET A C   1 
ATOM   291  O O   . MET A 1 38 ? -4.693  1.215   -4.461  1.00 19.27  ? 61  MET A O   1 
ATOM   292  C CB  . MET A 1 38 ? -3.807  1.773   -1.282  1.00 21.71  ? 61  MET A CB  1 
ATOM   293  C CG  . MET A 1 38 ? -3.899  3.065   -0.628  1.00 26.86  ? 61  MET A CG  1 
ATOM   294  S SD  . MET A 1 38 ? -2.383  3.381   0.242   1.00 29.43  ? 61  MET A SD  1 
ATOM   295  C CE  . MET A 1 38 ? -1.206  2.949   -0.676  1.00 19.99  ? 61  MET A CE  1 
ATOM   296  N N   . VAL A 1 39 ? -4.515  -0.626  -3.179  1.00 17.33  ? 62  VAL A N   1 
ATOM   297  C CA  . VAL A 1 39 ? -4.214  -1.572  -4.267  1.00 18.23  ? 62  VAL A CA  1 
ATOM   298  C C   . VAL A 1 39 ? -5.273  -1.560  -5.344  1.00 19.92  ? 62  VAL A C   1 
ATOM   299  O O   . VAL A 1 39 ? -4.922  -1.531  -6.541  1.00 19.66  ? 62  VAL A O   1 
ATOM   300  C CB  . VAL A 1 39 ? -3.964  -2.992  -3.690  1.00 21.42  ? 62  VAL A CB  1 
ATOM   301  C CG1 . VAL A 1 39 ? -4.141  -4.086  -4.742  1.00 23.35  ? 62  VAL A CG1 1 
ATOM   302  C CG2 . VAL A 1 39 ? -2.599  -3.027  -3.003  1.00 20.25  ? 62  VAL A CG2 1 
ATOM   303  N N   . LYS A 1 40 ? -6.514  -1.521  -4.947  1.00 17.74  ? 63  LYS A N   1 
ATOM   304  C CA  . LYS A 1 40 ? -7.641  -1.514  -5.840  1.00 19.20  ? 63  LYS A CA  1 
ATOM   305  C C   . LYS A 1 40 ? -8.087  -0.128  -6.251  1.00 20.36  ? 63  LYS A C   1 
ATOM   306  O O   . LYS A 1 40 ? -9.018  -0.011  -7.058  1.00 20.81  ? 63  LYS A O   1 
ATOM   307  C CB  . LYS A 1 40 ? -8.767  -2.326  -5.247  1.00 21.15  ? 63  LYS A CB  1 
ATOM   308  C CG  . LYS A 1 40 ? -8.464  -3.783  -4.955  1.00 24.99  ? 63  LYS A CG  1 
ATOM   309  C CD  . LYS A 1 40 ? -8.608  -4.824  -6.054  1.00 30.28  ? 63  LYS A CD  1 
ATOM   310  C CE  . LYS A 1 40 ? -9.912  -4.842  -6.914  1.00 29.93  ? 63  LYS A CE  1 
ATOM   311  N NZ  . LYS A 1 40 ? -10.988 -5.862  -6.589  1.00 30.11  ? 63  LYS A NZ  1 
ATOM   312  N N   . GLN A 1 41 ? -7.471  0.931   -5.716  1.00 17.51  ? 64  GLN A N   1 
ATOM   313  C CA  . GLN A 1 41 ? -7.723  2.269   -6.143  1.00 19.72  ? 64  GLN A CA  1 
ATOM   314  C C   . GLN A 1 41 ? -9.154  2.617   -5.983  1.00 19.23  ? 64  GLN A C   1 
ATOM   315  O O   . GLN A 1 41 ? -9.791  3.233   -6.902  1.00 19.74  ? 64  GLN A O   1 
ATOM   316  C CB  . GLN A 1 41 ? -7.204  2.505   -7.573  1.00 20.55  ? 64  GLN A CB  1 
ATOM   317  C CG  . GLN A 1 41 ? -5.723  2.187   -7.630  1.00 21.14  ? 64  GLN A CG  1 
ATOM   318  C CD  . GLN A 1 41 ? -5.165  2.174   -9.052  1.00 24.82  ? 64  GLN A CD  1 
ATOM   319  O OE1 . GLN A 1 41 ? -5.789  2.687   -10.017 1.00 25.87  ? 64  GLN A OE1 1 
ATOM   320  N NE2 . GLN A 1 41 ? -4.011  1.575   -9.206  1.00 23.25  ? 64  GLN A NE2 1 
ATOM   321  N N   . LEU A 1 42 ? -9.682  2.342   -4.784  1.00 17.54  ? 65  LEU A N   1 
ATOM   322  C CA  . LEU A 1 42 ? -11.120 2.646   -4.494  1.00 17.19  ? 65  LEU A CA  1 
ATOM   323  C C   . LEU A 1 42 ? -11.457 4.039   -3.934  1.00 18.49  ? 65  LEU A C   1 
ATOM   324  O O   . LEU A 1 42 ? -12.651 4.444   -3.902  1.00 20.12  ? 65  LEU A O   1 
ATOM   325  C CB  . LEU A 1 42 ? -11.727 1.491   -3.606  1.00 17.78  ? 65  LEU A CB  1 
ATOM   326  C CG  . LEU A 1 42 ? -11.615 0.071   -4.183  1.00 19.67  ? 65  LEU A CG  1 
ATOM   327  C CD1 . LEU A 1 42 ? -12.211 -0.926  -3.200  1.00 18.79  ? 65  LEU A CD1 1 
ATOM   328  C CD2 . LEU A 1 42 ? -12.368 0.026   -5.501  1.00 19.64  ? 65  LEU A CD2 1 
ATOM   329  N N   . TYR A 1 43 ? -10.451 4.742   -3.459  1.00 17.80  ? 66  TYR A N   1 
ATOM   330  C CA  . TYR A 1 43 ? -10.654 6.053   -2.899  1.00 17.82  ? 66  TYR A CA  1 
ATOM   331  C C   . TYR A 1 43 ? -10.854 7.063   -4.038  1.00 20.17  ? 66  TYR A C   1 
ATOM   332  O O   . TYR A 1 43 ? -10.342 6.899   -5.144  1.00 20.34  ? 66  TYR A O   1 
ATOM   333  C CB  . TYR A 1 43 ? -9.490  6.444   -1.965  1.00 18.84  ? 66  TYR A CB  1 
ATOM   334  C CG  . TYR A 1 43 ? -8.167  6.457   -2.642  1.00 17.85  ? 66  TYR A CG  1 
ATOM   335  C CD1 . TYR A 1 43 ? -7.695  7.600   -3.323  1.00 18.56  ? 66  TYR A CD1 1 
ATOM   336  C CD2 . TYR A 1 43 ? -7.330  5.337   -2.636  1.00 20.09  ? 66  TYR A CD2 1 
ATOM   337  C CE1 . TYR A 1 43 ? -6.458  7.596   -3.943  1.00 21.18  ? 66  TYR A CE1 1 
ATOM   338  C CE2 . TYR A 1 43 ? -6.121  5.290   -3.330  1.00 20.75  ? 66  TYR A CE2 1 
ATOM   339  C CZ  . TYR A 1 43 ? -5.663  6.422   -3.975  1.00 24.42  ? 66  TYR A CZ  1 
ATOM   340  O OH  . TYR A 1 43 ? -4.451  6.307   -4.655  1.00 25.12  ? 66  TYR A OH  1 
ATOM   341  N N   . ASP A 1 44 ? -11.599 8.129   -3.746  1.00 21.49  ? 67  ASP A N   1 
ATOM   342  C CA  . ASP A 1 44 ? -11.747 9.266   -4.672  1.00 22.34  ? 67  ASP A CA  1 
ATOM   343  C C   . ASP A 1 44 ? -10.471 10.052  -4.801  1.00 21.56  ? 67  ASP A C   1 
ATOM   344  O O   . ASP A 1 44 ? -9.800  10.342  -3.797  1.00 23.66  ? 67  ASP A O   1 
ATOM   345  C CB  . ASP A 1 44 ? -12.817 10.191  -4.178  1.00 24.26  ? 67  ASP A CB  1 
ATOM   346  C CG  . ASP A 1 44 ? -13.145 11.299  -5.205  1.00 26.39  ? 67  ASP A CG  1 
ATOM   347  O OD1 . ASP A 1 44 ? -12.873 12.480  -4.909  1.00 30.03  ? 67  ASP A OD1 1 
ATOM   348  O OD2 . ASP A 1 44 ? -13.577 10.951  -6.310  1.00 30.88  ? 67  ASP A OD2 1 
ATOM   349  N N   . GLN A 1 45 ? -10.092 10.411  -6.034  1.00 23.36  ? 68  GLN A N   1 
ATOM   350  C CA  . GLN A 1 45 ? -8.787  11.053  -6.240  1.00 23.83  ? 68  GLN A CA  1 
ATOM   351  C C   . GLN A 1 45 ? -8.784  12.459  -5.662  1.00 24.98  ? 68  GLN A C   1 
ATOM   352  O O   . GLN A 1 45 ? -7.738  12.931  -5.232  1.00 24.39  ? 68  GLN A O   1 
ATOM   353  C CB  . GLN A 1 45 ? -8.424  11.125  -7.731  1.00 28.31  ? 68  GLN A CB  1 
ATOM   354  N N   . GLN A 1 46 ? -9.947  13.139  -5.698  1.00 24.78  ? 69  GLN A N   1 
ATOM   355  C CA  . GLN A 1 46 ? -10.034 14.554  -5.199  1.00 25.80  ? 69  GLN A CA  1 
ATOM   356  C C   . GLN A 1 46 ? -10.304 14.611  -3.710  1.00 26.35  ? 69  GLN A C   1 
ATOM   357  O O   . GLN A 1 46 ? -9.632  15.356  -2.974  1.00 31.10  ? 69  GLN A O   1 
ATOM   358  C CB  . GLN A 1 46 ? -11.079 15.369  -6.035  1.00 31.46  ? 69  GLN A CB  1 
ATOM   359  N N   . GLU A 1 47 ? -11.229 13.790  -3.231  1.00 23.44  ? 70  GLU A N   1 
ATOM   360  C CA  . GLU A 1 47 ? -11.627 13.817  -1.809  1.00 24.60  ? 70  GLU A CA  1 
ATOM   361  C C   . GLU A 1 47 ? -11.196 12.484  -1.190  1.00 22.18  ? 70  GLU A C   1 
ATOM   362  O O   . GLU A 1 47 ? -12.004 11.544  -1.171  1.00 22.06  ? 70  GLU A O   1 
ATOM   363  C CB  . GLU A 1 47 ? -13.131 14.003  -1.666  1.00 26.99  ? 70  GLU A CB  1 
ATOM   364  N N   . GLN A 1 48 ? -9.949  12.385  -0.713  1.00 22.52  ? 71  GLN A N   1 
ATOM   365  C CA  . GLN A 1 48 ? -9.378  11.050  -0.552  1.00 20.37  ? 71  GLN A CA  1 
ATOM   366  C C   . GLN A 1 48 ? -9.769  10.303  0.697   1.00 21.15  ? 71  GLN A C   1 
ATOM   367  O O   . GLN A 1 48 ? -9.391  9.121   0.865   1.00 21.18  ? 71  GLN A O   1 
ATOM   368  C CB  . GLN A 1 48 ? -7.875  11.049  -0.755  1.00 20.41  ? 71  GLN A CB  1 
ATOM   369  C CG  . GLN A 1 48 ? -7.458  11.609  -2.055  1.00 19.83  ? 71  GLN A CG  1 
ATOM   370  C CD  . GLN A 1 48 ? -6.061  11.197  -2.472  1.00 21.45  ? 71  GLN A CD  1 
ATOM   371  O OE1 . GLN A 1 48 ? -5.344  10.514  -1.733  1.00 22.08  ? 71  GLN A OE1 1 
ATOM   372  N NE2 . GLN A 1 48 ? -5.696  11.532  -3.699  1.00 20.85  ? 71  GLN A NE2 1 
ATOM   373  N N   . HIS A 1 49 ? -10.598 10.906  1.555   1.00 19.28  ? 72  HIS A N   1 
ATOM   374  C CA  . HIS A 1 49 ? -11.260 10.173  2.619   1.00 20.63  ? 72  HIS A CA  1 
ATOM   375  C C   . HIS A 1 49 ? -12.468 9.354   2.132   1.00 19.03  ? 72  HIS A C   1 
ATOM   376  O O   . HIS A 1 49 ? -13.003 8.548   2.908   1.00 20.30  ? 72  HIS A O   1 
ATOM   377  C CB  . HIS A 1 49 ? -11.707 11.104  3.745   1.00 20.33  ? 72  HIS A CB  1 
ATOM   378  C CG  . HIS A 1 49 ? -12.655 12.138  3.314   1.00 21.80  ? 72  HIS A CG  1 
ATOM   379  N ND1 . HIS A 1 49 ? -14.024 11.997  3.436   1.00 23.84  ? 72  HIS A ND1 1 
ATOM   380  C CD2 . HIS A 1 49 ? -12.448 13.325  2.701   1.00 24.32  ? 72  HIS A CD2 1 
ATOM   381  C CE1 . HIS A 1 49 ? -14.619 13.061  2.918   1.00 25.20  ? 72  HIS A CE1 1 
ATOM   382  N NE2 . HIS A 1 49 ? -13.682 13.873  2.445   1.00 26.90  ? 72  HIS A NE2 1 
ATOM   383  N N   . MET A 1 50 ? -12.934 9.634   0.911   1.00 19.00  ? 73  MET A N   1 
ATOM   384  C CA  . MET A 1 50 ? -14.130 8.943   0.383   1.00 20.69  ? 73  MET A CA  1 
ATOM   385  C C   . MET A 1 50 ? -13.730 7.677   -0.326  1.00 18.89  ? 73  MET A C   1 
ATOM   386  O O   . MET A 1 50 ? -12.863 7.734   -1.233  1.00 20.96  ? 73  MET A O   1 
ATOM   387  C CB  . MET A 1 50 ? -14.926 9.806   -0.588  1.00 22.99  ? 73  MET A CB  1 
ATOM   388  C CG  . MET A 1 50 ? -15.612 10.951  0.070   1.00 27.56  ? 73  MET A CG  1 
ATOM   389  S SD  . MET A 1 50 ? -16.809 10.505  1.321   1.00 28.52  ? 73  MET A SD  1 
ATOM   390  C CE  . MET A 1 50 ? -17.763 9.325   0.423   1.00 29.41  ? 73  MET A CE  1 
ATOM   391  N N   . VAL A 1 51 ? -14.292 6.551   0.066   1.00 17.99  ? 74  VAL A N   1 
ATOM   392  C CA  . VAL A 1 51 ? -14.036 5.286   -0.565  1.00 18.26  ? 74  VAL A CA  1 
ATOM   393  C C   . VAL A 1 51 ? -15.287 4.844   -1.343  1.00 18.63  ? 74  VAL A C   1 
ATOM   394  O O   . VAL A 1 51 ? -16.360 4.663   -0.754  1.00 21.19  ? 74  VAL A O   1 
ATOM   395  C CB  . VAL A 1 51 ? -13.614 4.210   0.449   1.00 17.64  ? 74  VAL A CB  1 
ATOM   396  C CG1 . VAL A 1 51 ? -13.437 2.836   -0.208  1.00 18.79  ? 74  VAL A CG1 1 
ATOM   397  C CG2 . VAL A 1 51 ? -12.399 4.676   1.222   1.00 18.24  ? 74  VAL A CG2 1 
ATOM   398  N N   . TYR A 1 52 ? -15.109 4.659   -2.643  1.00 18.92  ? 75  TYR A N   1 
ATOM   399  C CA  . TYR A 1 52 ? -16.207 4.271   -3.552  1.00 20.30  ? 75  TYR A CA  1 
ATOM   400  C C   . TYR A 1 52 ? -16.067 2.795   -3.873  1.00 19.16  ? 75  TYR A C   1 
ATOM   401  O O   . TYR A 1 52 ? -15.323 2.390   -4.768  1.00 19.39  ? 75  TYR A O   1 
ATOM   402  C CB  . TYR A 1 52 ? -16.250 5.145   -4.777  1.00 20.87  ? 75  TYR A CB  1 
ATOM   403  C CG  . TYR A 1 52 ? -16.826 6.503   -4.467  1.00 21.39  ? 75  TYR A CG  1 
ATOM   404  C CD1 . TYR A 1 52 ? -18.210 6.683   -4.319  1.00 24.34  ? 75  TYR A CD1 1 
ATOM   405  C CD2 . TYR A 1 52 ? -16.012 7.606   -4.259  1.00 22.29  ? 75  TYR A CD2 1 
ATOM   406  C CE1 . TYR A 1 52 ? -18.733 7.919   -3.996  1.00 25.31  ? 75  TYR A CE1 1 
ATOM   407  C CE2 . TYR A 1 52 ? -16.529 8.831   -3.907  1.00 24.52  ? 75  TYR A CE2 1 
ATOM   408  C CZ  . TYR A 1 52 ? -17.900 8.997   -3.810  1.00 26.46  ? 75  TYR A CZ  1 
ATOM   409  O OH  . TYR A 1 52 ? -18.398 10.262  -3.446  1.00 27.23  ? 75  TYR A OH  1 
ATOM   410  N N   . CYS A 1 53 ? -16.771 2.007   -3.072  1.00 21.18  ? 76  CYS A N   1 
ATOM   411  C CA  . CYS A 1 53 ? -16.645 0.551   -3.050  1.00 20.91  ? 76  CYS A CA  1 
ATOM   412  C C   . CYS A 1 53 ? -17.780 -0.200  -3.724  1.00 22.49  ? 76  CYS A C   1 
ATOM   413  O O   . CYS A 1 53 ? -17.743 -1.446  -3.824  1.00 20.74  ? 76  CYS A O   1 
ATOM   414  C CB  . CYS A 1 53 ? -16.437 0.049   -1.577  1.00 22.77  ? 76  CYS A CB  1 
ATOM   415  S SG  . CYS A 1 53 ? -17.635 0.673   -0.461  1.00 25.96  ? 76  CYS A SG  1 
ATOM   416  N N   . GLY A 1 54 ? -18.774 0.517   -4.232  1.00 24.06  ? 77  GLY A N   1 
ATOM   417  C CA  . GLY A 1 54 ? -19.968 -0.119  -4.843  1.00 25.25  ? 77  GLY A CA  1 
ATOM   418  C C   . GLY A 1 54 ? -19.711 -1.056  -5.982  1.00 26.95  ? 77  GLY A C   1 
ATOM   419  O O   . GLY A 1 54 ? -20.449 -2.017  -6.164  1.00 33.50  ? 77  GLY A O   1 
ATOM   420  N N   . GLY A 1 55 ? -18.681 -0.840  -6.752  1.00 26.26  ? 78  GLY A N   1 
ATOM   421  C CA  . GLY A 1 55 ? -18.432 -1.811  -7.836  1.00 30.26  ? 78  GLY A CA  1 
ATOM   422  C C   . GLY A 1 55 ? -17.581 -3.023  -7.474  1.00 27.50  ? 78  GLY A C   1 
ATOM   423  O O   . GLY A 1 55 ? -17.108 -3.749  -8.353  1.00 25.90  ? 78  GLY A O   1 
ATOM   424  N N   . ASP A 1 56 ? -17.340 -3.200  -6.179  1.00 22.08  ? 79  ASP A N   1 
ATOM   425  C CA  . ASP A 1 56 ? -16.272 -4.104  -5.700  1.00 21.89  ? 79  ASP A CA  1 
ATOM   426  C C   . ASP A 1 56 ? -16.853 -5.036  -4.647  1.00 20.03  ? 79  ASP A C   1 
ATOM   427  O O   . ASP A 1 56 ? -17.844 -4.718  -3.938  1.00 19.60  ? 79  ASP A O   1 
ATOM   428  C CB  . ASP A 1 56 ? -15.104 -3.232  -5.136  1.00 22.90  ? 79  ASP A CB  1 
ATOM   429  C CG  . ASP A 1 56 ? -13.811 -4.058  -4.799  1.00 22.71  ? 79  ASP A CG  1 
ATOM   430  O OD1 . ASP A 1 56 ? -13.743 -4.650  -3.693  1.00 22.02  ? 79  ASP A OD1 1 
ATOM   431  O OD2 . ASP A 1 56 ? -12.899 -4.128  -5.658  1.00 24.55  ? 79  ASP A OD2 1 
ATOM   432  N N   . LEU A 1 57 ? -16.199 -6.197  -4.479  1.00 18.89  ? 80  LEU A N   1 
ATOM   433  C CA  . LEU A 1 57 ? -16.557 -7.116  -3.415  1.00 20.30  ? 80  LEU A CA  1 
ATOM   434  C C   . LEU A 1 57 ? -16.613 -6.460  -2.058  1.00 19.83  ? 80  LEU A C   1 
ATOM   435  O O   . LEU A 1 57 ? -17.479 -6.777  -1.227  1.00 19.64  ? 80  LEU A O   1 
ATOM   436  C CB  . LEU A 1 57 ? -15.622 -8.350  -3.321  1.00 20.99  ? 80  LEU A CB  1 
ATOM   437  C CG  . LEU A 1 57 ? -16.006 -9.447  -2.295  1.00 24.20  ? 80  LEU A CG  1 
ATOM   438  C CD1 . LEU A 1 57 ? -17.429 -9.910  -2.527  1.00 25.74  ? 80  LEU A CD1 1 
ATOM   439  C CD2 . LEU A 1 57 ? -15.021 -10.617 -2.358  1.00 25.17  ? 80  LEU A CD2 1 
ATOM   440  N N   . LEU A 1 58 ? -15.727 -5.486  -1.815  1.00 18.64  ? 81  LEU A N   1 
ATOM   441  C CA  . LEU A 1 58 ? -15.782 -4.807  -0.558  1.00 19.16  ? 81  LEU A CA  1 
ATOM   442  C C   . LEU A 1 58 ? -17.107 -4.113  -0.314  1.00 18.20  ? 81  LEU A C   1 
ATOM   443  O O   . LEU A 1 58 ? -17.625 -4.145  0.801   1.00 20.91  ? 81  LEU A O   1 
ATOM   444  C CB  . LEU A 1 58 ? -14.637 -3.815  -0.432  1.00 18.47  ? 81  LEU A CB  1 
ATOM   445  C CG  . LEU A 1 58 ? -14.627 -2.936  0.808   1.00 18.87  ? 81  LEU A CG  1 
ATOM   446  C CD1 . LEU A 1 58 ? -14.439 -3.766  2.031   1.00 20.09  ? 81  LEU A CD1 1 
ATOM   447  C CD2 . LEU A 1 58 ? -13.520 -1.902  0.694   1.00 19.33  ? 81  LEU A CD2 1 
ATOM   448  N N   . GLY A 1 59 ? -17.651 -3.456  -1.359  1.00 19.11  ? 82  GLY A N   1 
ATOM   449  C CA  . GLY A 1 59 ? -18.934 -2.829  -1.247  1.00 19.47  ? 82  GLY A CA  1 
ATOM   450  C C   . GLY A 1 59 ? -20.084 -3.774  -1.002  1.00 19.84  ? 82  GLY A C   1 
ATOM   451  O O   . GLY A 1 59 ? -20.986 -3.481  -0.192  1.00 20.47  ? 82  GLY A O   1 
ATOM   452  N N   . GLU A 1 60 ? -20.016 -4.920  -1.670  1.00 21.91  ? 83  GLU A N   1 
ATOM   453  C CA  . GLU A 1 60 ? -20.963 -6.022  -1.397  1.00 23.50  ? 83  GLU A CA  1 
ATOM   454  C C   . GLU A 1 60 ? -20.933 -6.452  0.030   1.00 26.59  ? 83  GLU A C   1 
ATOM   455  O O   . GLU A 1 60 ? -21.971 -6.552  0.660   1.00 26.22  ? 83  GLU A O   1 
ATOM   456  C CB  . GLU A 1 60 ? -20.786 -7.169  -2.431  1.00 23.73  ? 83  GLU A CB  1 
ATOM   457  C CG  . GLU A 1 60 ? -20.947 -6.690  -3.874  1.00 24.43  ? 83  GLU A CG  1 
ATOM   458  C CD  . GLU A 1 60 ? -22.375 -6.263  -4.266  1.00 24.38  ? 83  GLU A CD  1 
ATOM   459  O OE1 . GLU A 1 60 ? -23.341 -6.578  -3.525  1.00 29.76  ? 83  GLU A OE1 1 
ATOM   460  O OE2 . GLU A 1 60 ? -22.541 -5.669  -5.343  1.00 36.06  ? 83  GLU A OE2 1 
ATOM   461  N N   . LEU A 1 61 ? -19.744 -6.675  0.591   1.00 22.75  ? 84  LEU A N   1 
ATOM   462  C CA  . LEU A 1 61 ? -19.599 -6.992  1.959   1.00 26.21  ? 84  LEU A CA  1 
ATOM   463  C C   . LEU A 1 61 ? -20.037 -5.899  2.939   1.00 28.89  ? 84  LEU A C   1 
ATOM   464  O O   . LEU A 1 61 ? -20.640 -6.231  3.963   1.00 30.96  ? 84  LEU A O   1 
ATOM   465  C CB  . LEU A 1 61 ? -18.161 -7.394  2.231   1.00 28.43  ? 84  LEU A CB  1 
ATOM   466  C CG  . LEU A 1 61 ? -17.907 -8.329  3.360   1.00 32.35  ? 84  LEU A CG  1 
ATOM   467  C CD1 . LEU A 1 61 ? -18.717 -9.613  3.183   1.00 32.31  ? 84  LEU A CD1 1 
ATOM   468  C CD2 . LEU A 1 61 ? -16.423 -8.605  3.448   1.00 28.22  ? 84  LEU A CD2 1 
ATOM   469  N N   . LEU A 1 62 ? -19.794 -4.601  2.632   1.00 24.53  ? 85  LEU A N   1 
ATOM   470  C CA  . LEU A 1 62 ? -20.229 -3.506  3.505   1.00 26.92  ? 85  LEU A CA  1 
ATOM   471  C C   . LEU A 1 62 ? -21.721 -3.223  3.392   1.00 28.75  ? 85  LEU A C   1 
ATOM   472  O O   . LEU A 1 62 ? -22.276 -2.538  4.265   1.00 34.47  ? 85  LEU A O   1 
ATOM   473  C CB  . LEU A 1 62 ? -19.517 -2.193  3.214   1.00 28.61  ? 85  LEU A CB  1 
ATOM   474  C CG  . LEU A 1 62 ? -18.035 -2.249  3.518   1.00 31.35  ? 85  LEU A CG  1 
ATOM   475  C CD1 . LEU A 1 62 ? -17.323 -1.061  2.877   1.00 31.93  ? 85  LEU A CD1 1 
ATOM   476  C CD2 . LEU A 1 62 ? -17.784 -2.317  5.014   1.00 37.60  ? 85  LEU A CD2 1 
ATOM   477  N N   . GLY A 1 63 ? -22.342 -3.648  2.308   1.00 25.63  ? 86  GLY A N   1 
ATOM   478  C CA  . GLY A 1 63 ? -23.725 -3.288  2.052   1.00 27.40  ? 86  GLY A CA  1 
ATOM   479  C C   . GLY A 1 63 ? -23.885 -1.842  1.617   1.00 30.17  ? 86  GLY A C   1 
ATOM   480  O O   . GLY A 1 63 ? -24.970 -1.259  1.740   1.00 30.25  ? 86  GLY A O   1 
ATOM   481  N N   . ARG A 1 64 ? -22.823 -1.269  1.069   1.00 26.50  ? 87  ARG A N   1 
ATOM   482  C CA  . ARG A 1 64 ? -22.853 0.187   0.761   1.00 32.57  ? 87  ARG A CA  1 
ATOM   483  C C   . ARG A 1 64 ? -22.016 0.518   -0.438  1.00 28.11  ? 87  ARG A C   1 
ATOM   484  O O   . ARG A 1 64 ? -21.070 -0.171  -0.760  1.00 27.17  ? 87  ARG A O   1 
ATOM   485  C CB  . ARG A 1 64 ? -22.308 0.990   1.949   1.00 39.65  ? 87  ARG A CB  1 
ATOM   486  C CG  . ARG A 1 64 ? -23.109 0.803   3.224   1.00 46.12  ? 87  ARG A CG  1 
ATOM   487  C CD  . ARG A 1 64 ? -22.517 1.550   4.368   1.00 50.28  ? 87  ARG A CD  1 
ATOM   488  N NE  . ARG A 1 64 ? -22.028 2.860   3.960   1.00 48.71  ? 87  ARG A NE  1 
ATOM   489  C CZ  . ARG A 1 64 ? -22.478 4.015   4.436   1.00 50.30  ? 87  ARG A CZ  1 
ATOM   490  N NH1 . ARG A 1 64 ? -23.435 4.056   5.360   1.00 51.00  ? 87  ARG A NH1 1 
ATOM   491  N NH2 . ARG A 1 64 ? -21.943 5.144   4.013   1.00 49.69  ? 87  ARG A NH2 1 
ATOM   492  N N   . GLN A 1 65 ? -22.392 1.571   -1.150  1.00 23.92  ? 88  GLN A N   1 
ATOM   493  C CA  . GLN A 1 65 ? -21.587 2.005   -2.321  1.00 22.35  ? 88  GLN A CA  1 
ATOM   494  C C   . GLN A 1 65 ? -20.411 2.867   -1.983  1.00 20.82  ? 88  GLN A C   1 
ATOM   495  O O   . GLN A 1 65 ? -19.518 2.982   -2.798  1.00 23.05  ? 88  GLN A O   1 
ATOM   496  C CB  . GLN A 1 65 ? -22.448 2.755   -3.370  1.00 27.15  ? 88  GLN A CB  1 
ATOM   497  C CG  . GLN A 1 65 ? -22.918 4.111   -3.002  1.00 33.07  ? 88  GLN A CG  1 
ATOM   498  C CD  . GLN A 1 65 ? -23.808 4.743   -4.070  1.00 33.99  ? 88  GLN A CD  1 
ATOM   499  O OE1 . GLN A 1 65 ? -24.601 4.075   -4.754  1.00 39.38  ? 88  GLN A OE1 1 
ATOM   500  N NE2 . GLN A 1 65 ? -23.648 6.026   -4.226  1.00 33.98  ? 88  GLN A NE2 1 
ATOM   501  N N   . SER A 1 66 ? -20.445 3.487   -0.815  1.00 21.83  ? 89  SER A N   1 
ATOM   502  C CA  . SER A 1 66 ? -19.366 4.396   -0.385  1.00 23.26  ? 89  SER A CA  1 
ATOM   503  C C   . SER A 1 66 ? -19.353 4.549   1.111   1.00 23.55  ? 89  SER A C   1 
ATOM   504  O O   . SER A 1 66 ? -20.361 4.267   1.814   1.00 22.47  ? 89  SER A O   1 
ATOM   505  C CB  . SER A 1 66 ? -19.535 5.798   -1.020  1.00 26.20  ? 89  SER A CB  1 
ATOM   506  O OG  . SER A 1 66 ? -20.702 6.452   -0.516  1.00 26.36  ? 89  SER A OG  1 
ATOM   507  N N   . PHE A 1 67 ? -18.183 4.923   1.636   1.00 21.15  ? 90  PHE A N   1 
ATOM   508  C CA  . PHE A 1 67 ? -18.078 5.331   2.999   1.00 20.91  ? 90  PHE A CA  1 
ATOM   509  C C   . PHE A 1 67 ? -16.957 6.377   3.093   1.00 22.24  ? 90  PHE A C   1 
ATOM   510  O O   . PHE A 1 67 ? -16.109 6.528   2.187   1.00 21.11  ? 90  PHE A O   1 
ATOM   511  C CB  . PHE A 1 67 ? -17.837 4.188   4.017   1.00 21.96  ? 90  PHE A CB  1 
ATOM   512  C CG  . PHE A 1 67 ? -16.503 3.560   3.921   1.00 22.07  ? 90  PHE A CG  1 
ATOM   513  C CD1 . PHE A 1 67 ? -15.479 3.939   4.779   1.00 23.60  ? 90  PHE A CD1 1 
ATOM   514  C CD2 . PHE A 1 67 ? -16.271 2.551   2.997   1.00 23.31  ? 90  PHE A CD2 1 
ATOM   515  C CE1 . PHE A 1 67 ? -14.220 3.338   4.688   1.00 22.86  ? 90  PHE A CE1 1 
ATOM   516  C CE2 . PHE A 1 67 ? -15.013 1.936   2.942   1.00 22.08  ? 90  PHE A CE2 1 
ATOM   517  C CZ  . PHE A 1 67 ? -14.003 2.331   3.739   1.00 24.15  ? 90  PHE A CZ  1 
ATOM   518  N N   . SER A 1 68 ? -16.997 7.098   4.208   1.00 21.28  ? 91  SER A N   1 
ATOM   519  C CA  . SER A 1 68 ? -15.906 8.018   4.511   1.00 21.46  ? 91  SER A CA  1 
ATOM   520  C C   . SER A 1 68 ? -15.046 7.477   5.612   1.00 23.32  ? 91  SER A C   1 
ATOM   521  O O   . SER A 1 68 ? -15.561 7.017   6.634   1.00 22.62  ? 91  SER A O   1 
ATOM   522  C CB  . SER A 1 68 ? -16.434 9.400   4.850   1.00 22.41  ? 91  SER A CB  1 
ATOM   523  O OG  . SER A 1 68 ? -15.400 10.233  5.385   1.00 23.82  ? 91  SER A OG  1 
ATOM   524  N N   . VAL A 1 69 ? -13.732 7.591   5.428   1.00 20.64  ? 92  VAL A N   1 
ATOM   525  C CA  . VAL A 1 69 ? -12.733 7.275   6.482   1.00 22.55  ? 92  VAL A CA  1 
ATOM   526  C C   . VAL A 1 69 ? -12.948 8.122   7.766   1.00 26.75  ? 92  VAL A C   1 
ATOM   527  O O   . VAL A 1 69 ? -12.586 7.685   8.872   1.00 27.49  ? 92  VAL A O   1 
ATOM   528  C CB  . VAL A 1 69 ? -11.267 7.446   5.962   1.00 23.12  ? 92  VAL A CB  1 
ATOM   529  C CG1 . VAL A 1 69 ? -10.293 7.128   7.082   1.00 27.23  ? 92  VAL A CG1 1 
ATOM   530  C CG2 . VAL A 1 69 ? -11.008 6.627   4.745   1.00 24.04  ? 92  VAL A CG2 1 
ATOM   531  N N   . LYS A 1 70 ? -13.577 9.265   7.627   1.00 27.23  ? 93  LYS A N   1 
ATOM   532  C CA  . LYS A 1 70 ? -13.863 10.151  8.768   1.00 31.90  ? 93  LYS A CA  1 
ATOM   533  C C   . LYS A 1 70 ? -15.100 9.664   9.546   1.00 35.59  ? 93  LYS A C   1 
ATOM   534  O O   . LYS A 1 70 ? -15.382 10.165  10.652  1.00 35.59  ? 93  LYS A O   1 
ATOM   535  C CB  . LYS A 1 70 ? -14.014 11.612  8.286   1.00 33.63  ? 93  LYS A CB  1 
ATOM   536  C CG  . LYS A 1 70 ? -12.752 12.073  7.579   1.00 37.92  ? 93  LYS A CG  1 
ATOM   537  C CD  . LYS A 1 70 ? -12.631 13.567  7.300   1.00 42.45  ? 93  LYS A CD  1 
ATOM   538  C CE  . LYS A 1 70 ? -13.797 14.141  6.514   1.00 46.72  ? 93  LYS A CE  1 
ATOM   539  N NZ  . LYS A 1 70 ? -13.519 15.588  6.284   1.00 49.94  ? 93  LYS A NZ  1 
ATOM   540  N N   . ASP A 1 71 ? -15.858 8.703   8.992   1.00 32.16  ? 94  ASP A N   1 
ATOM   541  C CA  . ASP A 1 71 ? -16.969 8.048   9.742   1.00 36.95  ? 94  ASP A CA  1 
ATOM   542  C C   . ASP A 1 71 ? -16.979 6.539   9.450   1.00 34.26  ? 94  ASP A C   1 
ATOM   543  O O   . ASP A 1 71 ? -17.721 6.065   8.602   1.00 32.96  ? 94  ASP A O   1 
ATOM   544  C CB  . ASP A 1 71 ? -18.309 8.626   9.368   1.00 38.27  ? 94  ASP A CB  1 
ATOM   545  C CG  . ASP A 1 71 ? -19.475 7.863   10.051  1.00 50.23  ? 94  ASP A CG  1 
ATOM   546  O OD1 . ASP A 1 71 ? -19.230 6.931   10.903  1.00 39.45  ? 94  ASP A OD1 1 
ATOM   547  O OD2 . ASP A 1 71 ? -20.618 8.183   9.682   1.00 49.75  ? 94  ASP A OD2 1 
ATOM   548  N N   . PRO A 1 72 ? -16.117 5.797   10.133  1.00 30.12  ? 95  PRO A N   1 
ATOM   549  C CA  . PRO A 1 72 ? -15.912 4.390   9.878   1.00 30.68  ? 95  PRO A CA  1 
ATOM   550  C C   . PRO A 1 72 ? -16.960 3.413   10.388  1.00 32.11  ? 95  PRO A C   1 
ATOM   551  O O   . PRO A 1 72 ? -16.712 2.212   10.358  1.00 32.93  ? 95  PRO A O   1 
ATOM   552  C CB  . PRO A 1 72 ? -14.616 4.090   10.664  1.00 33.47  ? 95  PRO A CB  1 
ATOM   553  C CG  . PRO A 1 72 ? -14.600 5.092   11.741  1.00 33.24  ? 95  PRO A CG  1 
ATOM   554  C CD  . PRO A 1 72 ? -15.197 6.327   11.161  1.00 35.19  ? 95  PRO A CD  1 
ATOM   555  N N   . SER A 1 73 ? -18.100 3.888   10.902  1.00 30.02  ? 96  SER A N   1 
ATOM   556  C CA  . SER A 1 73 ? -19.078 2.956   11.472  1.00 30.60  ? 96  SER A CA  1 
ATOM   557  C C   . SER A 1 73 ? -19.455 1.808   10.534  1.00 29.95  ? 96  SER A C   1 
ATOM   558  O O   . SER A 1 73 ? -19.643 0.666   11.014  1.00 30.02  ? 96  SER A O   1 
ATOM   559  C CB  . SER A 1 73 ? -20.338 3.704   11.936  1.00 33.74  ? 96  SER A CB  1 
ATOM   560  O OG  . SER A 1 73 ? -20.829 4.547   10.936  1.00 40.47  ? 96  SER A OG  1 
ATOM   561  N N   . PRO A 1 74 ? -19.551 2.062   9.188   1.00 30.14  ? 97  PRO A N   1 
ATOM   562  C CA  . PRO A 1 74 ? -19.800 0.890   8.322   1.00 32.73  ? 97  PRO A CA  1 
ATOM   563  C C   . PRO A 1 74 ? -18.716 -0.182  8.339   1.00 33.31  ? 97  PRO A C   1 
ATOM   564  O O   . PRO A 1 74 ? -19.055 -1.382  8.183   1.00 30.21  ? 97  PRO A O   1 
ATOM   565  C CB  . PRO A 1 74 ? -19.947 1.497   6.916   1.00 34.25  ? 97  PRO A CB  1 
ATOM   566  C CG  . PRO A 1 74 ? -20.131 2.949   7.109   1.00 33.94  ? 97  PRO A CG  1 
ATOM   567  C CD  . PRO A 1 74 ? -19.408 3.290   8.388   1.00 33.16  ? 97  PRO A CD  1 
ATOM   568  N N   . LEU A 1 75 ? -17.440 0.182   8.559   1.00 32.22  ? 98  LEU A N   1 
ATOM   569  C CA  . LEU A 1 75 ? -16.409 -0.849  8.803   1.00 29.88  ? 98  LEU A CA  1 
ATOM   570  C C   . LEU A 1 75 ? -16.628 -1.631  10.030  1.00 30.74  ? 98  LEU A C   1 
ATOM   571  O O   . LEU A 1 75 ? -16.481 -2.836  9.997   1.00 32.00  ? 98  LEU A O   1 
ATOM   572  C CB  . LEU A 1 75 ? -14.969 -0.285  8.890   1.00 35.05  ? 98  LEU A CB  1 
ATOM   573  C CG  . LEU A 1 75 ? -14.564 0.487   7.634   1.00 35.75  ? 98  LEU A CG  1 
ATOM   574  C CD1 . LEU A 1 75 ? -13.227 1.180   7.869   1.00 39.23  ? 98  LEU A CD1 1 
ATOM   575  C CD2 . LEU A 1 75 ? -14.478 -0.435  6.433   1.00 39.78  ? 98  LEU A CD2 1 
HETATM 576  N N   . PTR A 1 76 ? -16.978 -0.970  11.144  1.00 28.55  ? 99  PTR A N   1 
HETATM 577  C CA  . PTR A 1 76 ? -17.157 -1.692  12.424  1.00 32.12  ? 99  PTR A CA  1 
HETATM 578  C C   . PTR A 1 76 ? -18.271 -2.681  12.270  1.00 25.04  ? 99  PTR A C   1 
HETATM 579  O O   . PTR A 1 76 ? -18.177 -3.791  12.779  1.00 29.28  ? 99  PTR A O   1 
HETATM 580  C CB  . PTR A 1 76 ? -17.518 -0.754  13.574  1.00 36.00  ? 99  PTR A CB  1 
HETATM 581  C CG  . PTR A 1 76 ? -16.352 0.065   14.143  1.00 42.85  ? 99  PTR A CG  1 
HETATM 582  C CD1 . PTR A 1 76 ? -16.159 1.392   13.721  1.00 49.46  ? 99  PTR A CD1 1 
HETATM 583  C CD2 . PTR A 1 76 ? -15.511 -0.471  15.132  1.00 50.03  ? 99  PTR A CD2 1 
HETATM 584  C CE1 . PTR A 1 76 ? -15.109 2.167   14.233  1.00 52.36  ? 99  PTR A CE1 1 
HETATM 585  C CE2 . PTR A 1 76 ? -14.458 0.306   15.663  1.00 58.34  ? 99  PTR A CE2 1 
HETATM 586  C CZ  . PTR A 1 76 ? -14.263 1.627   15.213  1.00 62.93  ? 99  PTR A CZ  1 
HETATM 587  O OH  . PTR A 1 76 ? -13.241 2.404   15.735  1.00 80.48  ? 99  PTR A OH  1 
HETATM 588  P P   . PTR A 1 76 ? -13.551 3.634   16.759  1.00 92.36  ? 99  PTR A P   1 
HETATM 589  O O1P . PTR A 1 76 ? -14.048 3.019   18.056  1.00 85.41  ? 99  PTR A O1P 1 
HETATM 590  O O2P . PTR A 1 76 ? -12.171 4.228   16.863  1.00 103.23 ? 99  PTR A O2P 1 
HETATM 591  O O3P . PTR A 1 76 ? -14.549 4.583   16.116  1.00 81.66  ? 99  PTR A O3P 1 
ATOM   592  N N   . ASP A 1 77 ? -19.344 -2.289  11.563  1.00 25.55  ? 100 ASP A N   1 
ATOM   593  C CA  . ASP A 1 77 ? -20.437 -3.186  11.322  1.00 27.64  ? 100 ASP A CA  1 
ATOM   594  C C   . ASP A 1 77 ? -20.035 -4.380  10.520  1.00 26.66  ? 100 ASP A C   1 
ATOM   595  O O   . ASP A 1 77 ? -20.418 -5.520  10.804  1.00 26.60  ? 100 ASP A O   1 
ATOM   596  C CB  . ASP A 1 77 ? -21.578 -2.478  10.578  1.00 30.37  ? 100 ASP A CB  1 
ATOM   597  C CG  . ASP A 1 77 ? -22.859 -3.327  10.484  1.00 38.83  ? 100 ASP A CG  1 
ATOM   598  O OD1 . ASP A 1 77 ? -23.155 -4.116  11.418  1.00 47.11  ? 100 ASP A OD1 1 
ATOM   599  O OD2 . ASP A 1 77 ? -23.592 -3.199  9.469   1.00 47.11  ? 100 ASP A OD2 1 
ATOM   600  N N   . MET A 1 78 ? -19.304 -4.142  9.436   1.00 26.49  ? 101 MET A N   1 
ATOM   601  C CA  . MET A 1 78 ? -18.923 -5.278  8.610   1.00 28.02  ? 101 MET A CA  1 
ATOM   602  C C   . MET A 1 78 ? -18.006 -6.211  9.420   1.00 24.53  ? 101 MET A C   1 
ATOM   603  O O   . MET A 1 78 ? -18.099 -7.424  9.335   1.00 26.80  ? 101 MET A O   1 
ATOM   604  C CB  . MET A 1 78 ? -18.219 -4.761  7.369   1.00 29.20  ? 101 MET A CB  1 
ATOM   605  C CG  . MET A 1 78 ? -17.730 -5.832  6.424   1.00 28.61  ? 101 MET A CG  1 
ATOM   606  S SD  . MET A 1 78 ? -16.115 -6.442  6.875   1.00 32.62  ? 101 MET A SD  1 
ATOM   607  C CE  . MET A 1 78 ? -15.037 -5.080  6.387   1.00 28.63  ? 101 MET A CE  1 
ATOM   608  N N   . LEU A 1 79 ? -17.088 -5.619  10.172  1.00 24.61  ? 102 LEU A N   1 
ATOM   609  C CA  . LEU A 1 79 ? -16.214 -6.420  11.001  1.00 26.91  ? 102 LEU A CA  1 
ATOM   610  C C   . LEU A 1 79 ? -16.949 -7.260  12.067  1.00 30.46  ? 102 LEU A C   1 
ATOM   611  O O   . LEU A 1 79 ? -16.555 -8.398  12.358  1.00 29.60  ? 102 LEU A O   1 
ATOM   612  C CB  . LEU A 1 79 ? -15.133 -5.565  11.613  1.00 30.50  ? 102 LEU A CB  1 
ATOM   613  C CG  . LEU A 1 79 ? -14.148 -4.899  10.642  1.00 34.04  ? 102 LEU A CG  1 
ATOM   614  C CD1 . LEU A 1 79 ? -13.157 -4.099  11.498  1.00 37.27  ? 102 LEU A CD1 1 
ATOM   615  C CD2 . LEU A 1 79 ? -13.399 -5.860  9.698   1.00 34.79  ? 102 LEU A CD2 1 
ATOM   616  N N   . ARG A 1 80 ? -18.006 -6.726  12.677  1.00 30.29  ? 103 ARG A N   1 
ATOM   617  C CA  . ARG A 1 80 ? -18.745 -7.476  13.687  1.00 30.81  ? 103 ARG A CA  1 
ATOM   618  C C   . ARG A 1 80 ? -19.403 -8.690  13.058  1.00 30.93  ? 103 ARG A C   1 
ATOM   619  O O   . ARG A 1 80 ? -19.538 -9.741  13.703  1.00 35.74  ? 103 ARG A O   1 
ATOM   620  C CB  . ARG A 1 80 ? -19.775 -6.553  14.405  1.00 35.98  ? 103 ARG A CB  1 
ATOM   621  C CG  . ARG A 1 80 ? -21.053 -6.145  13.641  1.00 41.68  ? 103 ARG A CG  1 
ATOM   622  C CD  . ARG A 1 80 ? -22.081 -5.478  14.598  1.00 47.01  ? 103 ARG A CD  1 
ATOM   623  N NE  . ARG A 1 80 ? -21.340 -4.537  15.450  1.00 45.02  ? 103 ARG A NE  1 
ATOM   624  C CZ  . ARG A 1 80 ? -21.195 -3.218  15.237  1.00 46.29  ? 103 ARG A CZ  1 
ATOM   625  N NH1 . ARG A 1 80 ? -21.857 -2.577  14.274  1.00 40.08  ? 103 ARG A NH1 1 
ATOM   626  N NH2 . ARG A 1 80 ? -20.435 -2.510  16.081  1.00 44.90  ? 103 ARG A NH2 1 
ATOM   627  N N   . LYS A 1 81 ? -19.865 -8.530  11.812  1.00 26.85  ? 104 LYS A N   1 
ATOM   628  C CA  . LYS A 1 81 ? -20.477 -9.619  11.025  1.00 25.70  ? 104 LYS A CA  1 
ATOM   629  C C   . LYS A 1 81 ? -19.516 -10.627 10.390  1.00 25.65  ? 104 LYS A C   1 
ATOM   630  O O   . LYS A 1 81 ? -19.945 -11.732 9.988   1.00 26.85  ? 104 LYS A O   1 
ATOM   631  C CB  . LYS A 1 81 ? -21.429 -9.059  9.983   1.00 27.52  ? 104 LYS A CB  1 
ATOM   632  C CG  . LYS A 1 81 ? -22.564 -8.218  10.549  1.00 33.72  ? 104 LYS A CG  1 
ATOM   633  C CD  . LYS A 1 81 ? -23.264 -7.471  9.429   1.00 39.37  ? 104 LYS A CD  1 
ATOM   634  C CE  . LYS A 1 81 ? -24.621 -6.980  9.875   1.00 44.52  ? 104 LYS A CE  1 
ATOM   635  N NZ  . LYS A 1 81 ? -25.106 -5.935  8.930   1.00 49.71  ? 104 LYS A NZ  1 
ATOM   636  N N   . ASN A 1 82 ? -18.239 -10.279 10.300  1.00 26.79  ? 105 ASN A N   1 
ATOM   637  C CA  . ASN A 1 82 ? -17.262 -11.056 9.508   1.00 26.19  ? 105 ASN A CA  1 
ATOM   638  C C   . ASN A 1 82 ? -16.006 -11.505 10.230  1.00 27.67  ? 105 ASN A C   1 
ATOM   639  O O   . ASN A 1 82 ? -15.028 -11.943 9.591   1.00 24.77  ? 105 ASN A O   1 
ATOM   640  C CB  . ASN A 1 82 ? -16.881 -10.289 8.259   1.00 25.45  ? 105 ASN A CB  1 
ATOM   641  C CG  . ASN A 1 82 ? -17.974 -10.347 7.228   1.00 24.97  ? 105 ASN A CG  1 
ATOM   642  O OD1 . ASN A 1 82 ? -18.104 -11.354 6.501   1.00 29.02  ? 105 ASN A OD1 1 
ATOM   643  N ND2 . ASN A 1 82 ? -18.807 -9.295  7.162   1.00 26.82  ? 105 ASN A ND2 1 
ATOM   644  N N   . LEU A 1 83 ? -16.003 -11.370 11.548  1.00 28.68  ? 106 LEU A N   1 
ATOM   645  C CA  . LEU A 1 83 ? -14.860 -11.859 12.335  1.00 32.70  ? 106 LEU A CA  1 
ATOM   646  C C   . LEU A 1 83 ? -15.449 -12.925 13.227  1.00 37.18  ? 106 LEU A C   1 
ATOM   647  O O   . LEU A 1 83 ? -16.450 -12.669 13.881  1.00 38.37  ? 106 LEU A O   1 
ATOM   648  C CB  . LEU A 1 83 ? -14.199 -10.748 13.133  1.00 32.38  ? 106 LEU A CB  1 
ATOM   649  C CG  . LEU A 1 83 ? -13.541 -9.612  12.352  1.00 34.63  ? 106 LEU A CG  1 
ATOM   650  C CD1 . LEU A 1 83 ? -13.012 -8.562  13.301  1.00 38.29  ? 106 LEU A CD1 1 
ATOM   651  C CD2 . LEU A 1 83 ? -12.454 -10.122 11.419  1.00 33.51  ? 106 LEU A CD2 1 
ATOM   652  N N   . VAL A 1 84 ? -14.875 -14.124 13.172  1.00 44.24  ? 107 VAL A N   1 
ATOM   653  C CA  . VAL A 1 84 ? -15.161 -15.180 14.131  1.00 45.21  ? 107 VAL A CA  1 
ATOM   654  C C   . VAL A 1 84 ? -14.103 -15.037 15.249  1.00 54.33  ? 107 VAL A C   1 
ATOM   655  O O   . VAL A 1 84 ? -12.867 -15.155 15.044  1.00 42.47  ? 107 VAL A O   1 
ATOM   656  C CB  . VAL A 1 84 ? -15.152 -16.580 13.498  1.00 47.80  ? 107 VAL A CB  1 
ATOM   657  C CG1 . VAL A 1 84 ? -15.677 -17.604 14.487  1.00 47.11  ? 107 VAL A CG1 1 
ATOM   658  C CG2 . VAL A 1 84 ? -15.974 -16.614 12.203  1.00 50.50  ? 107 VAL A CG2 1 
ATOM   659  N N   . THR A 1 85 ? -14.604 -14.700 16.429  1.00 61.14  ? 108 THR A N   1 
ATOM   660  C CA  . THR A 1 85 ? -13.752 -14.404 17.570  1.00 70.56  ? 108 THR A CA  1 
ATOM   661  C C   . THR A 1 85 ? -13.432 -15.722 18.319  1.00 74.55  ? 108 THR A C   1 
ATOM   662  O O   . THR A 1 85 ? -13.668 -16.835 17.816  1.00 81.14  ? 108 THR A O   1 
ATOM   663  C CB  . THR A 1 85 ? -14.413 -13.325 18.469  1.00 71.82  ? 108 THR A CB  1 
ATOM   664  O OG1 . THR A 1 85 ? -15.713 -13.767 18.897  1.00 72.39  ? 108 THR A OG1 1 
ATOM   665  C CG2 . THR A 1 85 ? -14.563 -12.002 17.698  1.00 70.12  ? 108 THR A CG2 1 
ATOM   666  O OXT . THR A 1 85 ? -12.899 -15.735 19.426  1.00 74.65  ? 108 THR A OXT 1 
ATOM   667  N N   . THR B 2 1  ? -4.522  16.126  2.347   1.00 26.58  ? 1   THR C N   1 
ATOM   668  C CA  . THR B 2 1  ? -4.413  14.807  3.055   1.00 22.27  ? 1   THR C CA  1 
ATOM   669  C C   . THR B 2 1  ? -4.727  13.656  2.116   1.00 21.46  ? 1   THR C C   1 
ATOM   670  O O   . THR B 2 1  ? -5.718  13.703  1.390   1.00 23.21  ? 1   THR C O   1 
ATOM   671  C CB  . THR B 2 1  ? -5.334  14.779  4.287   1.00 21.29  ? 1   THR C CB  1 
ATOM   672  O OG1 . THR B 2 1  ? -5.126  15.989  5.072   1.00 20.17  ? 1   THR C OG1 1 
ATOM   673  C CG2 . THR B 2 1  ? -5.056  13.582  5.154   1.00 22.59  ? 1   THR C CG2 1 
ATOM   674  N N   . SER B 2 2  ? -3.833  12.709  2.082   1.00 21.31  ? 2   SER C N   1 
ATOM   675  C CA  . SER B 2 2  ? -3.962  11.533  1.124   1.00 21.35  ? 2   SER C CA  1 
ATOM   676  C C   . SER B 2 2  ? -4.716  10.439  1.765   1.00 20.20  ? 2   SER C C   1 
ATOM   677  O O   . SER B 2 2  ? -4.855  10.405  2.981   1.00 19.73  ? 2   SER C O   1 
ATOM   678  C CB  . SER B 2 2  ? -2.572  11.062  0.704   1.00 21.54  ? 2   SER C CB  1 
ATOM   679  O OG  . SER B 2 2  ? -1.937  10.460  1.803   1.00 21.77  ? 2   SER C OG  1 
ATOM   680  N N   . PHE B 2 3  ? -5.233  9.516   0.947   1.00 18.07  ? 3   PHE C N   1 
ATOM   681  C CA  . PHE B 2 3  ? -5.948  8.413   1.471   1.00 17.78  ? 3   PHE C CA  1 
ATOM   682  C C   . PHE B 2 3  ? -5.129  7.679   2.571   1.00 17.20  ? 3   PHE C C   1 
ATOM   683  O O   . PHE B 2 3  ? -5.647  7.346   3.614   1.00 18.10  ? 3   PHE C O   1 
ATOM   684  C CB  . PHE B 2 3  ? -6.315  7.392   0.345   1.00 17.84  ? 3   PHE C CB  1 
ATOM   685  C CG  . PHE B 2 3  ? -6.838  6.110   0.954   1.00 17.03  ? 3   PHE C CG  1 
ATOM   686  C CD1 . PHE B 2 3  ? -8.092  6.052   1.501   1.00 18.71  ? 3   PHE C CD1 1 
ATOM   687  C CD2 . PHE B 2 3  ? -5.984  5.025   1.195   1.00 19.49  ? 3   PHE C CD2 1 
ATOM   688  C CE1 . PHE B 2 3  ? -8.564  4.902   2.145   1.00 16.48  ? 3   PHE C CE1 1 
ATOM   689  C CE2 . PHE B 2 3  ? -6.479  3.867   1.857   1.00 17.12  ? 3   PHE C CE2 1 
ATOM   690  C CZ  . PHE B 2 3  ? -7.730  3.842   2.366   1.00 17.00  ? 3   PHE C CZ  1 
ATOM   691  N N   . ALA B 2 4  ? -3.882  7.396   2.273   1.00 19.88  ? 4   ALA C N   1 
ATOM   692  C CA  . ALA B 2 4  ? -3.055  6.678   3.235   1.00 19.55  ? 4   ALA C CA  1 
ATOM   693  C C   . ALA B 2 4  ? -2.933  7.408   4.568   1.00 20.28  ? 4   ALA C C   1 
ATOM   694  O O   . ALA B 2 4  ? -2.962  6.796   5.629   1.00 20.92  ? 4   ALA C O   1 
ATOM   695  C CB  . ALA B 2 4  ? -1.698  6.418   2.673   1.00 21.09  ? 4   ALA C CB  1 
ATOM   696  N N   . GLU B 2 5  ? -2.816  8.717   4.484   1.00 19.75  ? 5   GLU C N   1 
ATOM   697  C CA  . GLU B 2 5  ? -2.811  9.534   5.690   1.00 20.62  ? 5   GLU C CA  1 
ATOM   698  C C   . GLU B 2 5  ? -4.111  9.509   6.438   1.00 21.33  ? 5   GLU C C   1 
ATOM   699  O O   . GLU B 2 5  ? -4.156  9.250   7.665   1.00 22.23  ? 5   GLU C O   1 
ATOM   700  C CB  . GLU B 2 5  ? -2.398  10.997  5.311   1.00 20.05  ? 5   GLU C CB  1 
ATOM   701  C CG  . GLU B 2 5  ? -0.961  11.076  4.813   1.00 21.74  ? 5   GLU C CG  1 
ATOM   702  C CD  . GLU B 2 5  ? -0.613  12.362  4.108   1.00 26.41  ? 5   GLU C CD  1 
ATOM   703  O OE1 . GLU B 2 5  ? -1.512  13.212  3.812   1.00 25.55  ? 5   GLU C OE1 1 
ATOM   704  O OE2 . GLU B 2 5  ? 0.632   12.506  3.771   1.00 32.00  ? 5   GLU C OE2 1 
ATOM   705  N N   . TYR B 2 6  ? -5.257  9.662   5.725   1.00 19.84  ? 6   TYR C N   1 
ATOM   706  C CA  . TYR B 2 6  ? -6.524  9.536   6.401   1.00 19.12  ? 6   TYR C CA  1 
ATOM   707  C C   . TYR B 2 6  ? -6.705  8.186   7.115   1.00 18.69  ? 6   TYR C C   1 
ATOM   708  O O   . TYR B 2 6  ? -7.305  8.108   8.202   1.00 20.16  ? 6   TYR C O   1 
ATOM   709  C CB  . TYR B 2 6  ? -7.716  9.692   5.444   1.00 19.57  ? 6   TYR C CB  1 
ATOM   710  C CG  . TYR B 2 6  ? -8.090  11.059  5.042   1.00 20.85  ? 6   TYR C CG  1 
ATOM   711  C CD1 . TYR B 2 6  ? -8.664  11.917  5.962   1.00 22.34  ? 6   TYR C CD1 1 
ATOM   712  C CD2 . TYR B 2 6  ? -7.903  11.511  3.731   1.00 21.17  ? 6   TYR C CD2 1 
ATOM   713  C CE1 . TYR B 2 6  ? -9.054  13.178  5.595   1.00 21.29  ? 6   TYR C CE1 1 
ATOM   714  C CE2 . TYR B 2 6  ? -8.291  12.795  3.364   1.00 22.30  ? 6   TYR C CE2 1 
ATOM   715  C CZ  . TYR B 2 6  ? -8.846  13.627  4.357   1.00 22.43  ? 6   TYR C CZ  1 
ATOM   716  O OH  . TYR B 2 6  ? -9.248  14.913  3.968   1.00 23.97  ? 6   TYR C OH  1 
ATOM   717  N N   . TRP B 2 7  ? -6.249  7.123   6.480   1.00 20.21  ? 7   TRP C N   1 
ATOM   718  C CA  . TRP B 2 7  ? -6.470  5.782   6.991   1.00 18.55  ? 7   TRP C CA  1 
ATOM   719  C C   . TRP B 2 7  ? -5.707  5.638   8.356   1.00 21.46  ? 7   TRP C C   1 
ATOM   720  O O   . TRP B 2 7  ? -6.161  4.889   9.224   1.00 22.61  ? 7   TRP C O   1 
ATOM   721  C CB  . TRP B 2 7  ? -5.955  4.700   6.008   1.00 20.40  ? 7   TRP C CB  1 
ATOM   722  C CG  . TRP B 2 7  ? -6.432  3.299   6.378   1.00 19.22  ? 7   TRP C CG  1 
ATOM   723  C CD1 . TRP B 2 7  ? -5.756  2.306   6.996   1.00 20.58  ? 7   TRP C CD1 1 
ATOM   724  C CD2 . TRP B 2 7  ? -7.770  2.806   6.201   1.00 18.72  ? 7   TRP C CD2 1 
ATOM   725  N NE1 . TRP B 2 7  ? -6.570  1.221   7.175   1.00 20.18  ? 7   TRP C NE1 1 
ATOM   726  C CE2 . TRP B 2 7  ? -7.813  1.497   6.687   1.00 21.53  ? 7   TRP C CE2 1 
ATOM   727  C CE3 . TRP B 2 7  ? -8.894  3.332   5.615   1.00 20.68  ? 7   TRP C CE3 1 
ATOM   728  C CZ2 . TRP B 2 7  ? -8.943  0.730   6.632   1.00 20.42  ? 7   TRP C CZ2 1 
ATOM   729  C CZ3 . TRP B 2 7  ? -10.022 2.579   5.564   1.00 20.50  ? 7   TRP C CZ3 1 
ATOM   730  C CH2 . TRP B 2 7  ? -10.051 1.300   6.038   1.00 20.74  ? 7   TRP C CH2 1 
ATOM   731  N N   . ASN B 2 8  ? -4.616  6.411   8.520   1.00 23.97  ? 8   ASN C N   1 
ATOM   732  C CA  . ASN B 2 8  ? -3.885  6.387   9.796   1.00 27.09  ? 8   ASN C CA  1 
ATOM   733  C C   . ASN B 2 8  ? -4.733  6.944   10.964  1.00 27.58  ? 8   ASN C C   1 
ATOM   734  O O   . ASN B 2 8  ? -4.413  6.686   12.116  1.00 31.35  ? 8   ASN C O   1 
ATOM   735  C CB  . ASN B 2 8  ? -2.530  7.064   9.642   1.00 31.71  ? 8   ASN C CB  1 
ATOM   736  C CG  . ASN B 2 8  ? -1.547  6.202   8.848   1.00 32.23  ? 8   ASN C CG  1 
ATOM   737  O OD1 . ASN B 2 8  ? -1.617  4.972   8.873   1.00 37.06  ? 8   ASN C OD1 1 
ATOM   738  N ND2 . ASN B 2 8  ? -0.676  6.831   8.128   1.00 41.82  ? 8   ASN C ND2 1 
ATOM   739  N N   . LEU B 2 9  ? -5.856  7.617   10.682  1.00 23.87  ? 9   LEU C N   1 
ATOM   740  C CA  . LEU B 2 9  ? -6.744  8.065   11.771  1.00 25.54  ? 9   LEU C CA  1 
ATOM   741  C C   . LEU B 2 9  ? -7.456  6.903   12.413  1.00 31.90  ? 9   LEU C C   1 
ATOM   742  O O   . LEU B 2 9  ? -7.911  7.030   13.541  1.00 29.87  ? 9   LEU C O   1 
ATOM   743  C CB  . LEU B 2 9  ? -7.775  9.094   11.268  1.00 25.60  ? 9   LEU C CB  1 
ATOM   744  C CG  . LEU B 2 9  ? -7.221  10.409  10.738  1.00 24.37  ? 9   LEU C CG  1 
ATOM   745  C CD1 . LEU B 2 9  ? -8.309  11.135  9.961   1.00 29.55  ? 9   LEU C CD1 1 
ATOM   746  C CD2 . LEU B 2 9  ? -6.665  11.197  11.881  1.00 26.66  ? 9   LEU C CD2 1 
ATOM   747  N N   . LEU B 2 10 ? -7.588  5.784   11.703  1.00 28.44  ? 10  LEU C N   1 
ATOM   748  C CA  . LEU B 2 10 ? -8.407  4.669   12.177  1.00 32.71  ? 10  LEU C CA  1 
ATOM   749  C C   . LEU B 2 10 ? -7.565  3.847   13.188  1.00 44.83  ? 10  LEU C C   1 
ATOM   750  O O   . LEU B 2 10 ? -6.489  3.331   12.863  1.00 46.49  ? 10  LEU C O   1 
ATOM   751  C CB  . LEU B 2 10 ? -8.886  3.797   11.010  1.00 33.22  ? 10  LEU C CB  1 
ATOM   752  C CG  . LEU B 2 10 ? -9.910  4.526   10.144  1.00 32.56  ? 10  LEU C CG  1 
ATOM   753  C CD1 . LEU B 2 10 ? -10.432 3.673   9.000   1.00 34.23  ? 10  LEU C CD1 1 
ATOM   754  C CD2 . LEU B 2 10 ? -11.056 5.020   10.997  1.00 35.60  ? 10  LEU C CD2 1 
ATOM   755  N N   . SER B 2 11 ? -8.046  3.829   14.426  1.00 57.43  ? 11  SER C N   1 
ATOM   756  C CA  . SER B 2 11 ? -7.410  3.110   15.543  1.00 71.02  ? 11  SER C CA  1 
ATOM   757  C C   . SER B 2 11 ? -8.493  2.655   16.526  1.00 76.96  ? 11  SER C C   1 
ATOM   758  O O   . SER B 2 11 ? -9.615  3.181   16.526  1.00 73.49  ? 11  SER C O   1 
ATOM   759  C CB  . SER B 2 11 ? -6.386  3.995   16.266  1.00 67.44  ? 11  SER C CB  1 
ATOM   760  O OG  . SER B 2 11 ? -5.132  3.947   15.611  1.00 68.58  ? 11  SER C OG  1 
ATOM   761  N N   . ASN C 1 2  ? 23.243  -11.499 4.106   1.00 63.48  ? 25  ASN B N   1 
ATOM   762  C CA  . ASN C 1 2  ? 22.907  -10.624 2.942   1.00 60.18  ? 25  ASN B CA  1 
ATOM   763  C C   . ASN C 1 2  ? 21.739  -9.646  3.205   1.00 57.50  ? 25  ASN B C   1 
ATOM   764  O O   . ASN C 1 2  ? 20.968  -9.318  2.311   1.00 48.14  ? 25  ASN B O   1 
ATOM   765  C CB  . ASN C 1 2  ? 22.594  -11.461 1.695   1.00 60.47  ? 25  ASN B CB  1 
ATOM   766  C CG  . ASN C 1 2  ? 22.880  -10.708 0.408   1.00 65.29  ? 25  ASN B CG  1 
ATOM   767  O OD1 . ASN C 1 2  ? 23.117  -9.494  0.426   1.00 62.14  ? 25  ASN B OD1 1 
ATOM   768  N ND2 . ASN C 1 2  ? 22.880  -11.425 -0.718  1.00 71.59  ? 25  ASN B ND2 1 
ATOM   769  N N   . GLN C 1 3  ? 21.582  -9.194  4.434   1.00 56.34  ? 26  GLN B N   1 
ATOM   770  C CA  . GLN C 1 3  ? 20.756  -8.024  4.641   1.00 48.80  ? 26  GLN B CA  1 
ATOM   771  C C   . GLN C 1 3  ? 21.540  -6.806  4.306   1.00 48.34  ? 26  GLN B C   1 
ATOM   772  O O   . GLN C 1 3  ? 22.772  -6.810  4.334   1.00 45.24  ? 26  GLN B O   1 
ATOM   773  C CB  . GLN C 1 3  ? 20.314  -7.920  6.054   1.00 49.06  ? 26  GLN B CB  1 
ATOM   774  C CG  . GLN C 1 3  ? 19.397  -9.033  6.408   1.00 52.03  ? 26  GLN B CG  1 
ATOM   775  C CD  . GLN C 1 3  ? 18.946  -8.876  7.798   1.00 54.79  ? 26  GLN B CD  1 
ATOM   776  O OE1 . GLN C 1 3  ? 19.082  -7.803  8.377   1.00 51.89  ? 26  GLN B OE1 1 
ATOM   777  N NE2 . GLN C 1 3  ? 18.426  -9.939  8.369   1.00 61.44  ? 26  GLN B NE2 1 
ATOM   778  N N   . VAL C 1 4  ? 20.809  -5.720  4.060   1.00 36.98  ? 27  VAL B N   1 
ATOM   779  C CA  . VAL C 1 4  ? 21.422  -4.490  3.653   1.00 33.33  ? 27  VAL B CA  1 
ATOM   780  C C   . VAL C 1 4  ? 20.980  -3.359  4.617   1.00 28.09  ? 27  VAL B C   1 
ATOM   781  O O   . VAL C 1 4  ? 19.945  -3.505  5.338   1.00 29.90  ? 27  VAL B O   1 
ATOM   782  C CB  . VAL C 1 4  ? 21.029  -4.168  2.182   1.00 36.29  ? 27  VAL B CB  1 
ATOM   783  C CG1 . VAL C 1 4  ? 21.565  -5.242  1.195   1.00 37.06  ? 27  VAL B CG1 1 
ATOM   784  C CG2 . VAL C 1 4  ? 19.505  -4.109  2.024   1.00 34.77  ? 27  VAL B CG2 1 
ATOM   785  N N   . ARG C 1 5  ? 21.733  -2.279  4.600   1.00 29.99  ? 28  ARG B N   1 
ATOM   786  C CA  . ARG C 1 5  ? 21.478  -1.097  5.434   1.00 29.62  ? 28  ARG B CA  1 
ATOM   787  C C   . ARG C 1 5  ? 21.430  0.111   4.532   1.00 30.56  ? 28  ARG B C   1 
ATOM   788  O O   . ARG C 1 5  ? 22.453  0.581   4.044   1.00 31.98  ? 28  ARG B O   1 
ATOM   789  C CB  . ARG C 1 5  ? 22.525  -0.878  6.593   1.00 33.84  ? 28  ARG B CB  1 
ATOM   790  C CG  . ARG C 1 5  ? 23.053  -2.109  7.274   1.00 37.64  ? 28  ARG B CG  1 
ATOM   791  C CD  . ARG C 1 5  ? 24.316  -1.788  8.140   1.00 39.66  ? 28  ARG B CD  1 
ATOM   792  N NE  . ARG C 1 5  ? 24.255  -0.450  8.642   1.00 38.05  ? 28  ARG B NE  1 
ATOM   793  C CZ  . ARG C 1 5  ? 25.280  0.351   8.967   1.00 32.87  ? 28  ARG B CZ  1 
ATOM   794  N NH1 . ARG C 1 5  ? 26.556  -0.039  8.930   1.00 27.73  ? 28  ARG B NH1 1 
ATOM   795  N NH2 . ARG C 1 5  ? 24.977  1.568   9.380   1.00 34.48  ? 28  ARG B NH2 1 
ATOM   796  N N   . PRO C 1 6  ? 20.204  0.603   4.255   1.00 25.32  ? 29  PRO B N   1 
ATOM   797  C CA  . PRO C 1 6  ? 20.066  1.730   3.422   1.00 25.09  ? 29  PRO B CA  1 
ATOM   798  C C   . PRO C 1 6  ? 20.749  2.945   4.031   1.00 26.52  ? 29  PRO B C   1 
ATOM   799  O O   . PRO C 1 6  ? 20.706  3.144   5.239   1.00 29.17  ? 29  PRO B O   1 
ATOM   800  C CB  . PRO C 1 6  ? 18.509  1.935   3.333   1.00 23.90  ? 29  PRO B CB  1 
ATOM   801  C CG  . PRO C 1 6  ? 17.971  0.606   3.595   1.00 26.92  ? 29  PRO B CG  1 
ATOM   802  C CD  . PRO C 1 6  ? 18.919  -0.001  4.619   1.00 25.95  ? 29  PRO B CD  1 
ATOM   803  N N   . LYS C 1 7  ? 21.314  3.751   3.172   1.00 26.25  ? 30  LYS B N   1 
ATOM   804  C CA  . LYS C 1 7  ? 21.775  5.079   3.535   1.00 28.88  ? 30  LYS B CA  1 
ATOM   805  C C   . LYS C 1 7  ? 20.610  5.992   3.848   1.00 30.69  ? 30  LYS B C   1 
ATOM   806  O O   . LYS C 1 7  ? 19.509  5.783   3.369   1.00 25.34  ? 30  LYS B O   1 
ATOM   807  C CB  . LYS C 1 7  ? 22.575  5.658   2.400   1.00 31.74  ? 30  LYS B CB  1 
ATOM   808  C CG  . LYS C 1 7  ? 23.892  4.915   2.257   1.00 35.48  ? 30  LYS B CG  1 
ATOM   809  C CD  . LYS C 1 7  ? 24.799  5.586   1.254   1.00 37.13  ? 30  LYS B CD  1 
ATOM   810  C CE  . LYS C 1 7  ? 25.994  4.681   1.054   1.00 40.07  ? 30  LYS B CE  1 
ATOM   811  N NZ  . LYS C 1 7  ? 26.598  5.023   -0.251  1.00 37.45  ? 30  LYS B NZ  1 
ATOM   812  N N   . LEU C 1 8  ? 20.873  7.084   4.578   1.00 31.36  ? 31  LEU B N   1 
ATOM   813  C CA  . LEU C 1 8  ? 19.800  7.986   5.059   1.00 32.26  ? 31  LEU B CA  1 
ATOM   814  C C   . LEU C 1 8  ? 18.644  8.427   4.110   1.00 28.28  ? 31  LEU B C   1 
ATOM   815  O O   . LEU C 1 8  ? 17.508  8.225   4.498   1.00 25.50  ? 31  LEU B O   1 
ATOM   816  C CB  . LEU C 1 8  ? 20.429  9.263   5.630   1.00 38.55  ? 31  LEU B CB  1 
ATOM   817  C CG  . LEU C 1 8  ? 19.312  10.196  6.124   1.00 42.60  ? 31  LEU B CG  1 
ATOM   818  C CD1 . LEU C 1 8  ? 19.002  9.818   7.551   1.00 42.95  ? 31  LEU B CD1 1 
ATOM   819  C CD2 . LEU C 1 8  ? 19.664  11.667  5.955   1.00 48.33  ? 31  LEU B CD2 1 
ATOM   820  N N   . PRO C 1 9  ? 18.905  9.036   2.930   1.00 26.62  ? 32  PRO B N   1 
ATOM   821  C CA  . PRO C 1 9  ? 17.748  9.453   2.131   1.00 29.43  ? 32  PRO B CA  1 
ATOM   822  C C   . PRO C 1 9  ? 16.908  8.265   1.682   1.00 24.99  ? 32  PRO B C   1 
ATOM   823  O O   . PRO C 1 9  ? 15.671  8.403   1.644   1.00 25.05  ? 32  PRO B O   1 
ATOM   824  C CB  . PRO C 1 9  ? 18.352  10.230  0.944   1.00 30.01  ? 32  PRO B CB  1 
ATOM   825  C CG  . PRO C 1 9  ? 19.739  9.668   0.868   1.00 31.44  ? 32  PRO B CG  1 
ATOM   826  C CD  . PRO C 1 9  ? 20.176  9.405   2.244   1.00 33.24  ? 32  PRO B CD  1 
ATOM   827  N N   . LEU C 1 10 ? 17.548  7.107   1.411   1.00 25.23  ? 33  LEU B N   1 
ATOM   828  C CA  . LEU C 1 10 ? 16.750  5.890   1.114   1.00 25.74  ? 33  LEU B CA  1 
ATOM   829  C C   . LEU C 1 10 ? 16.007  5.406   2.301   1.00 22.96  ? 33  LEU B C   1 
ATOM   830  O O   . LEU C 1 10 ? 14.840  5.029   2.215   1.00 21.79  ? 33  LEU B O   1 
ATOM   831  C CB  . LEU C 1 10 ? 17.570  4.752   0.541   1.00 24.45  ? 33  LEU B CB  1 
ATOM   832  C CG  . LEU C 1 10 ? 16.849  3.440   0.123   1.00 25.15  ? 33  LEU B CG  1 
ATOM   833  C CD1 . LEU C 1 10 ? 15.720  3.778   -0.867  1.00 23.46  ? 33  LEU B CD1 1 
ATOM   834  C CD2 . LEU C 1 10 ? 17.798  2.370   -0.452  1.00 25.84  ? 33  LEU B CD2 1 
ATOM   835  N N   . LEU C 1 11 ? 16.679  5.370   3.470   1.00 21.31  ? 34  LEU B N   1 
ATOM   836  C CA  . LEU C 1 11 ? 15.970  4.950   4.672   1.00 19.53  ? 34  LEU B CA  1 
ATOM   837  C C   . LEU C 1 11 ? 14.728  5.801   4.970   1.00 19.61  ? 34  LEU B C   1 
ATOM   838  O O   . LEU C 1 11 ? 13.699  5.294   5.384   1.00 19.81  ? 34  LEU B O   1 
ATOM   839  C CB  . LEU C 1 11 ? 16.915  4.935   5.904   1.00 21.38  ? 34  LEU B CB  1 
ATOM   840  C CG  . LEU C 1 11 ? 16.389  4.279   7.160   1.00 23.21  ? 34  LEU B CG  1 
ATOM   841  C CD1 . LEU C 1 11 ? 16.155  2.789   6.984   1.00 23.15  ? 34  LEU B CD1 1 
ATOM   842  C CD2 . LEU C 1 11 ? 17.388  4.535   8.267   1.00 27.68  ? 34  LEU B CD2 1 
ATOM   843  N N   . LYS C 1 12 ? 14.878  7.123   4.837   1.00 20.49  ? 35  LYS B N   1 
ATOM   844  C CA  . LYS C 1 12 ? 13.771  8.028   5.025   1.00 22.42  ? 35  LYS B CA  1 
ATOM   845  C C   . LYS C 1 12 ? 12.556  7.700   4.135   1.00 20.43  ? 35  LYS B C   1 
ATOM   846  O O   . LYS C 1 12 ? 11.390  7.785   4.595   1.00 21.44  ? 35  LYS B O   1 
ATOM   847  C CB  . LYS C 1 12 ? 14.233  9.420   4.777   1.00 25.55  ? 35  LYS B CB  1 
ATOM   848  C CG  . LYS C 1 12 ? 15.199  9.969   5.856   1.00 30.15  ? 35  LYS B CG  1 
ATOM   849  C CD  . LYS C 1 12 ? 14.482  10.361  7.093   1.00 35.26  ? 35  LYS B CD  1 
ATOM   850  C CE  . LYS C 1 12 ? 15.453  10.679  8.233   1.00 43.99  ? 35  LYS B CE  1 
ATOM   851  N NZ  . LYS C 1 12 ? 15.608  12.131  8.386   1.00 48.70  ? 35  LYS B NZ  1 
ATOM   852  N N   . ILE C 1 13 ? 12.824  7.396   2.883   1.00 22.68  ? 36  ILE B N   1 
ATOM   853  C CA  . ILE C 1 13 ? 11.765  6.937   1.939   1.00 20.37  ? 36  ILE B CA  1 
ATOM   854  C C   . ILE C 1 13 ? 11.116  5.649   2.450   1.00 19.90  ? 36  ILE B C   1 
ATOM   855  O O   . ILE C 1 13 ? 9.906   5.496   2.450   1.00 19.23  ? 36  ILE B O   1 
ATOM   856  C CB  . ILE C 1 13 ? 12.360  6.767   0.525   1.00 19.86  ? 36  ILE B CB  1 
ATOM   857  C CG1 . ILE C 1 13 ? 12.637  8.179   -0.074  1.00 22.81  ? 36  ILE B CG1 1 
ATOM   858  C CG2 . ILE C 1 13 ? 11.438  5.960   -0.406  1.00 19.94  ? 36  ILE B CG2 1 
ATOM   859  C CD1 . ILE C 1 13 ? 13.357  8.143   -1.386  1.00 25.46  ? 36  ILE B CD1 1 
ATOM   860  N N   . LEU C 1 14 ? 11.925  4.683   2.925   1.00 18.03  ? 37  LEU B N   1 
ATOM   861  C CA  . LEU C 1 14 ? 11.329  3.423   3.346   1.00 19.89  ? 37  LEU B CA  1 
ATOM   862  C C   . LEU C 1 14 ? 10.493  3.615   4.601   1.00 18.87  ? 37  LEU B C   1 
ATOM   863  O O   . LEU C 1 14 ? 9.415   3.038   4.761   1.00 20.20  ? 37  LEU B O   1 
ATOM   864  C CB  . LEU C 1 14 ? 12.428  2.344   3.614   1.00 19.21  ? 37  LEU B CB  1 
ATOM   865  C CG  . LEU C 1 14 ? 13.337  2.065   2.432   1.00 19.01  ? 37  LEU B CG  1 
ATOM   866  C CD1 . LEU C 1 14 ? 14.404  1.004   2.779   1.00 23.05  ? 37  LEU B CD1 1 
ATOM   867  C CD2 . LEU C 1 14 ? 12.570  1.612   1.218   1.00 20.92  ? 37  LEU B CD2 1 
ATOM   868  N N   . HIS C 1 15 ? 10.999  4.440   5.531   1.00 17.16  ? 38  HIS B N   1 
ATOM   869  C CA  . HIS C 1 15 ? 10.272  4.783   6.725   1.00 19.13  ? 38  HIS B CA  1 
ATOM   870  C C   . HIS C 1 15 ? 8.925   5.539   6.392   1.00 17.89  ? 38  HIS B C   1 
ATOM   871  O O   . HIS C 1 15 ? 7.921   5.273   7.061   1.00 20.57  ? 38  HIS B O   1 
ATOM   872  C CB  . HIS C 1 15 ? 11.103  5.617   7.643   1.00 20.29  ? 38  HIS B CB  1 
ATOM   873  C CG  . HIS C 1 15 ? 12.134  4.828   8.398   1.00 23.79  ? 38  HIS B CG  1 
ATOM   874  N ND1 . HIS C 1 15 ? 13.053  5.439   9.217   1.00 27.10  ? 38  HIS B ND1 1 
ATOM   875  C CD2 . HIS C 1 15 ? 12.447  3.518   8.384   1.00 23.56  ? 38  HIS B CD2 1 
ATOM   876  C CE1 . HIS C 1 15 ? 13.859  4.524   9.748   1.00 26.14  ? 38  HIS B CE1 1 
ATOM   877  N NE2 . HIS C 1 15 ? 13.497  3.345   9.280   1.00 26.24  ? 38  HIS B NE2 1 
ATOM   878  N N   . ALA C 1 16 ? 8.955   6.416   5.390   1.00 18.84  ? 39  ALA B N   1 
ATOM   879  C CA  . ALA C 1 16 ? 7.727   7.038   4.921   1.00 20.18  ? 39  ALA B CA  1 
ATOM   880  C C   . ALA C 1 16 ? 6.667   6.033   4.458   1.00 22.44  ? 39  ALA B C   1 
ATOM   881  O O   . ALA C 1 16 ? 5.452   6.315   4.563   1.00 25.80  ? 39  ALA B O   1 
ATOM   882  C CB  . ALA C 1 16 ? 8.029   8.070   3.882   1.00 20.06  ? 39  ALA B CB  1 
ATOM   883  N N   . ALA C 1 17 ? 7.095   4.854   4.012   1.00 20.23  ? 40  ALA B N   1 
ATOM   884  C CA  . ALA C 1 17 ? 6.197   3.797   3.568   1.00 22.36  ? 40  ALA B CA  1 
ATOM   885  C C   . ALA C 1 17 ? 5.874   2.778   4.624   1.00 22.42  ? 40  ALA B C   1 
ATOM   886  O O   . ALA C 1 17 ? 5.211   1.779   4.332   1.00 25.21  ? 40  ALA B O   1 
ATOM   887  C CB  . ALA C 1 17 ? 6.796   3.150   2.359   1.00 23.17  ? 40  ALA B CB  1 
ATOM   888  N N   . GLY C 1 18 ? 6.323   3.022   5.857   1.00 22.94  ? 41  GLY B N   1 
ATOM   889  C CA  . GLY C 1 18 ? 5.906   2.234   7.018   1.00 23.72  ? 41  GLY B CA  1 
ATOM   890  C C   . GLY C 1 18 ? 6.936   1.227   7.505   1.00 25.62  ? 41  GLY B C   1 
ATOM   891  O O   . GLY C 1 18 ? 6.633   0.473   8.395   1.00 26.53  ? 41  GLY B O   1 
ATOM   892  N N   . ALA C 1 19 ? 8.126   1.187   6.894   1.00 22.86  ? 42  ALA B N   1 
ATOM   893  C CA  . ALA C 1 19 ? 9.253   0.393   7.331   1.00 25.15  ? 42  ALA B CA  1 
ATOM   894  C C   . ALA C 1 19 ? 9.729   0.854   8.676   1.00 28.15  ? 42  ALA B C   1 
ATOM   895  O O   . ALA C 1 19 ? 9.582   2.010   9.054   1.00 27.81  ? 42  ALA B O   1 
ATOM   896  C CB  . ALA C 1 19 ? 10.386  0.461   6.294   1.00 23.98  ? 42  ALA B CB  1 
ATOM   897  N N   . GLN C 1 20 ? 10.272  -0.110  9.415   1.00 28.88  ? 43  GLN B N   1 
ATOM   898  C CA  . GLN C 1 20 ? 10.802  0.182   10.755  1.00 32.90  ? 43  GLN B CA  1 
ATOM   899  C C   . GLN C 1 20 ? 12.203  -0.374  10.794  1.00 27.60  ? 43  GLN B C   1 
ATOM   900  O O   . GLN C 1 20 ? 12.443  -1.380  10.129  1.00 28.65  ? 43  GLN B O   1 
ATOM   901  C CB  . GLN C 1 20 ? 9.984   -0.572  11.788  1.00 34.77  ? 43  GLN B CB  1 
ATOM   902  C CG  . GLN C 1 20 ? 8.524   -0.137  11.880  1.00 44.10  ? 43  GLN B CG  1 
ATOM   903  C CD  . GLN C 1 20 ? 7.887   -0.628  13.176  1.00 51.63  ? 43  GLN B CD  1 
ATOM   904  O OE1 . GLN C 1 20 ? 8.463   -0.469  14.253  1.00 59.92  ? 43  GLN B OE1 1 
ATOM   905  N NE2 . GLN C 1 20 ? 6.733   -1.271  13.072  1.00 54.13  ? 43  GLN B NE2 1 
ATOM   906  N N   . GLY C 1 21 ? 13.085  0.282   11.546  1.00 28.66  ? 44  GLY B N   1 
ATOM   907  C CA  . GLY C 1 21 ? 14.449  -0.251  11.758  1.00 29.51  ? 44  GLY B CA  1 
ATOM   908  C C   . GLY C 1 21 ? 15.368  0.177   10.616  1.00 28.38  ? 44  GLY B C   1 
ATOM   909  O O   . GLY C 1 21 ? 15.056  1.077   9.807   1.00 25.89  ? 44  GLY B O   1 
ATOM   910  N N   . GLU C 1 22 ? 16.567  -0.408  10.572  1.00 26.23  ? 45  GLU B N   1 
ATOM   911  C CA  . GLU C 1 22 ? 17.622  0.078   9.732   1.00 25.68  ? 45  GLU B CA  1 
ATOM   912  C C   . GLU C 1 22 ? 18.231  -0.953  8.774   1.00 23.60  ? 45  GLU B C   1 
ATOM   913  O O   . GLU C 1 22 ? 18.974  -0.556  7.845   1.00 25.13  ? 45  GLU B O   1 
ATOM   914  C CB  . GLU C 1 22 ? 18.743  0.652   10.573  1.00 32.38  ? 45  GLU B CB  1 
ATOM   915  C CG  . GLU C 1 22 ? 18.273  1.778   11.490  1.00 36.54  ? 45  GLU B CG  1 
ATOM   916  C CD  . GLU C 1 22 ? 19.347  2.064   12.493  1.00 47.55  ? 45  GLU B CD  1 
ATOM   917  O OE1 . GLU C 1 22 ? 20.471  2.361   12.043  1.00 43.93  ? 45  GLU B OE1 1 
ATOM   918  O OE2 . GLU C 1 22 ? 19.088  1.937   13.692  1.00 55.80  ? 45  GLU B OE2 1 
ATOM   919  N N   . MET C 1 23 ? 17.958  -2.228  9.011   1.00 26.65  ? 46  MET B N   1 
ATOM   920  C CA  . MET C 1 23 ? 18.386  -3.311  8.120   1.00 25.63  ? 46  MET B CA  1 
ATOM   921  C C   . MET C 1 23 ? 17.192  -4.090  7.590   1.00 26.51  ? 46  MET B C   1 
ATOM   922  O O   . MET C 1 23 ? 16.190  -4.290  8.281   1.00 27.18  ? 46  MET B O   1 
ATOM   923  C CB  . MET C 1 23 ? 19.234  -4.352  8.900   1.00 27.23  ? 46  MET B CB  1 
ATOM   924  C CG  . MET C 1 23 ? 20.446  -3.737  9.498   1.00 26.34  ? 46  MET B CG  1 
ATOM   925  S SD  . MET C 1 23 ? 21.659  -4.962  10.168  1.00 26.64  ? 46  MET B SD  1 
ATOM   926  C CE  . MET C 1 23 ? 22.397  -5.484  8.650   1.00 25.18  ? 46  MET B CE  1 
ATOM   927  N N   . PHE C 1 24 ? 17.343  -4.518  6.364   1.00 28.42  ? 47  PHE B N   1 
ATOM   928  C CA  . PHE C 1 24 ? 16.286  -5.140  5.568   1.00 31.33  ? 47  PHE B CA  1 
ATOM   929  C C   . PHE C 1 24 ? 16.874  -6.180  4.619   1.00 25.58  ? 47  PHE B C   1 
ATOM   930  O O   . PHE C 1 24 ? 17.952  -6.006  4.111   1.00 34.46  ? 47  PHE B O   1 
ATOM   931  C CB  . PHE C 1 24 ? 15.613  -4.048  4.693   1.00 29.67  ? 47  PHE B CB  1 
ATOM   932  C CG  . PHE C 1 24 ? 15.067  -2.896  5.496   1.00 26.46  ? 47  PHE B CG  1 
ATOM   933  C CD1 . PHE C 1 24 ? 13.807  -2.998  6.067   1.00 29.43  ? 47  PHE B CD1 1 
ATOM   934  C CD2 . PHE C 1 24 ? 15.833  -1.763  5.737   1.00 24.93  ? 47  PHE B CD2 1 
ATOM   935  C CE1 . PHE C 1 24 ? 13.306  -1.995  6.875   1.00 26.82  ? 47  PHE B CE1 1 
ATOM   936  C CE2 . PHE C 1 24 ? 15.333  -0.734  6.530   1.00 25.92  ? 47  PHE B CE2 1 
ATOM   937  C CZ  . PHE C 1 24 ? 14.088  -0.864  7.128   1.00 25.15  ? 47  PHE B CZ  1 
ATOM   938  N N   . THR C 1 25 ? 16.054  -7.167  4.265   1.00 36.82  ? 48  THR B N   1 
ATOM   939  C CA  . THR C 1 25 ? 16.333  -7.920  3.048   1.00 38.10  ? 48  THR B CA  1 
ATOM   940  C C   . THR C 1 25 ? 16.102  -7.004  1.804   1.00 43.58  ? 48  THR B C   1 
ATOM   941  O O   . THR C 1 25 ? 15.350  -6.003  1.866   1.00 33.61  ? 48  THR B O   1 
ATOM   942  C CB  . THR C 1 25 ? 15.485  -9.192  2.999   1.00 41.09  ? 48  THR B CB  1 
ATOM   943  O OG1 . THR C 1 25 ? 14.098  -8.865  2.828   1.00 39.47  ? 48  THR B OG1 1 
ATOM   944  C CG2 . THR C 1 25 ? 15.618  -10.009 4.306   1.00 43.56  ? 48  THR B CG2 1 
ATOM   945  N N   . VAL C 1 26 ? 16.780  -7.284  0.695   1.00 38.74  ? 49  VAL B N   1 
ATOM   946  C CA  . VAL C 1 26 ? 16.530  -6.548  -0.553  1.00 43.51  ? 49  VAL B CA  1 
ATOM   947  C C   . VAL C 1 26 ? 15.064  -6.674  -1.004  1.00 42.83  ? 49  VAL B C   1 
ATOM   948  O O   . VAL C 1 26 ? 14.506  -5.723  -1.551  1.00 39.54  ? 49  VAL B O   1 
ATOM   949  C CB  . VAL C 1 26 ? 17.483  -6.982  -1.688  1.00 51.77  ? 49  VAL B CB  1 
ATOM   950  C CG1 . VAL C 1 26 ? 17.114  -6.310  -3.014  1.00 53.27  ? 49  VAL B CG1 1 
ATOM   951  C CG2 . VAL C 1 26 ? 18.926  -6.653  -1.327  1.00 51.69  ? 49  VAL B CG2 1 
ATOM   952  N N   . LYS C 1 27 ? 14.468  -7.821  -0.710  1.00 38.99  ? 50  LYS B N   1 
ATOM   953  C CA  . LYS C 1 27 ? 13.035  -8.084  -0.889  1.00 43.00  ? 50  LYS B CA  1 
ATOM   954  C C   . LYS C 1 27 ? 12.147  -7.077  -0.126  1.00 38.51  ? 50  LYS B C   1 
ATOM   955  O O   . LYS C 1 27 ? 11.223  -6.477  -0.707  1.00 31.86  ? 50  LYS B O   1 
ATOM   956  C CB  . LYS C 1 27 ? 12.761  -9.499  -0.399  1.00 47.54  ? 50  LYS B CB  1 
ATOM   957  C CG  . LYS C 1 27 ? 11.320  -9.967  -0.277  1.00 50.19  ? 50  LYS B CG  1 
ATOM   958  C CD  . LYS C 1 27 ? 11.137  -11.297 -1.032  1.00 54.54  ? 50  LYS B CD  1 
ATOM   959  C CE  . LYS C 1 27 ? 10.525  -12.417 -0.216  1.00 57.15  ? 50  LYS B CE  1 
ATOM   960  N NZ  . LYS C 1 27 ? 9.145   -12.137 0.265   1.00 61.47  ? 50  LYS B NZ  1 
ATOM   961  N N   . GLU C 1 28 ? 12.466  -6.872  1.150   1.00 34.86  ? 51  GLU B N   1 
ATOM   962  C CA  . GLU C 1 28 ? 11.857  -5.821  1.976   1.00 32.16  ? 51  GLU B CA  1 
ATOM   963  C C   . GLU C 1 28 ? 12.049  -4.424  1.394   1.00 28.23  ? 51  GLU B C   1 
ATOM   964  O O   . GLU C 1 28 ? 11.053  -3.626  1.380   1.00 25.27  ? 51  GLU B O   1 
ATOM   965  C CB  . GLU C 1 28 ? 12.322  -5.910  3.430   1.00 36.43  ? 51  GLU B CB  1 
ATOM   966  C CG  . GLU C 1 28 ? 11.755  -7.150  4.130   1.00 36.39  ? 51  GLU B CG  1 
ATOM   967  C CD  . GLU C 1 28 ? 12.336  -7.448  5.512   1.00 44.11  ? 51  GLU B CD  1 
ATOM   968  O OE1 . GLU C 1 28 ? 13.432  -6.949  5.807   1.00 41.44  ? 51  GLU B OE1 1 
ATOM   969  O OE2 . GLU C 1 28 ? 11.657  -8.158  6.295   1.00 49.37  ? 51  GLU B OE2 1 
ATOM   970  N N   . VAL C 1 29 ? 13.263  -4.087  0.951   1.00 25.01  ? 52  VAL B N   1 
ATOM   971  C CA  . VAL C 1 29 ? 13.552  -2.782  0.308   1.00 24.21  ? 52  VAL B CA  1 
ATOM   972  C C   . VAL C 1 29 ? 12.641  -2.568  -0.899  1.00 26.33  ? 52  VAL B C   1 
ATOM   973  O O   . VAL C 1 29 ? 12.031  -1.524  -1.085  1.00 23.99  ? 52  VAL B O   1 
ATOM   974  C CB  . VAL C 1 29 ? 15.005  -2.565  -0.154  1.00 23.68  ? 52  VAL B CB  1 
ATOM   975  C CG1 . VAL C 1 29 ? 15.183  -1.249  -0.880  1.00 26.08  ? 52  VAL B CG1 1 
ATOM   976  C CG2 . VAL C 1 29 ? 15.918  -2.559  1.120   1.00 27.07  ? 52  VAL B CG2 1 
ATOM   977  N N   . MET C 1 30 ? 12.647  -3.557  -1.789  1.00 24.95  ? 53  MET B N   1 
ATOM   978  C CA  . MET C 1 30 ? 11.756  -3.483  -2.939  1.00 25.93  ? 53  MET B CA  1 
ATOM   979  C C   . MET C 1 30 ? 10.280  -3.303  -2.537  1.00 23.92  ? 53  MET B C   1 
ATOM   980  O O   . MET C 1 30 ? 9.562   -2.518  -3.221  1.00 23.07  ? 53  MET B O   1 
ATOM   981  C CB  . MET C 1 30 ? 12.013  -4.724  -3.825  1.00 27.46  ? 53  MET B CB  1 
ATOM   982  C CG  . MET C 1 30 ? 13.366  -4.561  -4.559  1.00 29.52  ? 53  MET B CG  1 
ATOM   983  S SD  . MET C 1 30 ? 13.710  -3.149  -5.574  1.00 39.45  ? 53  MET B SD  1 
ATOM   984  C CE  . MET C 1 30 ? 12.433  -3.346  -6.806  1.00 39.07  ? 53  MET B CE  1 
ATOM   985  N N   . HIS C 1 31 ? 9.809   -4.016  -1.525  1.00 20.99  ? 54  HIS B N   1 
ATOM   986  C CA  . HIS C 1 31 ? 8.427   -3.956  -1.072  1.00 25.48  ? 54  HIS B CA  1 
ATOM   987  C C   . HIS C 1 31 ? 8.086   -2.559  -0.600  1.00 23.23  ? 54  HIS B C   1 
ATOM   988  O O   . HIS C 1 31 ? 7.049   -1.987  -0.997  1.00 21.25  ? 54  HIS B O   1 
ATOM   989  C CB  . HIS C 1 31 ? 8.134   -4.949  0.026   1.00 25.43  ? 54  HIS B CB  1 
ATOM   990  C CG  . HIS C 1 31 ? 6.856   -4.684  0.767   1.00 28.88  ? 54  HIS B CG  1 
ATOM   991  N ND1 . HIS C 1 31 ? 5.623   -5.045  0.266   1.00 32.31  ? 54  HIS B ND1 1 
ATOM   992  C CD2 . HIS C 1 31 ? 6.617   -4.124  1.971   1.00 32.07  ? 54  HIS B CD2 1 
ATOM   993  C CE1 . HIS C 1 31 ? 4.672   -4.671  1.111   1.00 34.42  ? 54  HIS B CE1 1 
ATOM   994  N NE2 . HIS C 1 31 ? 5.254   -4.127  2.170   1.00 34.44  ? 54  HIS B NE2 1 
ATOM   995  N N   . TYR C 1 32 ? 8.959   -2.011  0.225   1.00 21.23  ? 55  TYR B N   1 
ATOM   996  C CA  . TYR C 1 32 ? 8.690   -0.632  0.720   1.00 22.51  ? 55  TYR B CA  1 
ATOM   997  C C   . TYR C 1 32 ? 8.851   0.452   -0.348  1.00 21.47  ? 55  TYR B C   1 
ATOM   998  O O   . TYR C 1 32 ? 8.150   1.495   -0.249  1.00 19.02  ? 55  TYR B O   1 
ATOM   999  C CB  . TYR C 1 32 ? 9.504   -0.306  1.995   1.00 24.47  ? 55  TYR B CB  1 
ATOM   1000 C CG  . TYR C 1 32 ? 8.995   -1.044  3.176   1.00 25.26  ? 55  TYR B CG  1 
ATOM   1001 C CD1 . TYR C 1 32 ? 7.742   -0.838  3.701   1.00 24.05  ? 55  TYR B CD1 1 
ATOM   1002 C CD2 . TYR C 1 32 ? 9.767   -2.055  3.745   1.00 29.93  ? 55  TYR B CD2 1 
ATOM   1003 C CE1 . TYR C 1 32 ? 7.263   -1.530  4.785   1.00 30.60  ? 55  TYR B CE1 1 
ATOM   1004 C CE2 . TYR C 1 32 ? 9.287   -2.754  4.852   1.00 33.49  ? 55  TYR B CE2 1 
ATOM   1005 C CZ  . TYR C 1 32 ? 8.022   -2.503  5.345   1.00 33.81  ? 55  TYR B CZ  1 
ATOM   1006 O OH  . TYR C 1 32 ? 7.558   -3.203  6.431   1.00 39.97  ? 55  TYR B OH  1 
ATOM   1007 N N   . LEU C 1 33 ? 9.702   0.263   -1.359  1.00 20.34  ? 56  LEU B N   1 
ATOM   1008 C CA  . LEU C 1 33 ? 9.767   1.231   -2.479  1.00 20.85  ? 56  LEU B CA  1 
ATOM   1009 C C   . LEU C 1 33 ? 8.436   1.226   -3.241  1.00 19.10  ? 56  LEU B C   1 
ATOM   1010 O O   . LEU C 1 33 ? 7.884   2.241   -3.594  1.00 20.49  ? 56  LEU B O   1 
ATOM   1011 C CB  . LEU C 1 33 ? 10.897  0.956   -3.437  1.00 26.11  ? 56  LEU B CB  1 
ATOM   1012 C CG  . LEU C 1 33 ? 12.242  1.660   -3.514  1.00 34.08  ? 56  LEU B CG  1 
ATOM   1013 C CD1 . LEU C 1 33 ? 12.424  2.840   -2.608  1.00 32.52  ? 56  LEU B CD1 1 
ATOM   1014 C CD2 . LEU C 1 33 ? 13.459  0.741   -3.724  1.00 31.17  ? 56  LEU B CD2 1 
ATOM   1015 N N   . GLY C 1 34 ? 7.893   0.029   -3.454  1.00 20.66  ? 57  GLY B N   1 
ATOM   1016 C CA  . GLY C 1 34 ? 6.575   -0.048  -4.087  1.00 20.33  ? 57  GLY B CA  1 
ATOM   1017 C C   . GLY C 1 34 ? 5.498   0.571   -3.233  1.00 17.52  ? 57  GLY B C   1 
ATOM   1018 O O   . GLY C 1 34 ? 4.590   1.251   -3.756  1.00 20.12  ? 57  GLY B O   1 
ATOM   1019 N N   . GLN C 1 35 ? 5.471   0.282   -1.920  1.00 18.04  ? 58  GLN B N   1 
ATOM   1020 C CA  . GLN C 1 35 ? 4.563   0.868   -1.030  1.00 17.25  ? 58  GLN B CA  1 
ATOM   1021 C C   . GLN C 1 35 ? 4.618   2.419   -1.070  1.00 16.82  ? 58  GLN B C   1 
ATOM   1022 O O   . GLN C 1 35 ? 3.600   3.074   -1.157  1.00 16.98  ? 58  GLN B O   1 
ATOM   1023 C CB  . GLN C 1 35 ? 4.806   0.319   0.366   1.00 20.79  ? 58  GLN B CB  1 
ATOM   1024 C CG  . GLN C 1 35 ? 3.826   0.743   1.378   1.00 22.29  ? 58  GLN B CG  1 
ATOM   1025 C CD  . GLN C 1 35 ? 2.483   -0.005  1.258   1.00 22.21  ? 58  GLN B CD  1 
ATOM   1026 O OE1 . GLN C 1 35 ? 2.358   -0.886  0.446   1.00 25.90  ? 58  GLN B OE1 1 
ATOM   1027 N NE2 . GLN C 1 35 ? 1.541   0.390   2.057   1.00 28.62  ? 58  GLN B NE2 1 
ATOM   1028 N N   . TYR C 1 36 ? 5.832   2.928   -1.096  1.00 18.66  ? 59  TYR B N   1 
ATOM   1029 C CA  . TYR C 1 36 ? 6.082   4.383   -1.176  1.00 16.88  ? 59  TYR B CA  1 
ATOM   1030 C C   . TYR C 1 36 ? 5.429   4.999   -2.397  1.00 17.24  ? 59  TYR B C   1 
ATOM   1031 O O   . TYR C 1 36 ? 4.728   6.043   -2.301  1.00 17.33  ? 59  TYR B O   1 
ATOM   1032 C CB  . TYR C 1 36 ? 7.583   4.631   -1.163  1.00 16.55  ? 59  TYR B CB  1 
ATOM   1033 C CG  . TYR C 1 36 ? 7.958   6.088   -1.185  1.00 15.26  ? 59  TYR B CG  1 
ATOM   1034 C CD1 . TYR C 1 36 ? 7.959   6.812   -0.029  1.00 16.04  ? 59  TYR B CD1 1 
ATOM   1035 C CD2 . TYR C 1 36 ? 8.252   6.757   -2.399  1.00 16.98  ? 59  TYR B CD2 1 
ATOM   1036 C CE1 . TYR C 1 36 ? 8.369   8.149   -0.034  1.00 16.54  ? 59  TYR B CE1 1 
ATOM   1037 C CE2 . TYR C 1 36 ? 8.626   8.081   -2.412  1.00 16.66  ? 59  TYR B CE2 1 
ATOM   1038 C CZ  . TYR C 1 36 ? 8.701   8.735   -1.224  1.00 16.80  ? 59  TYR B CZ  1 
ATOM   1039 O OH  . TYR C 1 36 ? 9.014   10.118  -1.201  1.00 19.11  ? 59  TYR B OH  1 
ATOM   1040 N N   . ILE C 1 37 ? 5.682   4.360   -3.561  1.00 16.64  ? 60  ILE B N   1 
ATOM   1041 C CA  . ILE C 1 37 ? 5.111   4.871   -4.796  1.00 17.32  ? 60  ILE B CA  1 
ATOM   1042 C C   . ILE C 1 37 ? 3.583   4.841   -4.727  1.00 17.78  ? 60  ILE B C   1 
ATOM   1043 O O   . ILE C 1 37 ? 2.943   5.730   -5.237  1.00 15.92  ? 60  ILE B O   1 
ATOM   1044 C CB  . ILE C 1 37 ? 5.678   4.028   -5.955  1.00 17.38  ? 60  ILE B CB  1 
ATOM   1045 C CG1 . ILE C 1 37 ? 7.204   4.329   -6.104  1.00 17.97  ? 60  ILE B CG1 1 
ATOM   1046 C CG2 . ILE C 1 37 ? 4.902   4.274   -7.230  1.00 17.21  ? 60  ILE B CG2 1 
ATOM   1047 C CD1 . ILE C 1 37 ? 7.947   3.334   -6.930  1.00 18.65  ? 60  ILE B CD1 1 
ATOM   1048 N N   . MET C 1 38 ? 2.988   3.762   -4.217  1.00 17.32  ? 61  MET B N   1 
ATOM   1049 C CA  . MET C 1 38 ? 1.581   3.700   -4.052  1.00 18.48  ? 61  MET B CA  1 
ATOM   1050 C C   . MET C 1 38 ? 1.039   4.717   -3.080  1.00 20.76  ? 61  MET B C   1 
ATOM   1051 O O   . MET C 1 38 ? 0.115   5.487   -3.426  1.00 19.24  ? 61  MET B O   1 
ATOM   1052 C CB  . MET C 1 38 ? 1.154   2.263   -3.716  1.00 21.69  ? 61  MET B CB  1 
ATOM   1053 C CG  . MET C 1 38 ? -0.307  2.067   -3.690  1.00 23.33  ? 61  MET B CG  1 
ATOM   1054 S SD  . MET C 1 38 ? -0.635  0.253   -3.594  1.00 28.82  ? 61  MET B SD  1 
ATOM   1055 C CE  . MET C 1 38 ? -0.206  0.022   -1.854  1.00 28.03  ? 61  MET B CE  1 
ATOM   1056 N N   . VAL C 1 39 ? 1.659   4.850   -1.911  1.00 17.04  ? 62  VAL B N   1 
ATOM   1057 C CA  . VAL C 1 39 ? 1.188   5.775   -0.854  1.00 18.67  ? 62  VAL B CA  1 
ATOM   1058 C C   . VAL C 1 39 ? 1.261   7.247   -1.312  1.00 20.02  ? 62  VAL B C   1 
ATOM   1059 O O   . VAL C 1 39 ? 0.355   8.038   -0.972  1.00 22.00  ? 62  VAL B O   1 
ATOM   1060 C CB  . VAL C 1 39 ? 1.993   5.543   0.450   1.00 23.40  ? 62  VAL B CB  1 
ATOM   1061 C CG1 . VAL C 1 39 ? 1.985   6.746   1.367   1.00 28.06  ? 62  VAL B CG1 1 
ATOM   1062 C CG2 . VAL C 1 39 ? 1.464   4.259   1.093   1.00 23.05  ? 62  VAL B CG2 1 
ATOM   1063 N N   . LYS C 1 40 ? 2.305   7.574   -2.076  1.00 18.56  ? 63  LYS B N   1 
ATOM   1064 C CA  . LYS C 1 40 ? 2.556   8.900   -2.589  1.00 21.48  ? 63  LYS B CA  1 
ATOM   1065 C C   . LYS C 1 40 ? 1.949   9.138   -3.965  1.00 19.11  ? 63  LYS B C   1 
ATOM   1066 O O   . LYS C 1 40 ? 2.065   10.222  -4.494  1.00 20.82  ? 63  LYS B O   1 
ATOM   1067 C CB  . LYS C 1 40 ? 4.010   9.259   -2.545  1.00 21.51  ? 63  LYS B CB  1 
ATOM   1068 C CG  . LYS C 1 40 ? 4.498   9.406   -1.100  1.00 27.56  ? 63  LYS B CG  1 
ATOM   1069 C CD  . LYS C 1 40 ? 5.732   10.188  -0.969  1.00 31.40  ? 63  LYS B CD  1 
ATOM   1070 C CE  . LYS C 1 40 ? 5.542   11.709  -0.971  1.00 31.51  ? 63  LYS B CE  1 
ATOM   1071 N NZ  . LYS C 1 40 ? 6.860   12.400  -0.745  1.00 29.88  ? 63  LYS B NZ  1 
ATOM   1072 N N   . GLN C 1 41 ? 1.337   8.116   -4.543  1.00 18.24  ? 64  GLN B N   1 
ATOM   1073 C CA  . GLN C 1 41 ? 0.607   8.243   -5.793  1.00 19.60  ? 64  GLN B CA  1 
ATOM   1074 C C   . GLN C 1 41 ? 1.477   8.729   -6.950  1.00 18.45  ? 64  GLN B C   1 
ATOM   1075 O O   . GLN C 1 41 ? 1.119   9.645   -7.715  1.00 20.33  ? 64  GLN B O   1 
ATOM   1076 C CB  . GLN C 1 41 ? -0.661  9.099   -5.620  1.00 20.67  ? 64  GLN B CB  1 
ATOM   1077 C CG  . GLN C 1 41 ? -1.524  8.469   -4.524  1.00 23.85  ? 64  GLN B CG  1 
ATOM   1078 C CD  . GLN C 1 41 ? -2.679  9.338   -4.059  1.00 27.76  ? 64  GLN B CD  1 
ATOM   1079 O OE1 . GLN C 1 41 ? -3.057  10.273  -4.759  1.00 28.95  ? 64  GLN B OE1 1 
ATOM   1080 N NE2 . GLN C 1 41 ? -3.193  9.073   -2.858  1.00 24.10  ? 64  GLN B NE2 1 
ATOM   1081 N N   . LEU C 1 42 ? 2.662   8.153   -7.052  1.00 16.98  ? 65  LEU B N   1 
ATOM   1082 C CA  . LEU C 1 42 ? 3.611   8.553   -8.070  1.00 19.12  ? 65  LEU B CA  1 
ATOM   1083 C C   . LEU C 1 42 ? 3.455   7.890   -9.434  1.00 18.70  ? 65  LEU B C   1 
ATOM   1084 O O   . LEU C 1 42 ? 4.090   8.322   -10.408 1.00 20.58  ? 65  LEU B O   1 
ATOM   1085 C CB  . LEU C 1 42 ? 5.033   8.372   -7.515  1.00 17.65  ? 65  LEU B CB  1 
ATOM   1086 C CG  . LEU C 1 42 ? 5.326   9.209   -6.274  1.00 19.17  ? 65  LEU B CG  1 
ATOM   1087 C CD1 . LEU C 1 42 ? 6.758   8.924   -5.774  1.00 20.72  ? 65  LEU B CD1 1 
ATOM   1088 C CD2 . LEU C 1 42 ? 5.170   10.719  -6.424  1.00 21.79  ? 65  LEU B CD2 1 
ATOM   1089 N N   . TYR C 1 43 ? 2.679   6.800   -9.502  1.00 18.87  ? 66  TYR B N   1 
ATOM   1090 C CA  . TYR C 1 43 ? 2.448   6.128   -10.750 1.00 18.99  ? 66  TYR B CA  1 
ATOM   1091 C C   . TYR C 1 43 ? 1.455   6.951   -11.603 1.00 19.38  ? 66  TYR B C   1 
ATOM   1092 O O   . TYR C 1 43 ? 0.593   7.682   -11.070 1.00 22.02  ? 66  TYR B O   1 
ATOM   1093 C CB  . TYR C 1 43 ? 1.973   4.678   -10.534 1.00 19.13  ? 66  TYR B CB  1 
ATOM   1094 C CG  . TYR C 1 43 ? 0.705   4.535   -9.745  1.00 20.14  ? 66  TYR B CG  1 
ATOM   1095 C CD1 . TYR C 1 43 ? -0.566  4.589   -10.360 1.00 18.08  ? 66  TYR B CD1 1 
ATOM   1096 C CD2 . TYR C 1 43 ? 0.730   4.416   -8.343  1.00 20.83  ? 66  TYR B CD2 1 
ATOM   1097 C CE1 . TYR C 1 43 ? -1.704  4.493   -9.598  1.00 20.95  ? 66  TYR B CE1 1 
ATOM   1098 C CE2 . TYR C 1 43 ? -0.420  4.335   -7.592  1.00 21.24  ? 66  TYR B CE2 1 
ATOM   1099 C CZ  . TYR C 1 43 ? -1.656  4.404   -8.216  1.00 23.49  ? 66  TYR B CZ  1 
ATOM   1100 O OH  . TYR C 1 43 ? -2.791  4.299   -7.457  1.00 25.01  ? 66  TYR B OH  1 
ATOM   1101 N N   . ASP C 1 44 ? 1.570   6.813   -12.930 1.00 19.45  ? 67  ASP B N   1 
ATOM   1102 C CA  . ASP C 1 44 ? 0.608   7.413   -13.889 1.00 21.19  ? 67  ASP B CA  1 
ATOM   1103 C C   . ASP C 1 44 ? -0.720  6.666   -13.840 1.00 22.88  ? 67  ASP B C   1 
ATOM   1104 O O   . ASP C 1 44 ? -0.745  5.438   -13.841 1.00 22.74  ? 67  ASP B O   1 
ATOM   1105 C CB  . ASP C 1 44 ? 1.209   7.381   -15.255 1.00 23.73  ? 67  ASP B CB  1 
ATOM   1106 C CG  . ASP C 1 44 ? 0.333   8.094   -16.260 1.00 28.67  ? 67  ASP B CG  1 
ATOM   1107 O OD1 . ASP C 1 44 ? -0.345  7.371   -16.993 1.00 35.84  ? 67  ASP B OD1 1 
ATOM   1108 O OD2 . ASP C 1 44 ? 0.289   9.348   -16.233 1.00 35.36  ? 67  ASP B OD2 1 
ATOM   1109 N N   . GLN C 1 45 ? -1.813  7.401   -13.758 1.00 23.10  ? 68  GLN B N   1 
ATOM   1110 C CA  . GLN C 1 45 ? -3.136  6.773   -13.595 1.00 25.97  ? 68  GLN B CA  1 
ATOM   1111 C C   . GLN C 1 45 ? -3.521  5.987   -14.869 1.00 24.10  ? 68  GLN B C   1 
ATOM   1112 O O   . GLN C 1 45 ? -4.151  4.917   -14.774 1.00 24.19  ? 68  GLN B O   1 
ATOM   1113 C CB  . GLN C 1 45 ? -4.176  7.843   -13.286 1.00 29.81  ? 68  GLN B CB  1 
ATOM   1114 N N   . GLN C 1 46 ? -3.102  6.455   -16.058 1.00 25.03  ? 69  GLN B N   1 
ATOM   1115 C CA  . GLN C 1 46 ? -3.429  5.752   -17.312 1.00 28.00  ? 69  GLN B CA  1 
ATOM   1116 C C   . GLN C 1 46 ? -2.501  4.573   -17.713 1.00 29.68  ? 69  GLN B C   1 
ATOM   1117 O O   . GLN C 1 46 ? -2.989  3.559   -18.236 1.00 31.53  ? 69  GLN B O   1 
ATOM   1118 C CB  . GLN C 1 46 ? -3.566  6.774   -18.480 1.00 31.90  ? 69  GLN B CB  1 
ATOM   1119 N N   . GLU C 1 47 ? -1.185  4.685   -17.447 1.00 24.43  ? 70  GLU B N   1 
ATOM   1120 C CA  . GLU C 1 47 ? -0.189  3.695   -17.803 1.00 23.64  ? 70  GLU B CA  1 
ATOM   1121 C C   . GLU C 1 47 ? 0.518   3.409   -16.519 1.00 22.60  ? 70  GLU B C   1 
ATOM   1122 O O   . GLU C 1 47 ? 1.513   4.060   -16.172 1.00 22.75  ? 70  GLU B O   1 
ATOM   1123 C CB  . GLU C 1 47 ? 0.823   4.181   -18.883 1.00 27.99  ? 70  GLU B CB  1 
ATOM   1124 N N   . GLN C 1 48 ? -0.025  2.454   -15.748 1.00 22.69  ? 71  GLN B N   1 
ATOM   1125 C CA  . GLN C 1 48 ? 0.426   2.363   -14.374 1.00 20.16  ? 71  GLN B CA  1 
ATOM   1126 C C   . GLN C 1 48 ? 1.729   1.660   -14.113 1.00 21.41  ? 71  GLN B C   1 
ATOM   1127 O O   . GLN C 1 48 ? 2.110   1.564   -12.945 1.00 22.05  ? 71  GLN B O   1 
ATOM   1128 C CB  . GLN C 1 48 ? -0.685  1.785   -13.509 1.00 20.31  ? 71  GLN B CB  1 
ATOM   1129 C CG  . GLN C 1 48 ? -1.996  2.393   -13.692 1.00 19.12  ? 71  GLN B CG  1 
ATOM   1130 C CD  . GLN C 1 48 ? -2.957  2.240   -12.522 1.00 19.02  ? 71  GLN B CD  1 
ATOM   1131 O OE1 . GLN C 1 48 ? -2.733  1.427   -11.654 1.00 21.56  ? 71  GLN B OE1 1 
ATOM   1132 N NE2 . GLN C 1 48 ? -4.042  3.000   -12.533 1.00 21.89  ? 71  GLN B NE2 1 
ATOM   1133 N N   . HIS C 1 49 ? 2.483   1.224   -15.141 1.00 18.89  ? 72  HIS B N   1 
ATOM   1134 C CA  . HIS C 1 49 ? 3.864   0.784   -14.932 1.00 21.22  ? 72  HIS B CA  1 
ATOM   1135 C C   . HIS C 1 49 ? 4.806   2.007   -14.947 1.00 19.35  ? 72  HIS B C   1 
ATOM   1136 O O   . HIS C 1 49 ? 5.974   1.857   -14.625 1.00 20.96  ? 72  HIS B O   1 
ATOM   1137 C CB  . HIS C 1 49 ? 4.296   -0.177  -16.020 1.00 22.03  ? 72  HIS B CB  1 
ATOM   1138 C CG  . HIS C 1 49 ? 4.172   0.389   -17.385 1.00 23.12  ? 72  HIS B CG  1 
ATOM   1139 N ND1 . HIS C 1 49 ? 5.232   0.996   -18.034 1.00 24.87  ? 72  HIS B ND1 1 
ATOM   1140 C CD2 . HIS C 1 49 ? 3.119   0.451   -18.237 1.00 28.55  ? 72  HIS B CD2 1 
ATOM   1141 C CE1 . HIS C 1 49 ? 4.832   1.400   -19.233 1.00 30.85  ? 72  HIS B CE1 1 
ATOM   1142 N NE2 . HIS C 1 49 ? 3.555   1.094   -19.380 1.00 31.89  ? 72  HIS B NE2 1 
ATOM   1143 N N   . MET C 1 50 ? 4.275   3.157   -15.333 1.00 20.06  ? 73  MET B N   1 
ATOM   1144 C CA  . MET C 1 50 ? 5.111   4.390   -15.374 1.00 21.05  ? 73  MET B CA  1 
ATOM   1145 C C   . MET C 1 50 ? 5.057   5.136   -14.039 1.00 20.46  ? 73  MET B C   1 
ATOM   1146 O O   . MET C 1 50 ? 3.971   5.380   -13.518 1.00 21.20  ? 73  MET B O   1 
ATOM   1147 C CB  . MET C 1 50 ? 4.647   5.292   -16.502 1.00 23.94  ? 73  MET B CB  1 
ATOM   1148 C CG  . MET C 1 50 ? 4.935   4.793   -17.886 1.00 27.02  ? 73  MET B CG  1 
ATOM   1149 S SD  . MET C 1 50 ? 6.683   4.540   -18.259 1.00 28.87  ? 73  MET B SD  1 
ATOM   1150 C CE  . MET C 1 50 ? 7.450   6.068   -17.829 1.00 30.35  ? 73  MET B CE  1 
ATOM   1151 N N   . VAL C 1 51 ? 6.237   5.423   -13.476 1.00 20.31  ? 74  VAL B N   1 
ATOM   1152 C CA  . VAL C 1 51 ? 6.361   6.197   -12.223 1.00 18.91  ? 74  VAL B CA  1 
ATOM   1153 C C   . VAL C 1 51 ? 6.968   7.554   -12.560 1.00 19.48  ? 74  VAL B C   1 
ATOM   1154 O O   . VAL C 1 51 ? 8.051   7.605   -13.161 1.00 25.29  ? 74  VAL B O   1 
ATOM   1155 C CB  . VAL C 1 51 ? 7.190   5.442   -11.243 1.00 18.00  ? 74  VAL B CB  1 
ATOM   1156 C CG1 . VAL C 1 51 ? 7.351   6.230   -9.931  1.00 20.03  ? 74  VAL B CG1 1 
ATOM   1157 C CG2 . VAL C 1 51 ? 6.577   4.086   -10.969 1.00 18.97  ? 74  VAL B CG2 1 
ATOM   1158 N N   . TYR C 1 52 ? 6.250   8.606   -12.216 1.00 19.08  ? 75  TYR B N   1 
ATOM   1159 C CA  . TYR C 1 52 ? 6.683   10.006  -12.395 1.00 21.07  ? 75  TYR B CA  1 
ATOM   1160 C C   . TYR C 1 52 ? 7.095   10.571  -11.030 1.00 20.93  ? 75  TYR B C   1 
ATOM   1161 O O   . TYR C 1 52 ? 6.243   10.971  -10.187 1.00 22.67  ? 75  TYR B O   1 
ATOM   1162 C CB  . TYR C 1 52 ? 5.628   10.840  -13.114 1.00 20.69  ? 75  TYR B CB  1 
ATOM   1163 C CG  . TYR C 1 52 ? 5.477   10.413  -14.578 1.00 21.48  ? 75  TYR B CG  1 
ATOM   1164 C CD1 . TYR C 1 52 ? 6.349   10.886  -15.545 1.00 22.53  ? 75  TYR B CD1 1 
ATOM   1165 C CD2 . TYR C 1 52 ? 4.488   9.496   -14.970 1.00 25.71  ? 75  TYR B CD2 1 
ATOM   1166 C CE1 . TYR C 1 52 ? 6.281   10.451  -16.874 1.00 25.02  ? 75  TYR B CE1 1 
ATOM   1167 C CE2 . TYR C 1 52 ? 4.395   9.081   -16.280 1.00 24.29  ? 75  TYR B CE2 1 
ATOM   1168 C CZ  . TYR C 1 52 ? 5.301   9.568   -17.224 1.00 27.01  ? 75  TYR B CZ  1 
ATOM   1169 O OH  . TYR C 1 52 ? 5.210   9.160   -18.533 1.00 27.31  ? 75  TYR B OH  1 
ATOM   1170 N N   . CYS C 1 53 ? 8.406   10.560  -10.820 1.00 21.79  ? 76  CYS B N   1 
ATOM   1171 C CA  . CYS C 1 53 ? 9.017   10.771  -9.516  1.00 21.59  ? 76  CYS B CA  1 
ATOM   1172 C C   . CYS C 1 53 ? 9.821   12.064  -9.465  1.00 21.87  ? 76  CYS B C   1 
ATOM   1173 O O   . CYS C 1 53 ? 10.441  12.345  -8.425  1.00 21.06  ? 76  CYS B O   1 
ATOM   1174 C CB  . CYS C 1 53 ? 9.909   9.573   -9.089  1.00 24.10  ? 76  CYS B CB  1 
ATOM   1175 S SG  . CYS C 1 53 ? 11.021  9.018   -10.347 1.00 30.94  ? 76  CYS B SG  1 
ATOM   1176 N N   . GLY C 1 54 ? 9.756   12.885  -10.500 1.00 24.35  ? 77  GLY B N   1 
ATOM   1177 C CA  . GLY C 1 54 ? 10.656  14.049  -10.592 1.00 25.97  ? 77  GLY B CA  1 
ATOM   1178 C C   . GLY C 1 54 ? 10.422  15.133  -9.546  1.00 25.59  ? 77  GLY B C   1 
ATOM   1179 O O   . GLY C 1 54 ? 11.323  15.903  -9.243  1.00 27.38  ? 77  GLY B O   1 
ATOM   1180 N N   . GLY C 1 55 ? 9.223   15.176  -8.983  1.00 24.07  ? 78  GLY B N   1 
ATOM   1181 C CA  . GLY C 1 55 ? 8.822   16.210  -8.036  1.00 24.62  ? 78  GLY B CA  1 
ATOM   1182 C C   . GLY C 1 55 ? 8.932   15.714  -6.626  1.00 23.18  ? 78  GLY B C   1 
ATOM   1183 O O   . GLY C 1 55 ? 8.484   16.359  -5.720  1.00 22.42  ? 78  GLY B O   1 
ATOM   1184 N N   . ASP C 1 56 ? 9.559   14.558  -6.480  1.00 20.86  ? 79  ASP B N   1 
ATOM   1185 C CA  . ASP C 1 56 ? 9.659   13.845  -5.207  1.00 19.57  ? 79  ASP B CA  1 
ATOM   1186 C C   . ASP C 1 56 ? 11.145  13.561  -4.874  1.00 17.34  ? 79  ASP B C   1 
ATOM   1187 O O   . ASP C 1 56 ? 12.027  13.367  -5.746  1.00 18.38  ? 79  ASP B O   1 
ATOM   1188 C CB  . ASP C 1 56 ? 8.855   12.550  -5.345  1.00 19.83  ? 79  ASP B CB  1 
ATOM   1189 C CG  . ASP C 1 56 ? 8.616   11.789  -3.968  1.00 20.49  ? 79  ASP B CG  1 
ATOM   1190 O OD1 . ASP C 1 56 ? 9.482   10.965  -3.572  1.00 20.44  ? 79  ASP B OD1 1 
ATOM   1191 O OD2 . ASP C 1 56 ? 7.554   12.038  -3.358  1.00 20.94  ? 79  ASP B OD2 1 
ATOM   1192 N N   . LEU C 1 57 ? 11.416  13.346  -3.600  1.00 18.54  ? 80  LEU B N   1 
ATOM   1193 C CA  . LEU C 1 57 ? 12.772  12.928  -3.143  1.00 21.13  ? 80  LEU B CA  1 
ATOM   1194 C C   . LEU C 1 57 ? 13.234  11.645  -3.843  1.00 21.50  ? 80  LEU B C   1 
ATOM   1195 O O   . LEU C 1 57 ? 14.411  11.473  -4.229  1.00 19.92  ? 80  LEU B O   1 
ATOM   1196 C CB  . LEU C 1 57 ? 12.779  12.687  -1.604  1.00 21.86  ? 80  LEU B CB  1 
ATOM   1197 C CG  . LEU C 1 57 ? 14.150  12.310  -1.011  1.00 23.43  ? 80  LEU B CG  1 
ATOM   1198 C CD1 . LEU C 1 57 ? 15.174  13.383  -1.335  1.00 27.25  ? 80  LEU B CD1 1 
ATOM   1199 C CD2 . LEU C 1 57 ? 14.003  12.081  0.502   1.00 25.70  ? 80  LEU B CD2 1 
ATOM   1200 N N   . LEU C 1 58 ? 12.293  10.728  -4.114  1.00 20.23  ? 81  LEU B N   1 
ATOM   1201 C CA  . LEU C 1 58 ? 12.651  9.565   -4.858  1.00 20.44  ? 81  LEU B CA  1 
ATOM   1202 C C   . LEU C 1 58 ? 13.307  9.865   -6.236  1.00 19.73  ? 81  LEU B C   1 
ATOM   1203 O O   . LEU C 1 58 ? 14.312  9.249   -6.630  1.00 20.96  ? 81  LEU B O   1 
ATOM   1204 C CB  . LEU C 1 58 ? 11.479  8.627   -5.061  1.00 19.17  ? 81  LEU B CB  1 
ATOM   1205 C CG  . LEU C 1 58 ? 11.693  7.336   -5.822  1.00 19.65  ? 81  LEU B CG  1 
ATOM   1206 C CD1 . LEU C 1 58 ? 12.703  6.376   -5.198  1.00 22.73  ? 81  LEU B CD1 1 
ATOM   1207 C CD2 . LEU C 1 58 ? 10.381  6.583   -6.039  1.00 21.55  ? 81  LEU B CD2 1 
ATOM   1208 N N   . GLY C 1 59 ? 12.742  10.813  -6.961  1.00 20.48  ? 82  GLY B N   1 
ATOM   1209 C CA  . GLY C 1 59 ? 13.317  11.220  -8.244  1.00 19.53  ? 82  GLY B CA  1 
ATOM   1210 C C   . GLY C 1 59 ? 14.660  11.863  -8.091  1.00 22.93  ? 82  GLY B C   1 
ATOM   1211 O O   . GLY C 1 59 ? 15.542  11.627  -8.918  1.00 23.08  ? 82  GLY B O   1 
ATOM   1212 N N   . GLU C 1 60 ? 14.828  12.676  -7.037  1.00 20.03  ? 83  GLU B N   1 
ATOM   1213 C CA  . GLU C 1 60 ? 16.181  13.196  -6.756  1.00 24.15  ? 83  GLU B CA  1 
ATOM   1214 C C   . GLU C 1 60 ? 17.165  12.098  -6.515  1.00 24.27  ? 83  GLU B C   1 
ATOM   1215 O O   . GLU C 1 60 ? 18.288  12.143  -7.071  1.00 26.76  ? 83  GLU B O   1 
ATOM   1216 C CB  . GLU C 1 60 ? 16.193  14.191  -5.601  1.00 23.74  ? 83  GLU B CB  1 
ATOM   1217 C CG  . GLU C 1 60 ? 15.280  15.325  -5.837  1.00 25.74  ? 83  GLU B CG  1 
ATOM   1218 C CD  . GLU C 1 60 ? 15.763  16.271  -6.971  1.00 25.85  ? 83  GLU B CD  1 
ATOM   1219 O OE1 . GLU C 1 60 ? 16.965  16.254  -7.304  1.00 29.39  ? 83  GLU B OE1 1 
ATOM   1220 O OE2 . GLU C 1 60 ? 14.910  17.026  -7.453  1.00 29.91  ? 83  GLU B OE2 1 
ATOM   1221 N N   . LEU C 1 61 ? 16.777  11.024  -5.822  1.00 25.78  ? 84  LEU B N   1 
ATOM   1222 C CA  . LEU C 1 61 ? 17.701  9.908   -5.511  1.00 27.95  ? 84  LEU B CA  1 
ATOM   1223 C C   . LEU C 1 61 ? 18.007  9.013   -6.725  1.00 32.65  ? 84  LEU B C   1 
ATOM   1224 O O   . LEU C 1 61 ? 19.154  8.517   -6.907  1.00 31.95  ? 84  LEU B O   1 
ATOM   1225 C CB  . LEU C 1 61 ? 17.128  9.079   -4.355  1.00 29.41  ? 84  LEU B CB  1 
ATOM   1226 C CG  . LEU C 1 61 ? 18.043  8.331   -3.430  1.00 33.32  ? 84  LEU B CG  1 
ATOM   1227 C CD1 . LEU C 1 61 ? 19.052  9.320   -2.857  1.00 36.27  ? 84  LEU B CD1 1 
ATOM   1228 C CD2 . LEU C 1 61 ? 17.217  7.634   -2.345  1.00 30.85  ? 84  LEU B CD2 1 
ATOM   1229 N N   . LEU C 1 62 ? 16.993  8.842   -7.580  1.00 25.28  ? 85  LEU B N   1 
ATOM   1230 C CA  . LEU C 1 62 ? 17.100  8.085   -8.813  1.00 28.11  ? 85  LEU B CA  1 
ATOM   1231 C C   . LEU C 1 62 ? 17.867  8.855   -9.862  1.00 29.44  ? 85  LEU B C   1 
ATOM   1232 O O   . LEU C 1 62 ? 18.378  8.251   -10.781 1.00 31.11  ? 85  LEU B O   1 
ATOM   1233 C CB  . LEU C 1 62 ? 15.725  7.747   -9.356  1.00 29.30  ? 85  LEU B CB  1 
ATOM   1234 C CG  . LEU C 1 62 ? 14.922  6.835   -8.434  1.00 33.30  ? 85  LEU B CG  1 
ATOM   1235 C CD1 . LEU C 1 62 ? 13.602  6.492   -9.099  1.00 35.55  ? 85  LEU B CD1 1 
ATOM   1236 C CD2 . LEU C 1 62 ? 15.661  5.572   -8.083  1.00 37.99  ? 85  LEU B CD2 1 
ATOM   1237 N N   . GLY C 1 63 ? 17.889  10.188  -9.778  1.00 28.44  ? 86  GLY B N   1 
ATOM   1238 C CA  . GLY C 1 63 ? 18.395  11.021  -10.867 1.00 29.71  ? 86  GLY B CA  1 
ATOM   1239 C C   . GLY C 1 63 ? 17.597  11.068  -12.118 1.00 31.94  ? 86  GLY B C   1 
ATOM   1240 O O   . GLY C 1 63 ? 18.147  11.270  -13.194 1.00 34.25  ? 86  GLY B O   1 
ATOM   1241 N N   . ARG C 1 64 ? 16.283  10.908  -11.995 1.00 30.20  ? 87  ARG B N   1 
ATOM   1242 C CA  . ARG C 1 64 ? 15.418  10.768  -13.167 1.00 33.71  ? 87  ARG B CA  1 
ATOM   1243 C C   . ARG C 1 64 ? 14.088  11.308  -12.882 1.00 26.83  ? 87  ARG B C   1 
ATOM   1244 O O   . ARG C 1 64 ? 13.628  11.300  -11.737 1.00 28.69  ? 87  ARG B O   1 
ATOM   1245 C CB  . ARG C 1 64 ? 15.216  9.276   -13.533 1.00 39.06  ? 87  ARG B CB  1 
ATOM   1246 C CG  . ARG C 1 64 ? 16.493  8.667   -14.048 1.00 48.27  ? 87  ARG B CG  1 
ATOM   1247 C CD  . ARG C 1 64 ? 16.269  7.225   -14.361 1.00 57.04  ? 87  ARG B CD  1 
ATOM   1248 N NE  . ARG C 1 64 ? 15.247  7.074   -15.389 1.00 57.16  ? 87  ARG B NE  1 
ATOM   1249 C CZ  . ARG C 1 64 ? 15.413  6.426   -16.537 1.00 61.46  ? 87  ARG B CZ  1 
ATOM   1250 N NH1 . ARG C 1 64 ? 16.569  5.838   -16.831 1.00 65.20  ? 87  ARG B NH1 1 
ATOM   1251 N NH2 . ARG C 1 64 ? 14.400  6.346   -17.386 1.00 62.70  ? 87  ARG B NH2 1 
ATOM   1252 N N   . GLN C 1 65 ? 13.413  11.719  -13.934 1.00 24.45  ? 88  GLN B N   1 
ATOM   1253 C CA  . GLN C 1 65 ? 12.057  12.225  -13.852 1.00 23.34  ? 88  GLN B CA  1 
ATOM   1254 C C   . GLN C 1 65 ? 11.042  11.137  -13.833 1.00 25.18  ? 88  GLN B C   1 
ATOM   1255 O O   . GLN C 1 65 ? 9.912   11.337  -13.361 1.00 27.48  ? 88  GLN B O   1 
ATOM   1256 C CB  . GLN C 1 65 ? 11.735  13.079  -15.066 1.00 26.58  ? 88  GLN B CB  1 
ATOM   1257 C CG  . GLN C 1 65 ? 12.411  14.428  -15.024 1.00 29.89  ? 88  GLN B CG  1 
ATOM   1258 C CD  . GLN C 1 65 ? 11.866  15.338  -13.918 1.00 28.72  ? 88  GLN B CD  1 
ATOM   1259 O OE1 . GLN C 1 65 ? 10.667  15.442  -13.717 1.00 33.16  ? 88  GLN B OE1 1 
ATOM   1260 N NE2 . GLN C 1 65 ? 12.735  16.012  -13.264 1.00 33.94  ? 88  GLN B NE2 1 
ATOM   1261 N N   . SER C 1 66 ? 11.415  10.028  -14.420 1.00 23.58  ? 89  SER B N   1 
ATOM   1262 C CA  . SER C 1 66 ? 10.467  8.890   -14.534 1.00 26.91  ? 89  SER B CA  1 
ATOM   1263 C C   . SER C 1 66 ? 11.206  7.571   -14.697 1.00 24.17  ? 89  SER B C   1 
ATOM   1264 O O   . SER C 1 66 ? 12.400  7.521   -15.071 1.00 25.21  ? 89  SER B O   1 
ATOM   1265 C CB  . SER C 1 66 ? 9.515   9.147   -15.727 1.00 26.10  ? 89  SER B CB  1 
ATOM   1266 O OG  . SER C 1 66 ? 10.206  8.974   -16.960 1.00 31.14  ? 89  SER B OG  1 
ATOM   1267 N N   . PHE C 1 67 ? 10.521  6.462   -14.422 1.00 23.34  ? 90  PHE B N   1 
ATOM   1268 C CA  . PHE C 1 67 ? 10.996  5.170   -14.789 1.00 22.52  ? 90  PHE B CA  1 
ATOM   1269 C C   . PHE C 1 67 ? 9.798   4.257   -15.024 1.00 24.11  ? 90  PHE B C   1 
ATOM   1270 O O   . PHE C 1 67 ? 8.657   4.612   -14.662 1.00 24.18  ? 90  PHE B O   1 
ATOM   1271 C CB  . PHE C 1 67 ? 11.989  4.534   -13.784 1.00 23.63  ? 90  PHE B CB  1 
ATOM   1272 C CG  . PHE C 1 67 ? 11.372  4.069   -12.520 1.00 23.18  ? 90  PHE B CG  1 
ATOM   1273 C CD1 . PHE C 1 67 ? 10.992  2.747   -12.377 1.00 25.15  ? 90  PHE B CD1 1 
ATOM   1274 C CD2 . PHE C 1 67 ? 11.160  4.946   -11.469 1.00 23.70  ? 90  PHE B CD2 1 
ATOM   1275 C CE1 . PHE C 1 67 ? 10.390  2.304   -11.207 1.00 26.56  ? 90  PHE B CE1 1 
ATOM   1276 C CE2 . PHE C 1 67 ? 10.537  4.510   -10.321 1.00 22.83  ? 90  PHE B CE2 1 
ATOM   1277 C CZ  . PHE C 1 67 ? 10.186  3.185   -10.168 1.00 24.51  ? 90  PHE B CZ  1 
ATOM   1278 N N   . SER C 1 68 ? 10.065  3.126   -15.688 1.00 24.92  ? 91  SER B N   1 
ATOM   1279 C CA  . SER C 1 68 ? 9.050   2.097   -15.895 1.00 23.76  ? 91  SER B CA  1 
ATOM   1280 C C   . SER C 1 68 ? 9.340   0.874   -15.060 1.00 24.21  ? 91  SER B C   1 
ATOM   1281 O O   . SER C 1 68 ? 10.468  0.385   -14.965 1.00 23.42  ? 91  SER B O   1 
ATOM   1282 C CB  . SER C 1 68 ? 8.998   1.679   -17.382 1.00 25.05  ? 91  SER B CB  1 
ATOM   1283 O OG  . SER C 1 68 ? 8.082   0.580   -17.547 1.00 26.80  ? 91  SER B OG  1 
ATOM   1284 N N   . VAL C 1 69 ? 8.292   0.351   -14.433 1.00 24.27  ? 92  VAL B N   1 
ATOM   1285 C CA  . VAL C 1 69 ? 8.420   -0.891  -13.711 1.00 25.83  ? 92  VAL B CA  1 
ATOM   1286 C C   . VAL C 1 69 ? 8.894   -2.057  -14.630 1.00 28.15  ? 92  VAL B C   1 
ATOM   1287 O O   . VAL C 1 69 ? 9.487   -3.000  -14.168 1.00 28.61  ? 92  VAL B O   1 
ATOM   1288 C CB  . VAL C 1 69 ? 7.068   -1.226  -12.971 1.00 27.62  ? 92  VAL B CB  1 
ATOM   1289 C CG1 . VAL C 1 69 ? 7.175   -2.536  -12.221 1.00 31.26  ? 92  VAL B CG1 1 
ATOM   1290 C CG2 . VAL C 1 69 ? 6.695   -0.067  -12.054 1.00 28.67  ? 92  VAL B CG2 1 
ATOM   1291 N N   . LYS C 1 70 ? 8.607   -1.947  -15.909 1.00 28.27  ? 93  LYS B N   1 
ATOM   1292 C CA  . LYS C 1 70 ? 9.049   -2.936  -16.884 1.00 33.60  ? 93  LYS B CA  1 
ATOM   1293 C C   . LYS C 1 70 ? 10.549  -2.865  -17.201 1.00 34.97  ? 93  LYS B C   1 
ATOM   1294 O O   . LYS C 1 70 ? 11.092  -3.764  -17.885 1.00 36.47  ? 93  LYS B O   1 
ATOM   1295 C CB  . LYS C 1 70 ? 8.230   -2.805  -18.152 1.00 35.31  ? 93  LYS B CB  1 
ATOM   1296 C CG  . LYS C 1 70 ? 6.768   -3.119  -17.912 1.00 38.76  ? 93  LYS B CG  1 
ATOM   1297 C CD  . LYS C 1 70 ? 5.999   -3.417  -19.194 1.00 44.09  ? 93  LYS B CD  1 
ATOM   1298 C CE  . LYS C 1 70 ? 5.044   -2.312  -19.534 1.00 45.75  ? 93  LYS B CE  1 
ATOM   1299 N NZ  . LYS C 1 70 ? 4.708   -2.271  -21.000 1.00 50.87  ? 93  LYS B NZ  1 
ATOM   1300 N N   . ASP C 1 71 ? 11.197  -1.781  -16.786 1.00 32.68  ? 94  ASP B N   1 
ATOM   1301 C CA  . ASP C 1 71 ? 12.669  -1.648  -16.856 1.00 34.40  ? 94  ASP B CA  1 
ATOM   1302 C C   . ASP C 1 71 ? 13.189  -1.005  -15.579 1.00 30.01  ? 94  ASP B C   1 
ATOM   1303 O O   . ASP C 1 71 ? 13.451  0.174   -15.550 1.00 31.36  ? 94  ASP B O   1 
ATOM   1304 C CB  . ASP C 1 71 ? 13.093  -0.862  -18.052 1.00 33.28  ? 94  ASP B CB  1 
ATOM   1305 C CG  . ASP C 1 71 ? 14.629  -0.773  -18.199 1.00 44.83  ? 94  ASP B CG  1 
ATOM   1306 O OD1 . ASP C 1 71 ? 15.400  -1.462  -17.440 1.00 40.87  ? 94  ASP B OD1 1 
ATOM   1307 O OD2 . ASP C 1 71 ? 15.030  0.039   -19.057 1.00 50.05  ? 94  ASP B OD2 1 
ATOM   1308 N N   . PRO C 1 72 ? 13.301  -1.803  -14.532 1.00 30.22  ? 95  PRO B N   1 
ATOM   1309 C CA  . PRO C 1 72 ? 13.678  -1.313  -13.229 1.00 32.08  ? 95  PRO B CA  1 
ATOM   1310 C C   . PRO C 1 72 ? 15.168  -0.892  -13.100 1.00 32.61  ? 95  PRO B C   1 
ATOM   1311 O O   . PRO C 1 72 ? 15.626  -0.650  -11.987 1.00 31.53  ? 95  PRO B O   1 
ATOM   1312 C CB  . PRO C 1 72 ? 13.357  -2.520  -12.327 1.00 30.20  ? 95  PRO B CB  1 
ATOM   1313 C CG  . PRO C 1 72 ? 13.439  -3.710  -13.186 1.00 36.69  ? 95  PRO B CG  1 
ATOM   1314 C CD  . PRO C 1 72 ? 13.046  -3.265  -14.544 1.00 33.52  ? 95  PRO B CD  1 
ATOM   1315 N N   . SER C 1 73 ? 15.945  -0.881  -14.201 1.00 29.67  ? 96  SER B N   1 
ATOM   1316 C CA  . SER C 1 73 ? 17.380  -0.593  -14.071 1.00 31.32  ? 96  SER B CA  1 
ATOM   1317 C C   . SER C 1 73 ? 17.742  0.644   -13.194 1.00 30.32  ? 96  SER B C   1 
ATOM   1318 O O   . SER C 1 73 ? 18.630  0.511   -12.322 1.00 29.40  ? 96  SER B O   1 
ATOM   1319 C CB  . SER C 1 73 ? 18.085  -0.540  -15.459 1.00 35.92  ? 96  SER B CB  1 
ATOM   1320 O OG  . SER C 1 73 ? 17.644  0.572   -16.244 1.00 45.33  ? 96  SER B OG  1 
ATOM   1321 N N   . PRO C 1 74 ? 17.084  1.804   -13.405 1.00 30.01  ? 97  PRO B N   1 
ATOM   1322 C CA  . PRO C 1 74 ? 17.385  2.958   -12.505 1.00 31.68  ? 97  PRO B CA  1 
ATOM   1323 C C   . PRO C 1 74 ? 17.177  2.699   -11.010 1.00 31.00  ? 97  PRO B C   1 
ATOM   1324 O O   . PRO C 1 74 ? 17.866  3.318   -10.168 1.00 26.34  ? 97  PRO B O   1 
ATOM   1325 C CB  . PRO C 1 74 ? 16.477  4.091   -13.006 1.00 35.55  ? 97  PRO B CB  1 
ATOM   1326 C CG  . PRO C 1 74 ? 15.702  3.557   -14.159 1.00 34.46  ? 97  PRO B CG  1 
ATOM   1327 C CD  . PRO C 1 74 ? 15.963  2.094   -14.325 1.00 33.17  ? 97  PRO B CD  1 
ATOM   1328 N N   . LEU C 1 75 ? 16.262  1.798   -10.658 1.00 31.70  ? 98  LEU B N   1 
ATOM   1329 C CA  . LEU C 1 75 ? 16.143  1.384   -9.252  1.00 32.25  ? 98  LEU B CA  1 
ATOM   1330 C C   . LEU C 1 75 ? 17.338  0.671   -8.769  1.00 32.12  ? 98  LEU B C   1 
ATOM   1331 O O   . LEU C 1 75 ? 17.831  0.915   -7.652  1.00 32.14  ? 98  LEU B O   1 
ATOM   1332 C CB  . LEU C 1 75 ? 14.957  0.432   -9.037  1.00 34.20  ? 98  LEU B CB  1 
ATOM   1333 C CG  . LEU C 1 75 ? 13.644  1.108   -9.248  1.00 39.34  ? 98  LEU B CG  1 
ATOM   1334 C CD1 . LEU C 1 75 ? 12.623  -0.026  -9.212  1.00 39.14  ? 98  LEU B CD1 1 
ATOM   1335 C CD2 . LEU C 1 75 ? 13.337  2.177   -8.195  1.00 39.90  ? 98  LEU B CD2 1 
HETATM 1336 N N   . PTR C 1 76 ? 17.828  -0.249  -9.609  1.00 29.46  ? 99  PTR B N   1 
HETATM 1337 C CA  . PTR C 1 76 ? 18.956  -1.035  -9.235  1.00 30.55  ? 99  PTR B CA  1 
HETATM 1338 C C   . PTR C 1 76 ? 20.175  -0.200  -9.092  1.00 28.00  ? 99  PTR B C   1 
HETATM 1339 O O   . PTR C 1 76 ? 20.974  -0.408  -8.160  1.00 33.13  ? 99  PTR B O   1 
HETATM 1340 C CB  . PTR C 1 76 ? 19.099  -2.143  -10.297 1.00 36.47  ? 99  PTR B CB  1 
HETATM 1341 C CG  . PTR C 1 76 ? 17.872  -3.023  -10.348 1.00 39.24  ? 99  PTR B CG  1 
HETATM 1342 C CD1 . PTR C 1 76 ? 17.672  -3.747  -11.502 1.00 37.57  ? 99  PTR B CD1 1 
HETATM 1343 C CD2 . PTR C 1 76 ? 16.961  -3.126  -9.301  1.00 40.66  ? 99  PTR B CD2 1 
HETATM 1344 C CE1 . PTR C 1 76 ? 16.585  -4.581  -11.600 1.00 45.25  ? 99  PTR B CE1 1 
HETATM 1345 C CE2 . PTR C 1 76 ? 15.870  -3.954  -9.389  1.00 44.17  ? 99  PTR B CE2 1 
HETATM 1346 C CZ  . PTR C 1 76 ? 15.681  -4.689  -10.549 1.00 46.19  ? 99  PTR B CZ  1 
HETATM 1347 O OH  . PTR C 1 76 ? 14.582  -5.489  -10.674 1.00 60.85  ? 99  PTR B OH  1 
HETATM 1348 P P   . PTR C 1 76 ? 14.637  -7.101  -10.600 1.00 72.76  ? 99  PTR B P   1 
HETATM 1349 O O1P . PTR C 1 76 ? 13.487  -7.401  -11.565 1.00 57.74  ? 99  PTR B O1P 1 
HETATM 1350 O O2P . PTR C 1 76 ? 16.018  -7.544  -11.076 1.00 68.98  ? 99  PTR B O2P 1 
HETATM 1351 O O3P . PTR C 1 76 ? 14.438  -7.326  -9.114  1.00 71.03  ? 99  PTR B O3P 1 
ATOM   1352 N N   . ASP C 1 77 ? 20.341  0.777   -9.971  1.00 31.52  ? 100 ASP B N   1 
ATOM   1353 C CA  . ASP C 1 77 ? 21.487  1.695   -9.865  1.00 33.53  ? 100 ASP B CA  1 
ATOM   1354 C C   . ASP C 1 77 ? 21.440  2.459   -8.539  1.00 32.86  ? 100 ASP B C   1 
ATOM   1355 O O   . ASP C 1 77 ? 22.441  2.659   -7.803  1.00 30.68  ? 100 ASP B O   1 
ATOM   1356 C CB  . ASP C 1 77 ? 21.422  2.721   -10.969 1.00 39.45  ? 100 ASP B CB  1 
ATOM   1357 C CG  . ASP C 1 77 ? 21.858  2.186   -12.324 1.00 43.59  ? 100 ASP B CG  1 
ATOM   1358 O OD1 . ASP C 1 77 ? 22.586  1.165   -12.369 1.00 52.03  ? 100 ASP B OD1 1 
ATOM   1359 O OD2 . ASP C 1 77 ? 21.487  2.812   -13.345 1.00 41.86  ? 100 ASP B OD2 1 
ATOM   1360 N N   . MET C 1 78 ? 20.242  2.944   -8.243  1.00 29.50  ? 101 MET B N   1 
ATOM   1361 C CA  . MET C 1 78 ? 20.083  3.730   -7.011  1.00 28.65  ? 101 MET B CA  1 
ATOM   1362 C C   . MET C 1 78 ? 20.394  2.863   -5.818  1.00 28.66  ? 101 MET B C   1 
ATOM   1363 O O   . MET C 1 78 ? 21.070  3.303   -4.867  1.00 29.33  ? 101 MET B O   1 
ATOM   1364 C CB  . MET C 1 78 ? 18.670  4.322   -6.947  1.00 30.56  ? 101 MET B CB  1 
ATOM   1365 C CG  . MET C 1 78 ? 18.359  5.109   -5.684  1.00 30.27  ? 101 MET B CG  1 
ATOM   1366 S SD  . MET C 1 78 ? 17.922  4.086   -4.291  1.00 33.63  ? 101 MET B SD  1 
ATOM   1367 C CE  . MET C 1 78 ? 16.239  3.676   -4.826  1.00 34.28  ? 101 MET B CE  1 
ATOM   1368 N N   . LEU C 1 79 ? 19.911  1.609   -5.847  1.00 26.81  ? 102 LEU B N   1 
ATOM   1369 C CA  . LEU C 1 79 ? 20.104  0.723   -4.729  1.00 33.72  ? 102 LEU B CA  1 
ATOM   1370 C C   . LEU C 1 79 ? 21.602  0.475   -4.525  1.00 34.09  ? 102 LEU B C   1 
ATOM   1371 O O   . LEU C 1 79 ? 22.076  0.486   -3.395  1.00 36.64  ? 102 LEU B O   1 
ATOM   1372 C CB  . LEU C 1 79 ? 19.361  -0.594  -4.933  1.00 33.31  ? 102 LEU B CB  1 
ATOM   1373 C CG  . LEU C 1 79 ? 17.825  -0.619  -4.809  1.00 38.29  ? 102 LEU B CG  1 
ATOM   1374 C CD1 . LEU C 1 79 ? 17.327  -2.090  -4.887  1.00 37.89  ? 102 LEU B CD1 1 
ATOM   1375 C CD2 . LEU C 1 79 ? 17.389  0.000   -3.490  1.00 38.93  ? 102 LEU B CD2 1 
ATOM   1376 N N   . ARG C 1 80 ? 22.339  0.286   -5.615  1.00 35.13  ? 103 ARG B N   1 
ATOM   1377 C CA  . ARG C 1 80 ? 23.780  -0.005  -5.490  1.00 37.56  ? 103 ARG B CA  1 
ATOM   1378 C C   . ARG C 1 80 ? 24.497  1.147   -4.803  1.00 35.75  ? 103 ARG B C   1 
ATOM   1379 O O   . ARG C 1 80 ? 25.458  0.924   -4.082  1.00 42.70  ? 103 ARG B O   1 
ATOM   1380 C CB  . ARG C 1 80 ? 24.410  -0.274  -6.866  1.00 41.66  ? 103 ARG B CB  1 
ATOM   1381 C CG  . ARG C 1 80 ? 25.945  -0.251  -6.898  1.00 50.28  ? 103 ARG B CG  1 
ATOM   1382 C CD  . ARG C 1 80 ? 26.491  -0.512  -8.307  1.00 53.91  ? 103 ARG B CD  1 
ATOM   1383 N NE  . ARG C 1 80 ? 25.620  0.032   -9.360  1.00 57.71  ? 103 ARG B NE  1 
ATOM   1384 C CZ  . ARG C 1 80 ? 25.779  1.192   -9.987  1.00 56.53  ? 103 ARG B CZ  1 
ATOM   1385 N NH1 . ARG C 1 80 ? 26.810  1.981   -9.724  1.00 59.51  ? 103 ARG B NH1 1 
ATOM   1386 N NH2 . ARG C 1 80 ? 24.892  1.550   -10.909 1.00 60.21  ? 103 ARG B NH2 1 
ATOM   1387 N N   . LYS C 1 81 ? 24.049  2.376   -5.062  1.00 34.70  ? 104 LYS B N   1 
ATOM   1388 C CA  . LYS C 1 81 ? 24.660  3.572   -4.497  1.00 32.00  ? 104 LYS B CA  1 
ATOM   1389 C C   . LYS C 1 81 ? 24.149  3.955   -3.100  1.00 33.79  ? 104 LYS B C   1 
ATOM   1390 O O   . LYS C 1 81 ? 24.659  4.896   -2.491  1.00 32.90  ? 104 LYS B O   1 
ATOM   1391 C CB  . LYS C 1 81 ? 24.466  4.764   -5.431  1.00 35.63  ? 104 LYS B CB  1 
ATOM   1392 C CG  . LYS C 1 81 ? 25.148  4.612   -6.776  1.00 38.27  ? 104 LYS B CG  1 
ATOM   1393 C CD  . LYS C 1 81 ? 24.781  5.723   -7.709  1.00 43.94  ? 104 LYS B CD  1 
ATOM   1394 C CE  . LYS C 1 81 ? 25.299  5.452   -9.111  1.00 49.49  ? 104 LYS B CE  1 
ATOM   1395 N NZ  . LYS C 1 81 ? 24.492  6.269   -10.081 1.00 54.76  ? 104 LYS B NZ  1 
ATOM   1396 N N   . ASN C 1 82 ? 23.104  3.296   -2.640  1.00 30.27  ? 105 ASN B N   1 
ATOM   1397 C CA  . ASN C 1 82 ? 22.430  3.712   -1.389  1.00 31.43  ? 105 ASN B CA  1 
ATOM   1398 C C   . ASN C 1 82 ? 22.236  2.605   -0.410  1.00 32.84  ? 105 ASN B C   1 
ATOM   1399 O O   . ASN C 1 82 ? 21.500  2.753   0.562   1.00 29.21  ? 105 ASN B O   1 
ATOM   1400 C CB  . ASN C 1 82 ? 21.071  4.351   -1.752  1.00 27.44  ? 105 ASN B CB  1 
ATOM   1401 C CG  . ASN C 1 82 ? 21.242  5.746   -2.264  1.00 31.13  ? 105 ASN B CG  1 
ATOM   1402 O OD1 . ASN C 1 82 ? 21.363  6.689   -1.468  1.00 32.27  ? 105 ASN B OD1 1 
ATOM   1403 N ND2 . ASN C 1 82 ? 21.317  5.900   -3.593  1.00 30.48  ? 105 ASN B ND2 1 
ATOM   1404 N N   . LEU C 1 83 ? 22.907  1.472   -0.642  1.00 38.00  ? 106 LEU B N   1 
ATOM   1405 C CA  . LEU C 1 83 ? 22.862  0.354   0.300   1.00 42.05  ? 106 LEU B CA  1 
ATOM   1406 C C   . LEU C 1 83 ? 24.293  0.103   0.787   1.00 45.65  ? 106 LEU B C   1 
ATOM   1407 O O   . LEU C 1 83 ? 25.215  0.003   -0.011  1.00 44.24  ? 106 LEU B O   1 
ATOM   1408 C CB  . LEU C 1 83 ? 22.247  -0.862  -0.377  1.00 43.57  ? 106 LEU B CB  1 
ATOM   1409 C CG  . LEU C 1 83 ? 20.753  -0.733  -0.680  1.00 47.69  ? 106 LEU B CG  1 
ATOM   1410 C CD1 . LEU C 1 83 ? 20.238  -1.909  -1.517  1.00 50.82  ? 106 LEU B CD1 1 
ATOM   1411 C CD2 . LEU C 1 83 ? 19.961  -0.615  0.627   1.00 44.85  ? 106 LEU B CD2 1 
ATOM   1412 N N   . VAL C 1 84 ? 24.492  0.080   2.096   1.00 49.59  ? 107 VAL B N   1 
ATOM   1413 C CA  . VAL C 1 84 ? 25.762  -0.405  2.635   1.00 49.88  ? 107 VAL B CA  1 
ATOM   1414 C C   . VAL C 1 84 ? 25.564  -1.869  3.132   1.00 56.43  ? 107 VAL B C   1 
ATOM   1415 O O   . VAL C 1 84 ? 24.428  -2.365  3.376   1.00 42.18  ? 107 VAL B O   1 
ATOM   1416 C CB  . VAL C 1 84 ? 26.458  0.644   3.563   1.00 52.24  ? 107 VAL B CB  1 
ATOM   1417 C CG1 . VAL C 1 84 ? 25.593  1.872   3.817   1.00 49.48  ? 107 VAL B CG1 1 
ATOM   1418 C CG2 . VAL C 1 84 ? 26.994  0.055   4.860   1.00 53.33  ? 107 VAL B CG2 1 
ATOM   1419 N N   . THR C 1 85 ? 26.664  -2.610  3.168   1.00 64.10  ? 108 THR B N   1 
ATOM   1420 C CA  . THR C 1 85 ? 26.603  -4.027  3.546   1.00 70.60  ? 108 THR B CA  1 
ATOM   1421 C C   . THR C 1 85 ? 26.995  -4.207  5.046   1.00 70.92  ? 108 THR B C   1 
ATOM   1422 O O   . THR C 1 85 ? 27.068  -3.239  5.820   1.00 63.27  ? 108 THR B O   1 
ATOM   1423 C CB  . THR C 1 85 ? 27.404  -4.921  2.533   1.00 68.16  ? 108 THR B CB  1 
ATOM   1424 O OG1 . THR C 1 85 ? 28.625  -4.282  2.149   1.00 65.79  ? 108 THR B OG1 1 
ATOM   1425 C CG2 . THR C 1 85 ? 26.582  -5.164  1.261   1.00 70.58  ? 108 THR B CG2 1 
ATOM   1426 O OXT . THR C 1 85 ? 27.224  -5.310  5.554   1.00 74.25  ? 108 THR B OXT 1 
ATOM   1427 N N   . THR D 2 1  ? -3.857  -3.736  -16.030 1.00 23.95  ? 1   THR D N   1 
ATOM   1428 C CA  . THR D 2 1  ? -2.870  -4.170  -15.014 1.00 21.30  ? 1   THR D CA  1 
ATOM   1429 C C   . THR D 2 1  ? -2.598  -2.898  -14.214 1.00 20.80  ? 1   THR D C   1 
ATOM   1430 O O   . THR D 2 1  ? -2.381  -1.819  -14.796 1.00 21.46  ? 1   THR D O   1 
ATOM   1431 C CB  . THR D 2 1  ? -1.599  -4.698  -15.637 1.00 20.45  ? 1   THR D CB  1 
ATOM   1432 O OG1 . THR D 2 1  ? -1.883  -5.794  -16.587 1.00 20.98  ? 1   THR D OG1 1 
ATOM   1433 C CG2 . THR D 2 1  ? -0.678  -5.211  -14.632 1.00 18.85  ? 1   THR D CG2 1 
ATOM   1434 N N   . SER D 2 2  ? -2.744  -3.057  -12.917 1.00 20.18  ? 2   SER D N   1 
ATOM   1435 C CA  . SER D 2 2  ? -2.589  -1.913  -12.003 1.00 17.94  ? 2   SER D CA  1 
ATOM   1436 C C   . SER D 2 2  ? -1.159  -1.789  -11.556 1.00 17.12  ? 2   SER D C   1 
ATOM   1437 O O   . SER D 2 2  ? -0.372  -2.703  -11.662 1.00 18.16  ? 2   SER D O   1 
ATOM   1438 C CB  . SER D 2 2  ? -3.490  -2.123  -10.758 1.00 18.97  ? 2   SER D CB  1 
ATOM   1439 O OG  . SER D 2 2  ? -3.001  -3.229  -10.026 1.00 20.97  ? 2   SER D OG  1 
ATOM   1440 N N   . PHE D 2 3  ? -0.823  -0.608  -10.969 1.00 16.94  ? 3   PHE D N   1 
ATOM   1441 C CA  . PHE D 2 3  ? 0.494   -0.430  -10.456 1.00 17.89  ? 3   PHE D CA  1 
ATOM   1442 C C   . PHE D 2 3  ? 0.928   -1.563  -9.520  1.00 17.26  ? 3   PHE D C   1 
ATOM   1443 O O   . PHE D 2 3  ? 2.037   -2.061  -9.606  1.00 17.31  ? 3   PHE D O   1 
ATOM   1444 C CB  . PHE D 2 3  ? 0.643   0.940   -9.696  1.00 19.02  ? 3   PHE D CB  1 
ATOM   1445 C CG  . PHE D 2 3  ? 1.977   1.018   -8.997  1.00 18.97  ? 3   PHE D CG  1 
ATOM   1446 C CD1 . PHE D 2 3  ? 3.141   1.222   -9.718  1.00 21.47  ? 3   PHE D CD1 1 
ATOM   1447 C CD2 . PHE D 2 3  ? 2.091   0.790   -7.611  1.00 18.52  ? 3   PHE D CD2 1 
ATOM   1448 C CE1 . PHE D 2 3  ? 4.382   1.161   -9.081  1.00 20.83  ? 3   PHE D CE1 1 
ATOM   1449 C CE2 . PHE D 2 3  ? 3.302   0.702   -7.007  1.00 19.36  ? 3   PHE D CE2 1 
ATOM   1450 C CZ  . PHE D 2 3  ? 4.436   0.883   -7.717  1.00 16.46  ? 3   PHE D CZ  1 
ATOM   1451 N N   . ALA D 2 4  ? 0.052   -1.872  -8.554  1.00 18.47  ? 4   ALA D N   1 
ATOM   1452 C CA  . ALA D 2 4  ? 0.404   -2.865  -7.560  1.00 19.98  ? 4   ALA D CA  1 
ATOM   1453 C C   . ALA D 2 4  ? 0.717   -4.223  -8.233  1.00 19.42  ? 4   ALA D C   1 
ATOM   1454 O O   . ALA D 2 4  ? 1.640   -4.936  -7.813  1.00 21.44  ? 4   ALA D O   1 
ATOM   1455 C CB  . ALA D 2 4  ? -0.666  -3.020  -6.503  1.00 20.05  ? 4   ALA D CB  1 
ATOM   1456 N N   . GLU D 2 5  ? -0.045  -4.525  -9.243  1.00 19.04  ? 5   GLU D N   1 
ATOM   1457 C CA  . GLU D 2 5  ? 0.183   -5.748  -10.008 1.00 19.89  ? 5   GLU D CA  1 
ATOM   1458 C C   . GLU D 2 5  ? 1.478   -5.709  -10.778 1.00 20.53  ? 5   GLU D C   1 
ATOM   1459 O O   . GLU D 2 5  ? 2.289   -6.622  -10.731 1.00 21.46  ? 5   GLU D O   1 
ATOM   1460 C CB  . GLU D 2 5  ? -1.000  -6.021  -10.931 1.00 21.53  ? 5   GLU D CB  1 
ATOM   1461 C CG  . GLU D 2 5  ? -2.255  -6.429  -10.196 1.00 22.16  ? 5   GLU D CG  1 
ATOM   1462 C CD  . GLU D 2 5  ? -3.550  -6.325  -10.992 1.00 24.42  ? 5   GLU D CD  1 
ATOM   1463 O OE1 . GLU D 2 5  ? -3.521  -5.848  -12.162 1.00 25.06  ? 5   GLU D OE1 1 
ATOM   1464 O OE2 . GLU D 2 5  ? -4.621  -6.661  -10.344 1.00 24.85  ? 5   GLU D OE2 1 
ATOM   1465 N N   . TYR D 2 6  ? 1.768   -4.595  -11.455 1.00 17.90  ? 6   TYR D N   1 
ATOM   1466 C CA  . TYR D 2 6  ? 3.055   -4.479  -12.143 1.00 18.74  ? 6   TYR D CA  1 
ATOM   1467 C C   . TYR D 2 6  ? 4.248   -4.611  -11.175 1.00 19.68  ? 6   TYR D C   1 
ATOM   1468 O O   . TYR D 2 6  ? 5.277   -5.185  -11.481 1.00 19.93  ? 6   TYR D O   1 
ATOM   1469 C CB  . TYR D 2 6  ? 3.171   -3.100  -12.817 1.00 19.06  ? 6   TYR D CB  1 
ATOM   1470 C CG  . TYR D 2 6  ? 2.530   -2.953  -14.142 1.00 19.30  ? 6   TYR D CG  1 
ATOM   1471 C CD1 . TYR D 2 6  ? 3.015   -3.675  -15.241 1.00 21.77  ? 6   TYR D CD1 1 
ATOM   1472 C CD2 . TYR D 2 6  ? 1.433   -2.124  -14.336 1.00 20.18  ? 6   TYR D CD2 1 
ATOM   1473 C CE1 . TYR D 2 6  ? 2.468   -3.527  -16.491 1.00 21.22  ? 6   TYR D CE1 1 
ATOM   1474 C CE2 . TYR D 2 6  ? 0.890   -1.962  -15.601 1.00 23.16  ? 6   TYR D CE2 1 
ATOM   1475 C CZ  . TYR D 2 6  ? 1.411   -2.692  -16.660 1.00 20.67  ? 6   TYR D CZ  1 
ATOM   1476 O OH  . TYR D 2 6  ? 0.743   -2.443  -17.886 1.00 24.91  ? 6   TYR D OH  1 
ATOM   1477 N N   . TRP D 2 7  ? 4.090   -4.053  -9.974  1.00 18.58  ? 7   TRP D N   1 
ATOM   1478 C CA  . TRP D 2 7  ? 5.203   -4.084  -9.050  1.00 19.39  ? 7   TRP D CA  1 
ATOM   1479 C C   . TRP D 2 7  ? 5.494   -5.501  -8.648  1.00 20.84  ? 7   TRP D C   1 
ATOM   1480 O O   . TRP D 2 7  ? 6.629   -5.802  -8.281  1.00 22.57  ? 7   TRP D O   1 
ATOM   1481 C CB  . TRP D 2 7  ? 4.909   -3.222  -7.809  1.00 19.92  ? 7   TRP D CB  1 
ATOM   1482 C CG  . TRP D 2 7  ? 6.142   -2.931  -6.994  1.00 19.15  ? 7   TRP D CG  1 
ATOM   1483 C CD1 . TRP D 2 7  ? 6.565   -3.572  -5.889  1.00 22.39  ? 7   TRP D CD1 1 
ATOM   1484 C CD2 . TRP D 2 7  ? 7.121   -1.946  -7.287  1.00 19.15  ? 7   TRP D CD2 1 
ATOM   1485 N NE1 . TRP D 2 7  ? 7.752   -3.084  -5.481  1.00 21.71  ? 7   TRP D NE1 1 
ATOM   1486 C CE2 . TRP D 2 7  ? 8.113   -2.052  -6.292  1.00 21.51  ? 7   TRP D CE2 1 
ATOM   1487 C CE3 . TRP D 2 7  ? 7.295   -1.034  -8.297  1.00 22.34  ? 7   TRP D CE3 1 
ATOM   1488 C CZ2 . TRP D 2 7  ? 9.230   -1.253  -6.280  1.00 22.63  ? 7   TRP D CZ2 1 
ATOM   1489 C CZ3 . TRP D 2 7  ? 8.407   -0.172  -8.250  1.00 21.17  ? 7   TRP D CZ3 1 
ATOM   1490 C CH2 . TRP D 2 7  ? 9.351   -0.318  -7.238  1.00 21.61  ? 7   TRP D CH2 1 
ATOM   1491 N N   . ASN D 2 8  ? 4.502   -6.408  -8.725  1.00 22.48  ? 8   ASN D N   1 
ATOM   1492 C CA  . ASN D 2 8  ? 4.777   -7.802  -8.342  1.00 24.93  ? 8   ASN D CA  1 
ATOM   1493 C C   . ASN D 2 8  ? 5.703   -8.515  -9.408  1.00 26.49  ? 8   ASN D C   1 
ATOM   1494 O O   . ASN D 2 8  ? 6.223   -9.596  -9.139  1.00 32.42  ? 8   ASN D O   1 
ATOM   1495 C CB  . ASN D 2 8  ? 3.434   -8.564  -8.139  1.00 27.61  ? 8   ASN D CB  1 
ATOM   1496 C CG  . ASN D 2 8  ? 2.751   -8.194  -6.801  1.00 28.55  ? 8   ASN D CG  1 
ATOM   1497 O OD1 . ASN D 2 8  ? 3.419   -7.839  -5.831  1.00 36.39  ? 8   ASN D OD1 1 
ATOM   1498 N ND2 . ASN D 2 8  ? 1.469   -8.225  -6.778  1.00 36.30  ? 8   ASN D ND2 1 
ATOM   1499 N N   . LEU D 2 9  ? 5.968   -7.875  -10.553 1.00 21.96  ? 9   LEU D N   1 
ATOM   1500 C CA  . LEU D 2 9  ? 6.972   -8.404  -11.503 1.00 25.16  ? 9   LEU D CA  1 
ATOM   1501 C C   . LEU D 2 9  ? 8.395   -8.325  -10.972 1.00 27.40  ? 9   LEU D C   1 
ATOM   1502 O O   . LEU D 2 9  ? 9.274   -9.013  -11.480 1.00 29.34  ? 9   LEU D O   1 
ATOM   1503 C CB  . LEU D 2 9  ? 6.908   -7.656  -12.815 1.00 27.89  ? 9   LEU D CB  1 
ATOM   1504 C CG  . LEU D 2 9  ? 5.616   -7.776  -13.616 1.00 25.96  ? 9   LEU D CG  1 
ATOM   1505 C CD1 . LEU D 2 9  ? 5.454   -6.769  -14.729 1.00 26.93  ? 9   LEU D CD1 1 
ATOM   1506 C CD2 . LEU D 2 9  ? 5.556   -9.209  -14.127 1.00 28.88  ? 9   LEU D CD2 1 
ATOM   1507 N N   . LEU D 2 10 ? 8.636   -7.396  -10.034 1.00 28.62  ? 10  LEU D N   1 
ATOM   1508 C CA  . LEU D 2 10 ? 9.982   -7.110  -9.484  1.00 33.30  ? 10  LEU D CA  1 
ATOM   1509 C C   . LEU D 2 10 ? 10.352  -7.990  -8.258  1.00 41.57  ? 10  LEU D C   1 
ATOM   1510 O O   . LEU D 2 10 ? 9.463   -8.547  -7.563  1.00 43.93  ? 10  LEU D O   1 
ATOM   1511 C CB  . LEU D 2 10 ? 10.092  -5.602  -9.109  1.00 31.59  ? 10  LEU D CB  1 
ATOM   1512 C CG  . LEU D 2 10 ? 9.870   -4.670  -10.297 1.00 30.85  ? 10  LEU D CG  1 
ATOM   1513 C CD1 . LEU D 2 10 ? 10.152  -3.193  -9.990  1.00 30.69  ? 10  LEU D CD1 1 
ATOM   1514 C CD2 . LEU D 2 10 ? 10.670  -5.085  -11.534 1.00 32.08  ? 10  LEU D CD2 1 
HETATM 1515 O O   . HOH E 3 .  ? -2.397  -0.436  -7.538  1.00 23.02  ? 201 HOH A O   1 
HETATM 1516 O O   . HOH E 3 .  ? -5.123  -3.588  -8.283  1.00 25.09  ? 202 HOH A O   1 
HETATM 1517 O O   . HOH E 3 .  ? -13.893 3.509   -6.929  1.00 25.04  ? 203 HOH A O   1 
HETATM 1518 O O   . HOH E 3 .  ? -2.528  1.928   -6.039  1.00 27.57  ? 204 HOH A O   1 
HETATM 1519 O O   . HOH E 3 .  ? -2.652  5.650   -2.515  1.00 27.55  ? 205 HOH A O   1 
HETATM 1520 O O   . HOH E 3 .  ? -12.906 -2.931  -8.015  1.00 29.46  ? 206 HOH A O   1 
HETATM 1521 O O   . HOH E 3 .  ? -16.211 0.368   -6.512  1.00 27.80  ? 207 HOH A O   1 
HETATM 1522 O O   . HOH E 3 .  ? -11.526 9.388   -8.368  1.00 30.44  ? 208 HOH A O   1 
HETATM 1523 O O   . HOH E 3 .  ? -18.888 6.596   6.264   1.00 29.90  ? 209 HOH A O   1 
HETATM 1524 O O   . HOH E 3 .  ? -12.256 5.710   -7.128  1.00 36.35  ? 210 HOH A O   1 
HETATM 1525 O O   . HOH E 3 .  ? -16.460 -18.064 6.517   1.00 35.87  ? 211 HOH A O   1 
HETATM 1526 O O   . HOH E 3 .  ? 1.486   -4.494  3.708   1.00 36.18  ? 212 HOH A O   1 
HETATM 1527 O O   . HOH E 3 .  ? -21.457 0.161   12.972  1.00 37.80  ? 213 HOH A O   1 
HETATM 1528 O O   . HOH E 3 .  ? -4.650  -8.412  -5.542  1.00 36.97  ? 214 HOH A O   1 
HETATM 1529 O O   . HOH E 3 .  ? -11.818 -8.919  -4.564  1.00 43.12  ? 215 HOH A O   1 
HETATM 1530 O O   . HOH E 3 .  ? -7.936  -13.168 -2.815  1.00 34.75  ? 216 HOH A O   1 
HETATM 1531 O O   . HOH E 3 .  ? -3.818  -1.070  11.537  1.00 34.17  ? 217 HOH A O   1 
HETATM 1532 O O   . HOH E 3 .  ? -22.293 7.350   -2.335  1.00 35.95  ? 218 HOH A O   1 
HETATM 1533 O O   . HOH E 3 .  ? -3.314  -18.571 10.179  1.00 48.09  ? 219 HOH A O   1 
HETATM 1534 O O   . HOH E 3 .  ? -24.634 -5.817  -6.516  1.00 43.61  ? 220 HOH A O   1 
HETATM 1535 O O   . HOH E 3 .  ? -2.756  -7.173  -6.726  1.00 36.51  ? 221 HOH A O   1 
HETATM 1536 O O   . HOH E 3 .  ? -14.708 -0.657  -8.408  1.00 36.22  ? 222 HOH A O   1 
HETATM 1537 O O   . HOH E 3 .  ? -20.906 7.727   1.800   1.00 39.21  ? 223 HOH A O   1 
HETATM 1538 O O   . HOH E 3 .  ? -21.594 -1.906  6.743   1.00 39.37  ? 224 HOH A O   1 
HETATM 1539 O O   . HOH E 3 .  ? -10.137 -16.957 9.042   1.00 34.72  ? 225 HOH A O   1 
HETATM 1540 O O   . HOH E 3 .  ? -10.477 -1.593  -8.756  1.00 34.34  ? 226 HOH A O   1 
HETATM 1541 O O   . HOH E 3 .  ? -17.422 -9.943  15.832  1.00 49.80  ? 227 HOH A O   1 
HETATM 1542 O O   . HOH E 3 .  ? -11.418 11.319  12.014  1.00 43.82  ? 228 HOH A O   1 
HETATM 1543 O O   . HOH E 3 .  ? -10.263 17.951  -2.062  1.00 41.68  ? 229 HOH A O   1 
HETATM 1544 O O   . HOH E 3 .  ? -11.072 -11.219 -3.586  1.00 44.53  ? 230 HOH A O   1 
HETATM 1545 O O   . HOH E 3 .  ? 2.127   -3.824  8.739   1.00 63.13  ? 231 HOH A O   1 
HETATM 1546 O O   . HOH E 3 .  ? -0.071  -4.309  10.701  1.00 44.69  ? 232 HOH A O   1 
HETATM 1547 O O   . HOH E 3 .  ? -5.326  -5.095  17.370  1.00 40.31  ? 233 HOH A O   1 
HETATM 1548 O O   . HOH E 3 .  ? -2.313  -11.278 -3.183  1.00 48.51  ? 234 HOH A O   1 
HETATM 1549 O O   . HOH E 3 .  ? -0.041  -11.423 6.998   1.00 32.86  ? 235 HOH A O   1 
HETATM 1550 O O   . HOH E 3 .  ? -2.882  0.484   5.084   1.00 40.86  ? 236 HOH A O   1 
HETATM 1551 O O   . HOH E 3 .  ? -21.852 -9.454  6.059   1.00 38.81  ? 237 HOH A O   1 
HETATM 1552 O O   . HOH E 3 .  ? -6.500  0.182   -11.868 1.00 40.79  ? 238 HOH A O   1 
HETATM 1553 O O   . HOH E 3 .  ? -21.045 -14.866 13.023  1.00 54.17  ? 239 HOH A O   1 
HETATM 1554 O O   . HOH E 3 .  ? -11.697 7.164   13.636  1.00 47.69  ? 240 HOH A O   1 
HETATM 1555 O O   . HOH E 3 .  ? -1.070  -6.432  15.540  1.00 43.95  ? 241 HOH A O   1 
HETATM 1556 O O   . HOH E 3 .  ? -1.895  -16.093 14.086  1.00 49.27  ? 242 HOH A O   1 
HETATM 1557 O O   . HOH E 3 .  ? -1.096  -11.405 18.778  1.00 42.63  ? 243 HOH A O   1 
HETATM 1558 O O   . HOH E 3 .  ? 1.322   -6.160  9.251   1.00 51.23  ? 244 HOH A O   1 
HETATM 1559 O O   . HOH E 3 .  ? -7.727  -11.985 -5.318  1.00 48.81  ? 245 HOH A O   1 
HETATM 1560 O O   . HOH E 3 .  ? -8.008  5.736   -6.232  1.00 39.04  ? 246 HOH A O   1 
HETATM 1561 O O   . HOH E 3 .  ? -12.261 12.940  -8.019  1.00 49.13  ? 247 HOH A O   1 
HETATM 1562 O O   . HOH E 3 .  ? 0.439   -12.243 10.032  1.00 52.59  ? 248 HOH A O   1 
HETATM 1563 O O   . HOH E 3 .  ? -6.147  -14.127 20.680  1.00 39.69  ? 249 HOH A O   1 
HETATM 1564 O O   . HOH E 3 .  ? -11.861 8.633   11.379  1.00 43.63  ? 250 HOH A O   1 
HETATM 1565 O O   . HOH E 3 .  ? -16.566 -0.154  -10.327 1.00 55.39  ? 251 HOH A O   1 
HETATM 1566 O O   . HOH E 3 .  ? 0.920   -8.213  16.582  1.00 58.33  ? 252 HOH A O   1 
HETATM 1567 O O   . HOH F 3 .  ? -7.908  14.466  -0.170  1.00 26.20  ? 101 HOH C O   1 
HETATM 1568 O O   . HOH F 3 .  ? -4.336  0.425   9.469   1.00 31.53  ? 102 HOH C O   1 
HETATM 1569 O O   . HOH F 3 .  ? -7.172  17.510  4.905   1.00 33.70  ? 103 HOH C O   1 
HETATM 1570 O O   . HOH F 3 .  ? 0.528   9.151   7.374   1.00 34.79  ? 104 HOH C O   1 
HETATM 1571 O O   . HOH F 3 .  ? -1.628  4.410   5.783   1.00 38.06  ? 105 HOH C O   1 
HETATM 1572 O O   . HOH F 3 .  ? -5.411  2.710   10.573  1.00 41.26  ? 106 HOH C O   1 
HETATM 1573 O O   . HOH F 3 .  ? -0.733  14.780  1.433   1.00 48.11  ? 107 HOH C O   1 
HETATM 1574 O O   . HOH F 3 .  ? -2.739  15.558  0.085   1.00 43.75  ? 108 HOH C O   1 
HETATM 1575 O O   . HOH F 3 .  ? -9.775  11.133  14.177  1.00 49.46  ? 109 HOH C O   1 
HETATM 1576 O O   . HOH F 3 .  ? -7.100  17.482  2.231   1.00 41.92  ? 110 HOH C O   1 
HETATM 1577 O O   . HOH F 3 .  ? -0.767  15.119  5.576   1.00 26.73  ? 111 HOH C O   1 
HETATM 1578 O O   . HOH F 3 .  ? -9.994  15.190  1.539   1.00 38.93  ? 112 HOH C O   1 
HETATM 1579 O O   . HOH F 3 .  ? -7.705  9.444   14.950  1.00 37.16  ? 113 HOH C O   1 
HETATM 1580 O O   . HOH G 3 .  ? -2.421  7.494   -0.390  1.00 21.81  ? 201 HOH B O   1 
HETATM 1581 O O   . HOH G 3 .  ? 19.997  1.886   7.563   1.00 27.16  ? 202 HOH B O   1 
HETATM 1582 O O   . HOH G 3 .  ? 5.691   13.733  -4.177  1.00 28.32  ? 203 HOH B O   1 
HETATM 1583 O O   . HOH G 3 .  ? 10.082  11.909  0.791   1.00 34.53  ? 204 HOH B O   1 
HETATM 1584 O O   . HOH G 3 .  ? 19.220  5.620   -10.793 1.00 32.59  ? 205 HOH B O   1 
HETATM 1585 O O   . HOH G 3 .  ? 12.796  2.617   -16.578 1.00 29.59  ? 206 HOH B O   1 
HETATM 1586 O O   . HOH G 3 .  ? 3.608   11.593  -10.095 1.00 30.53  ? 207 HOH B O   1 
HETATM 1587 O O   . HOH G 3 .  ? 10.345  9.314   6.822   1.00 31.35  ? 208 HOH B O   1 
HETATM 1588 O O   . HOH G 3 .  ? -1.681  10.316  -13.317 1.00 32.09  ? 209 HOH B O   1 
HETATM 1589 O O   . HOH G 3 .  ? 21.948  2.315   9.391   1.00 34.73  ? 210 HOH B O   1 
HETATM 1590 O O   . HOH G 3 .  ? 0.500   10.052  0.711   1.00 27.55  ? 211 HOH B O   1 
HETATM 1591 O O   . HOH G 3 .  ? 5.417   14.404  -6.893  1.00 31.13  ? 212 HOH B O   1 
HETATM 1592 O O   . HOH G 3 .  ? 3.021   7.455   -18.978 1.00 37.66  ? 213 HOH B O   1 
HETATM 1593 O O   . HOH G 3 .  ? 6.865   13.517  -8.858  1.00 28.65  ? 214 HOH B O   1 
HETATM 1594 O O   . HOH G 3 .  ? 7.676   11.236  1.767   1.00 33.22  ? 215 HOH B O   1 
HETATM 1595 O O   . HOH G 3 .  ? -4.893  5.487   -8.425  1.00 33.33  ? 216 HOH B O   1 
HETATM 1596 O O   . HOH G 3 .  ? 8.213   13.422  -13.134 1.00 34.11  ? 217 HOH B O   1 
HETATM 1597 O O   . HOH G 3 .  ? 14.307  -3.271  10.031  1.00 30.13  ? 218 HOH B O   1 
HETATM 1598 O O   . HOH G 3 .  ? 8.644   8.336   8.790   1.00 36.43  ? 219 HOH B O   1 
HETATM 1599 O O   . HOH G 3 .  ? 3.001   13.357  -8.052  1.00 32.03  ? 220 HOH B O   1 
HETATM 1600 O O   . HOH G 3 .  ? 11.074  11.246  3.655   1.00 37.68  ? 221 HOH B O   1 
HETATM 1601 O O   . HOH G 3 .  ? 9.835   6.618   10.905  1.00 40.44  ? 222 HOH B O   1 
HETATM 1602 O O   . HOH G 3 .  ? 4.395   8.777   4.844   1.00 34.31  ? 223 HOH B O   1 
HETATM 1603 O O   . HOH G 3 .  ? 10.041  -5.784  -14.806 1.00 36.52  ? 224 HOH B O   1 
HETATM 1604 O O   . HOH G 3 .  ? 0.034   8.585   -19.488 1.00 41.40  ? 225 HOH B O   1 
HETATM 1605 O O   . HOH G 3 .  ? 15.590  19.294  -8.306  1.00 44.06  ? 226 HOH B O   1 
HETATM 1606 O O   . HOH G 3 .  ? 3.046   12.703  -3.747  1.00 36.71  ? 227 HOH B O   1 
HETATM 1607 O O   . HOH G 3 .  ? 5.627   -5.979  -2.448  1.00 42.20  ? 228 HOH B O   1 
HETATM 1608 O O   . HOH G 3 .  ? 13.315  8.079   9.657   1.00 42.74  ? 229 HOH B O   1 
HETATM 1609 O O   . HOH G 3 .  ? 27.750  -6.668  7.813   1.00 39.95  ? 230 HOH B O   1 
HETATM 1610 O O   . HOH G 3 .  ? 21.217  7.096   -6.549  1.00 40.74  ? 231 HOH B O   1 
HETATM 1611 O O   . HOH G 3 .  ? 1.349   10.421  -11.023 1.00 35.92  ? 232 HOH B O   1 
HETATM 1612 O O   . HOH G 3 .  ? 7.812   4.077   9.453   1.00 40.11  ? 233 HOH B O   1 
HETATM 1613 O O   . HOH G 3 .  ? -5.381  2.722   -16.139 1.00 46.27  ? 234 HOH B O   1 
HETATM 1614 O O   . HOH G 3 .  ? 9.629   -7.582  -2.620  1.00 33.56  ? 235 HOH B O   1 
HETATM 1615 O O   . HOH G 3 .  ? 23.586  7.439   5.467   1.00 37.57  ? 236 HOH B O   1 
HETATM 1616 O O   . HOH G 3 .  ? 20.400  -13.600 2.930   1.00 51.09  ? 237 HOH B O   1 
HETATM 1617 O O   . HOH G 3 .  ? 15.259  -8.183  7.687   1.00 55.21  ? 238 HOH B O   1 
HETATM 1618 O O   . HOH G 3 .  ? 3.535   -0.253  4.942   1.00 39.38  ? 239 HOH B O   1 
HETATM 1619 O O   . HOH G 3 .  ? 8.417   -7.734  2.429   1.00 47.81  ? 240 HOH B O   1 
HETATM 1620 O O   . HOH G 3 .  ? 19.532  15.721  -6.926  1.00 48.49  ? 241 HOH B O   1 
HETATM 1621 O O   . HOH G 3 .  ? 13.269  10.295  -16.945 1.00 44.64  ? 242 HOH B O   1 
HETATM 1622 O O   . HOH G 3 .  ? 11.007  7.064   -18.366 1.00 43.09  ? 243 HOH B O   1 
HETATM 1623 O O   . HOH G 3 .  ? 22.759  8.874   -1.300  1.00 42.04  ? 244 HOH B O   1 
HETATM 1624 O O   . HOH G 3 .  ? 7.720   -6.751  4.709   1.00 51.90  ? 245 HOH B O   1 
HETATM 1625 O O   . HOH G 3 .  ? 3.472   -2.706  4.017   1.00 37.53  ? 246 HOH B O   1 
HETATM 1626 O O   . HOH G 3 .  ? 1.035   11.095  -14.210 1.00 40.05  ? 247 HOH B O   1 
HETATM 1627 O O   . HOH G 3 .  ? 23.165  8.513   -4.944  1.00 46.63  ? 248 HOH B O   1 
HETATM 1628 O O   . HOH G 3 .  ? 20.496  5.107   -13.351 1.00 40.08  ? 249 HOH B O   1 
HETATM 1629 O O   . HOH G 3 .  ? 22.467  -16.263 2.851   1.00 46.09  ? 250 HOH B O   1 
HETATM 1630 O O   . HOH G 3 .  ? 21.317  -15.036 0.948   1.00 54.07  ? 251 HOH B O   1 
HETATM 1631 O O   . HOH G 3 .  ? 21.436  6.338   -9.210  1.00 46.20  ? 252 HOH B O   1 
HETATM 1632 O O   . HOH G 3 .  ? 5.942   -7.466  3.507   1.00 70.29  ? 253 HOH B O   1 
HETATM 1633 O O   . HOH G 3 .  ? 20.679  4.788   15.294  1.00 51.21  ? 254 HOH B O   1 
HETATM 1634 O O   . HOH G 3 .  ? 2.558   -0.014  7.841   1.00 53.52  ? 255 HOH B O   1 
HETATM 1635 O O   . HOH G 3 .  ? 9.922   -5.855  -19.466 1.00 52.12  ? 256 HOH B O   1 
HETATM 1636 O O   . HOH G 3 .  ? 23.409  4.880   9.654   1.00 58.95  ? 257 HOH B O   1 
HETATM 1637 O O   . HOH G 3 .  ? 20.894  -2.809  -7.171  1.00 54.32  ? 258 HOH B O   1 
HETATM 1638 O O   . HOH G 3 .  ? 11.400  7.163   12.731  1.00 52.09  ? 259 HOH B O   1 
HETATM 1639 O O   . HOH G 3 .  ? -2.448  9.453   -17.112 1.00 56.76  ? 260 HOH B O   1 
HETATM 1640 O O   . HOH H 3 .  ? -1.310  -5.059  -19.050 1.00 27.73  ? 101 HOH D O   1 
HETATM 1641 O O   . HOH H 3 .  ? -3.900  -8.206  -13.549 1.00 24.04  ? 102 HOH D O   1 
HETATM 1642 O O   . HOH H 3 .  ? -5.951  -2.761  -14.601 1.00 36.06  ? 103 HOH D O   1 
HETATM 1643 O O   . HOH H 3 .  ? 7.782   -7.232  -6.130  1.00 39.91  ? 104 HOH D O   1 
HETATM 1644 O O   . HOH H 3 .  ? -2.162  0.484   -16.628 1.00 28.16  ? 105 HOH D O   1 
HETATM 1645 O O   . HOH H 3 .  ? 2.095   -5.183  -5.208  1.00 34.37  ? 106 HOH D O   1 
HETATM 1646 O O   . HOH H 3 .  ? 8.140   -5.867  -3.854  1.00 32.74  ? 107 HOH D O   1 
HETATM 1647 O O   . HOH H 3 .  ? -4.892  -6.087  -7.729  1.00 30.66  ? 108 HOH D O   1 
HETATM 1648 O O   . HOH H 3 .  ? -0.904  -8.902  -8.069  1.00 36.74  ? 109 HOH D O   1 
HETATM 1649 O O   . HOH H 3 .  ? -0.718  -6.338  -4.832  1.00 49.23  ? 110 HOH D O   1 
HETATM 1650 O O   . HOH H 3 .  ? -7.191  -7.446  -6.742  1.00 47.17  ? 111 HOH D O   1 
HETATM 1651 O O   . HOH H 3 .  ? 8.845   -10.857 -13.498 1.00 37.20  ? 112 HOH D O   1 
HETATM 1652 O O   . HOH H 3 .  ? -6.149  -4.901  -12.787 1.00 39.61  ? 113 HOH D O   1 
HETATM 1653 O O   . HOH H 3 .  ? -0.466  -0.318  -18.538 1.00 48.47  ? 114 HOH D O   1 
HETATM 1654 O O   . HOH H 3 .  ? -2.700  -2.467  -18.518 1.00 42.88  ? 115 HOH D O   1 
HETATM 1655 O O   . HOH H 3 .  ? -5.456  -0.229  -13.592 1.00 43.58  ? 116 HOH D O   1 
# 
